data_2GQC
#
_entry.id   2GQC
#
_entity_poly.entity_id   1
_entity_poly.type   'polypeptide(L)'
_entity_poly.pdbx_seq_one_letter_code
;MSAVQVLKFPLSVDLAGFVGLLRRLNVPHRVSEESGQQVLWVPDERLAEQVRELYRRYPEGDPQATLEAA
;
_entity_poly.pdbx_strand_id   A
#
# COMPACT_ATOMS: atom_id res chain seq x y z
N MET A 1 -12.62 5.76 -10.14
CA MET A 1 -12.84 4.34 -10.36
C MET A 1 -11.66 3.50 -9.87
N SER A 2 -11.87 2.85 -8.72
CA SER A 2 -10.85 2.01 -8.09
C SER A 2 -9.59 2.79 -7.75
N ALA A 3 -9.77 4.08 -7.49
CA ALA A 3 -8.64 4.94 -7.18
C ALA A 3 -9.00 5.94 -6.10
N VAL A 4 -8.73 5.57 -4.88
CA VAL A 4 -8.95 6.44 -3.75
C VAL A 4 -7.65 6.64 -3.00
N GLN A 5 -7.22 7.89 -2.90
CA GLN A 5 -5.99 8.22 -2.21
C GLN A 5 -6.11 7.82 -0.74
N VAL A 6 -5.36 6.80 -0.38
CA VAL A 6 -5.39 6.26 0.97
C VAL A 6 -4.02 5.76 1.37
N LEU A 7 -3.29 5.30 0.39
CA LEU A 7 -2.02 4.68 0.63
C LEU A 7 -0.97 5.55 -0.01
N LYS A 8 0.23 5.55 0.52
CA LYS A 8 1.31 6.27 -0.08
C LYS A 8 2.62 5.59 0.25
N PHE A 9 3.56 5.69 -0.66
CA PHE A 9 4.88 5.14 -0.45
C PHE A 9 5.86 6.29 -0.42
N PRO A 10 6.09 6.81 0.79
CA PRO A 10 6.99 7.93 1.06
C PRO A 10 8.14 8.07 0.09
N LEU A 11 7.99 8.94 -0.90
CA LEU A 11 8.99 9.10 -1.95
C LEU A 11 10.24 9.76 -1.38
N SER A 12 10.08 10.23 -0.16
CA SER A 12 11.12 10.94 0.56
C SER A 12 11.87 10.02 1.53
N VAL A 13 11.54 8.73 1.55
CA VAL A 13 12.20 7.83 2.48
C VAL A 13 12.57 6.54 1.77
N ASP A 14 13.09 5.62 2.54
CA ASP A 14 13.42 4.31 2.03
C ASP A 14 12.15 3.47 1.90
N LEU A 15 11.25 3.98 1.07
CA LEU A 15 9.94 3.40 0.83
C LEU A 15 10.02 1.98 0.31
N ALA A 16 11.20 1.53 -0.11
CA ALA A 16 11.36 0.17 -0.63
C ALA A 16 10.75 -0.86 0.32
N GLY A 17 10.67 -0.49 1.58
CA GLY A 17 10.04 -1.34 2.56
C GLY A 17 8.53 -1.39 2.38
N PHE A 18 7.91 -0.24 2.12
CA PHE A 18 6.46 -0.20 1.99
C PHE A 18 6.01 -0.31 0.54
N VAL A 19 6.61 0.48 -0.34
CA VAL A 19 6.24 0.44 -1.73
C VAL A 19 6.51 -0.94 -2.23
N GLY A 20 7.59 -1.49 -1.70
CA GLY A 20 7.95 -2.85 -1.97
C GLY A 20 6.94 -3.79 -1.37
N LEU A 21 6.48 -3.46 -0.18
CA LEU A 21 5.58 -4.32 0.58
C LEU A 21 4.34 -4.69 -0.23
N LEU A 22 3.66 -3.71 -0.82
CA LEU A 22 2.44 -4.02 -1.52
C LEU A 22 2.70 -4.33 -2.99
N ARG A 23 3.80 -3.80 -3.46
CA ARG A 23 4.31 -4.12 -4.79
C ARG A 23 4.64 -5.60 -4.83
N ARG A 24 4.91 -6.12 -3.64
CA ARG A 24 5.20 -7.51 -3.44
C ARG A 24 3.92 -8.33 -3.40
N LEU A 25 2.84 -7.66 -3.03
CA LEU A 25 1.60 -8.34 -2.76
C LEU A 25 0.90 -8.74 -4.05
N ASN A 26 0.94 -7.83 -5.02
CA ASN A 26 0.26 -8.02 -6.30
C ASN A 26 0.32 -6.75 -7.14
N VAL A 27 0.82 -5.66 -6.55
CA VAL A 27 0.99 -4.36 -7.21
C VAL A 27 -0.09 -4.06 -8.27
N PRO A 28 -1.34 -3.95 -7.83
CA PRO A 28 -2.51 -3.70 -8.67
C PRO A 28 -3.02 -2.26 -8.60
N HIS A 29 -2.15 -1.33 -8.25
CA HIS A 29 -2.60 -0.02 -7.77
C HIS A 29 -2.20 1.13 -8.65
N ARG A 30 -2.73 2.30 -8.31
CA ARG A 30 -2.33 3.54 -8.94
C ARG A 30 -1.24 4.23 -8.12
N VAL A 31 -0.15 4.58 -8.78
CA VAL A 31 0.91 5.39 -8.18
C VAL A 31 0.85 6.81 -8.71
N SER A 32 0.69 7.77 -7.82
CA SER A 32 0.64 9.17 -8.20
C SER A 32 1.23 10.01 -7.07
N GLU A 33 2.15 10.88 -7.43
CA GLU A 33 2.88 11.66 -6.44
C GLU A 33 2.07 12.86 -5.98
N GLU A 34 1.49 12.73 -4.79
CA GLU A 34 0.57 13.74 -4.28
C GLU A 34 1.22 14.57 -3.18
N SER A 35 1.41 15.87 -3.47
CA SER A 35 1.86 16.87 -2.50
C SER A 35 3.32 16.69 -2.07
N GLY A 36 3.76 15.45 -1.93
CA GLY A 36 5.11 15.18 -1.48
C GLY A 36 5.35 13.73 -1.13
N GLN A 37 4.36 12.87 -1.37
CA GLN A 37 4.56 11.44 -1.22
C GLN A 37 4.06 10.78 -2.47
N GLN A 38 4.72 9.73 -2.90
CA GLN A 38 4.17 8.92 -3.95
C GLN A 38 2.99 8.23 -3.35
N VAL A 39 1.90 8.19 -4.06
CA VAL A 39 0.68 7.78 -3.47
C VAL A 39 0.00 6.68 -4.25
N LEU A 40 -0.60 5.80 -3.51
CA LEU A 40 -1.14 4.58 -4.01
C LEU A 40 -2.64 4.57 -3.74
N TRP A 41 -3.39 4.32 -4.79
CA TRP A 41 -4.83 4.38 -4.70
C TRP A 41 -5.42 3.08 -5.22
N VAL A 42 -5.86 2.18 -4.34
CA VAL A 42 -6.70 1.07 -4.81
C VAL A 42 -7.94 0.71 -3.96
N PRO A 43 -8.42 1.52 -3.00
CA PRO A 43 -9.63 1.17 -2.25
C PRO A 43 -10.93 1.76 -2.80
N ASP A 44 -11.79 2.13 -1.85
CA ASP A 44 -13.11 2.70 -2.13
C ASP A 44 -13.41 3.78 -1.13
N GLU A 45 -13.60 3.34 0.10
CA GLU A 45 -13.95 4.19 1.22
C GLU A 45 -13.86 3.37 2.48
N ARG A 46 -14.58 2.27 2.48
CA ARG A 46 -14.47 1.29 3.56
C ARG A 46 -13.30 0.38 3.26
N LEU A 47 -13.09 0.16 1.97
CA LEU A 47 -11.99 -0.64 1.48
C LEU A 47 -10.66 0.03 1.83
N ALA A 48 -10.67 1.36 1.87
CA ALA A 48 -9.48 2.17 2.12
C ALA A 48 -8.62 1.63 3.25
N GLU A 49 -9.29 1.29 4.34
CA GLU A 49 -8.62 0.87 5.56
C GLU A 49 -8.07 -0.54 5.36
N GLN A 50 -8.88 -1.36 4.73
CA GLN A 50 -8.53 -2.73 4.45
C GLN A 50 -7.33 -2.77 3.51
N VAL A 51 -7.23 -1.77 2.65
CA VAL A 51 -6.28 -1.81 1.57
C VAL A 51 -4.88 -1.56 2.10
N ARG A 52 -4.65 -0.44 2.75
CA ARG A 52 -3.29 -0.17 3.20
C ARG A 52 -3.01 -0.85 4.52
N GLU A 53 -3.99 -0.88 5.40
CA GLU A 53 -3.77 -1.31 6.76
C GLU A 53 -3.74 -2.80 6.88
N LEU A 54 -4.36 -3.48 5.96
CA LEU A 54 -4.29 -4.93 6.02
C LEU A 54 -3.32 -5.47 5.00
N TYR A 55 -3.10 -4.76 3.91
CA TYR A 55 -2.12 -5.26 2.95
C TYR A 55 -0.75 -5.23 3.60
N ARG A 56 -0.60 -4.30 4.52
CA ARG A 56 0.65 -4.11 5.22
C ARG A 56 0.90 -5.19 6.30
N ARG A 57 -0.09 -6.05 6.59
CA ARG A 57 0.06 -6.95 7.75
C ARG A 57 -0.73 -8.25 7.67
N TYR A 58 -1.80 -8.29 6.89
CA TYR A 58 -2.61 -9.51 6.81
C TYR A 58 -2.51 -10.17 5.42
N PRO A 59 -3.12 -9.61 4.34
CA PRO A 59 -2.82 -10.03 2.96
C PRO A 59 -1.34 -10.33 2.68
N GLU A 60 -0.43 -9.48 3.15
CA GLU A 60 0.99 -9.71 2.92
C GLU A 60 1.60 -10.37 4.15
N GLY A 61 1.02 -10.06 5.30
CA GLY A 61 1.34 -10.76 6.52
C GLY A 61 0.64 -12.09 6.58
N ASP A 62 0.31 -12.59 5.41
CA ASP A 62 -0.37 -13.85 5.25
C ASP A 62 0.66 -14.98 5.33
N PRO A 63 0.24 -16.25 5.32
CA PRO A 63 1.16 -17.38 5.11
C PRO A 63 2.10 -17.18 3.90
N GLN A 64 1.87 -16.11 3.14
CA GLN A 64 2.69 -15.79 1.99
C GLN A 64 4.10 -15.40 2.42
N ALA A 65 4.22 -14.30 3.17
CA ALA A 65 5.53 -13.69 3.36
C ALA A 65 5.66 -12.92 4.66
N THR A 66 5.25 -11.67 4.61
CA THR A 66 5.43 -10.72 5.68
C THR A 66 4.60 -11.11 6.92
N LEU A 67 4.95 -10.53 8.07
CA LEU A 67 4.15 -10.62 9.29
C LEU A 67 4.94 -10.02 10.46
N GLU A 68 4.44 -8.93 11.00
CA GLU A 68 5.11 -8.20 12.09
C GLU A 68 6.48 -7.69 11.63
N ALA A 69 6.68 -7.68 10.34
CA ALA A 69 7.93 -7.22 9.75
C ALA A 69 7.67 -6.02 8.87
N ALA A 70 6.41 -5.58 8.86
CA ALA A 70 6.00 -4.41 8.08
C ALA A 70 6.96 -3.26 8.29
N MET A 1 -13.39 6.23 -8.10
CA MET A 1 -13.88 4.87 -8.32
C MET A 1 -12.72 3.88 -8.37
N SER A 2 -12.63 3.02 -7.36
CA SER A 2 -11.56 2.01 -7.21
C SER A 2 -10.17 2.64 -7.32
N ALA A 3 -10.09 3.92 -7.01
CA ALA A 3 -8.84 4.65 -7.03
C ALA A 3 -8.92 5.83 -6.09
N VAL A 4 -8.84 5.52 -4.82
CA VAL A 4 -8.93 6.52 -3.78
C VAL A 4 -7.58 6.76 -3.16
N GLN A 5 -7.19 8.01 -3.11
CA GLN A 5 -5.96 8.39 -2.45
C GLN A 5 -6.09 8.04 -0.97
N VAL A 6 -5.37 7.01 -0.58
CA VAL A 6 -5.40 6.56 0.79
C VAL A 6 -4.06 6.00 1.19
N LEU A 7 -3.34 5.52 0.21
CA LEU A 7 -2.09 4.86 0.43
C LEU A 7 -1.01 5.69 -0.22
N LYS A 8 0.20 5.64 0.32
CA LYS A 8 1.31 6.33 -0.28
C LYS A 8 2.60 5.64 0.09
N PHE A 9 3.57 5.75 -0.80
CA PHE A 9 4.90 5.21 -0.56
C PHE A 9 5.90 6.36 -0.60
N PRO A 10 6.10 6.97 0.57
CA PRO A 10 7.04 8.06 0.84
C PRO A 10 8.24 8.13 -0.09
N LEU A 11 8.16 9.00 -1.09
CA LEU A 11 9.20 9.10 -2.13
C LEU A 11 10.50 9.64 -1.55
N SER A 12 10.39 10.11 -0.32
CA SER A 12 11.47 10.79 0.35
C SER A 12 12.22 9.86 1.28
N VAL A 13 11.63 8.70 1.55
CA VAL A 13 12.16 7.83 2.57
C VAL A 13 12.52 6.50 1.95
N ASP A 14 12.87 5.57 2.81
CA ASP A 14 13.23 4.23 2.38
C ASP A 14 11.95 3.41 2.20
N LEU A 15 11.14 3.89 1.25
CA LEU A 15 9.84 3.31 0.95
C LEU A 15 9.93 1.88 0.45
N ALA A 16 11.13 1.39 0.19
CA ALA A 16 11.27 0.01 -0.27
C ALA A 16 10.61 -0.96 0.70
N GLY A 17 10.42 -0.49 1.93
CA GLY A 17 9.68 -1.27 2.89
C GLY A 17 8.20 -1.31 2.57
N PHE A 18 7.60 -0.16 2.27
CA PHE A 18 6.16 -0.11 2.02
C PHE A 18 5.84 -0.28 0.55
N VAL A 19 6.52 0.46 -0.31
CA VAL A 19 6.28 0.35 -1.73
C VAL A 19 6.57 -1.08 -2.14
N GLY A 20 7.54 -1.65 -1.43
CA GLY A 20 7.89 -3.04 -1.62
C GLY A 20 6.84 -3.93 -1.04
N LEU A 21 6.29 -3.52 0.10
CA LEU A 21 5.28 -4.31 0.80
C LEU A 21 4.12 -4.66 -0.11
N LEU A 22 3.66 -3.68 -0.85
CA LEU A 22 2.49 -3.83 -1.68
C LEU A 22 2.88 -4.23 -3.08
N ARG A 23 4.09 -3.89 -3.44
CA ARG A 23 4.73 -4.40 -4.64
C ARG A 23 4.76 -5.91 -4.57
N ARG A 24 4.94 -6.37 -3.35
CA ARG A 24 5.02 -7.78 -3.02
C ARG A 24 3.65 -8.42 -3.12
N LEU A 25 2.67 -7.58 -2.89
CA LEU A 25 1.29 -8.00 -2.72
C LEU A 25 0.73 -8.46 -4.08
N ASN A 26 0.99 -7.65 -5.11
CA ASN A 26 0.71 -7.96 -6.52
C ASN A 26 0.46 -6.70 -7.33
N VAL A 27 0.86 -5.55 -6.76
CA VAL A 27 0.77 -4.23 -7.39
C VAL A 27 -0.43 -4.09 -8.36
N PRO A 28 -1.64 -4.09 -7.78
CA PRO A 28 -2.89 -3.89 -8.52
C PRO A 28 -3.38 -2.44 -8.47
N HIS A 29 -2.46 -1.53 -8.18
CA HIS A 29 -2.85 -0.20 -7.73
C HIS A 29 -2.35 0.92 -8.64
N ARG A 30 -2.80 2.11 -8.33
CA ARG A 30 -2.36 3.33 -9.00
C ARG A 30 -1.25 4.02 -8.21
N VAL A 31 -0.23 4.50 -8.91
CA VAL A 31 0.85 5.26 -8.33
C VAL A 31 0.88 6.69 -8.87
N SER A 32 0.84 7.64 -7.98
CA SER A 32 0.93 9.06 -8.31
C SER A 32 1.91 9.75 -7.35
N GLU A 33 1.91 11.07 -7.33
CA GLU A 33 2.69 11.83 -6.35
C GLU A 33 1.81 12.91 -5.76
N GLU A 34 1.25 12.62 -4.60
CA GLU A 34 0.28 13.52 -3.97
C GLU A 34 0.80 14.01 -2.65
N SER A 35 0.74 15.33 -2.45
CA SER A 35 1.20 15.98 -1.23
C SER A 35 2.71 15.88 -1.07
N GLY A 36 3.35 15.23 -2.04
CA GLY A 36 4.78 15.11 -2.04
C GLY A 36 5.21 13.70 -2.25
N GLN A 37 4.46 12.77 -1.67
CA GLN A 37 4.89 11.42 -1.63
C GLN A 37 4.22 10.71 -2.76
N GLN A 38 4.83 9.66 -3.19
CA GLN A 38 4.21 8.84 -4.18
C GLN A 38 3.02 8.20 -3.54
N VAL A 39 1.95 8.12 -4.26
CA VAL A 39 0.69 7.78 -3.67
C VAL A 39 -0.04 6.71 -4.44
N LEU A 40 -0.56 5.81 -3.68
CA LEU A 40 -1.17 4.63 -4.17
C LEU A 40 -2.66 4.69 -3.93
N TRP A 41 -3.41 4.46 -4.96
CA TRP A 41 -4.85 4.56 -4.89
C TRP A 41 -5.44 3.27 -5.38
N VAL A 42 -5.89 2.39 -4.49
CA VAL A 42 -6.66 1.26 -4.99
C VAL A 42 -7.81 0.76 -4.07
N PRO A 43 -8.44 1.59 -3.20
CA PRO A 43 -9.60 1.17 -2.45
C PRO A 43 -10.85 1.97 -2.79
N ASP A 44 -11.55 2.39 -1.74
CA ASP A 44 -12.79 3.15 -1.84
C ASP A 44 -13.00 3.99 -0.58
N GLU A 45 -13.56 3.36 0.45
CA GLU A 45 -13.79 4.02 1.72
C GLU A 45 -13.45 3.07 2.87
N ARG A 46 -14.29 2.05 3.09
CA ARG A 46 -13.98 1.02 4.07
C ARG A 46 -12.81 0.21 3.56
N LEU A 47 -12.73 0.11 2.24
CA LEU A 47 -11.67 -0.61 1.58
C LEU A 47 -10.34 0.10 1.81
N ALA A 48 -10.38 1.43 1.80
CA ALA A 48 -9.19 2.26 1.99
C ALA A 48 -8.37 1.81 3.18
N GLU A 49 -9.08 1.54 4.26
CA GLU A 49 -8.48 1.20 5.52
C GLU A 49 -7.90 -0.20 5.44
N GLN A 50 -8.62 -1.07 4.77
CA GLN A 50 -8.18 -2.44 4.67
C GLN A 50 -7.07 -2.55 3.64
N VAL A 51 -6.94 -1.54 2.80
CA VAL A 51 -6.05 -1.64 1.67
C VAL A 51 -4.62 -1.43 2.13
N ARG A 52 -4.36 -0.35 2.86
CA ARG A 52 -3.01 -0.14 3.32
C ARG A 52 -2.76 -0.94 4.59
N GLU A 53 -3.74 -0.91 5.48
CA GLU A 53 -3.55 -1.43 6.81
C GLU A 53 -3.61 -2.95 6.84
N LEU A 54 -4.25 -3.57 5.87
CA LEU A 54 -4.26 -5.01 5.82
C LEU A 54 -3.18 -5.52 4.90
N TYR A 55 -2.84 -4.78 3.86
CA TYR A 55 -1.72 -5.21 3.01
C TYR A 55 -0.49 -5.40 3.88
N ARG A 56 -0.40 -4.58 4.92
CA ARG A 56 0.75 -4.59 5.81
C ARG A 56 0.73 -5.78 6.76
N ARG A 57 -0.33 -6.60 6.76
CA ARG A 57 -0.45 -7.64 7.77
C ARG A 57 -1.20 -8.89 7.33
N TYR A 58 -2.20 -8.76 6.47
CA TYR A 58 -3.00 -9.91 6.09
C TYR A 58 -2.76 -10.36 4.64
N PRO A 59 -3.21 -9.61 3.61
CA PRO A 59 -2.88 -9.90 2.21
C PRO A 59 -1.40 -10.19 1.93
N GLU A 60 -0.50 -9.44 2.57
CA GLU A 60 0.93 -9.65 2.36
C GLU A 60 1.53 -10.26 3.60
N GLY A 61 0.88 -10.00 4.71
CA GLY A 61 1.12 -10.74 5.92
C GLY A 61 0.51 -12.12 5.84
N ASP A 62 0.25 -12.52 4.63
CA ASP A 62 -0.30 -13.82 4.32
C ASP A 62 0.72 -14.88 4.74
N PRO A 63 0.35 -16.17 4.76
CA PRO A 63 1.31 -17.28 4.79
C PRO A 63 2.59 -16.99 3.97
N GLN A 64 2.51 -16.03 3.06
CA GLN A 64 3.67 -15.54 2.33
C GLN A 64 4.74 -15.01 3.28
N ALA A 65 4.49 -13.84 3.89
CA ALA A 65 5.60 -13.14 4.56
C ALA A 65 5.19 -12.16 5.67
N THR A 66 4.59 -11.07 5.26
CA THR A 66 4.59 -9.79 5.99
C THR A 66 3.72 -9.75 7.28
N LEU A 67 3.33 -10.92 7.81
CA LEU A 67 2.43 -10.97 8.97
C LEU A 67 3.00 -10.20 10.17
N GLU A 68 2.57 -8.94 10.30
CA GLU A 68 3.06 -8.01 11.33
C GLU A 68 4.59 -7.89 11.29
N ALA A 69 5.17 -8.24 10.15
CA ALA A 69 6.59 -8.08 9.91
C ALA A 69 6.77 -7.03 8.83
N ALA A 70 5.65 -6.39 8.52
CA ALA A 70 5.55 -5.37 7.48
C ALA A 70 6.82 -4.55 7.33
N MET A 1 -11.60 6.69 -10.37
CA MET A 1 -12.69 5.73 -10.19
C MET A 1 -12.13 4.40 -9.69
N SER A 2 -12.49 4.03 -8.46
CA SER A 2 -11.94 2.84 -7.81
C SER A 2 -10.44 3.00 -7.60
N ALA A 3 -10.03 4.27 -7.49
CA ALA A 3 -8.65 4.62 -7.26
C ALA A 3 -8.60 5.86 -6.38
N VAL A 4 -8.95 5.63 -5.14
CA VAL A 4 -9.01 6.68 -4.14
C VAL A 4 -7.67 6.80 -3.42
N GLN A 5 -7.20 8.03 -3.26
CA GLN A 5 -5.98 8.30 -2.52
C GLN A 5 -6.13 7.77 -1.11
N VAL A 6 -5.38 6.73 -0.81
CA VAL A 6 -5.47 6.08 0.47
C VAL A 6 -4.10 5.68 0.95
N LEU A 7 -3.29 5.29 0.01
CA LEU A 7 -2.02 4.68 0.31
C LEU A 7 -0.95 5.58 -0.24
N LYS A 8 0.26 5.46 0.26
CA LYS A 8 1.39 6.13 -0.30
C LYS A 8 2.66 5.38 -0.04
N PHE A 9 3.60 5.56 -0.92
CA PHE A 9 4.92 4.98 -0.80
C PHE A 9 5.94 6.12 -0.79
N PRO A 10 6.20 6.62 0.42
CA PRO A 10 7.16 7.68 0.72
C PRO A 10 8.30 7.83 -0.30
N LEU A 11 8.16 8.79 -1.21
CA LEU A 11 9.14 8.99 -2.28
C LEU A 11 10.44 9.54 -1.71
N SER A 12 10.36 9.98 -0.47
CA SER A 12 11.45 10.63 0.20
C SER A 12 12.19 9.68 1.11
N VAL A 13 11.77 8.42 1.14
CA VAL A 13 12.34 7.47 2.07
C VAL A 13 12.60 6.16 1.38
N ASP A 14 13.08 5.23 2.17
CA ASP A 14 13.35 3.88 1.72
C ASP A 14 12.03 3.10 1.62
N LEU A 15 11.17 3.60 0.75
CA LEU A 15 9.85 3.04 0.53
C LEU A 15 9.89 1.58 0.08
N ALA A 16 11.07 1.05 -0.22
CA ALA A 16 11.18 -0.33 -0.66
C ALA A 16 10.51 -1.27 0.31
N GLY A 17 10.38 -0.83 1.56
CA GLY A 17 9.67 -1.60 2.55
C GLY A 17 8.17 -1.60 2.30
N PHE A 18 7.59 -0.46 1.94
CA PHE A 18 6.15 -0.39 1.74
C PHE A 18 5.78 -0.52 0.28
N VAL A 19 6.45 0.23 -0.60
CA VAL A 19 6.16 0.17 -2.02
C VAL A 19 6.42 -1.25 -2.48
N GLY A 20 7.38 -1.86 -1.81
CA GLY A 20 7.67 -3.25 -2.01
C GLY A 20 6.58 -4.10 -1.45
N LEU A 21 6.06 -3.70 -0.30
CA LEU A 21 5.08 -4.50 0.43
C LEU A 21 3.84 -4.80 -0.42
N LEU A 22 3.29 -3.80 -1.11
CA LEU A 22 2.11 -4.06 -1.91
C LEU A 22 2.49 -4.50 -3.30
N ARG A 23 3.67 -4.09 -3.69
CA ARG A 23 4.30 -4.57 -4.91
C ARG A 23 4.38 -6.08 -4.86
N ARG A 24 4.53 -6.55 -3.63
CA ARG A 24 4.66 -7.96 -3.34
C ARG A 24 3.33 -8.66 -3.50
N LEU A 25 2.25 -7.91 -3.33
CA LEU A 25 0.93 -8.50 -3.38
C LEU A 25 0.53 -8.78 -4.82
N ASN A 26 0.62 -7.74 -5.66
CA ASN A 26 0.44 -7.89 -7.10
C ASN A 26 0.44 -6.53 -7.80
N VAL A 27 0.95 -5.50 -7.09
CA VAL A 27 1.11 -4.12 -7.62
C VAL A 27 0.03 -3.74 -8.67
N PRO A 28 -1.23 -3.70 -8.24
CA PRO A 28 -2.39 -3.43 -9.09
C PRO A 28 -2.97 -2.03 -8.93
N HIS A 29 -2.13 -1.04 -8.66
CA HIS A 29 -2.63 0.20 -8.10
C HIS A 29 -2.23 1.44 -8.86
N ARG A 30 -2.84 2.54 -8.44
CA ARG A 30 -2.47 3.86 -8.90
C ARG A 30 -1.20 4.34 -8.20
N VAL A 31 -0.43 5.14 -8.92
CA VAL A 31 0.76 5.79 -8.39
C VAL A 31 0.76 7.26 -8.78
N SER A 32 0.71 8.13 -7.79
CA SER A 32 0.70 9.56 -7.98
C SER A 32 1.59 10.18 -6.92
N GLU A 33 1.48 11.48 -6.66
CA GLU A 33 2.15 12.04 -5.50
C GLU A 33 1.22 12.96 -4.71
N GLU A 34 1.16 12.72 -3.41
CA GLU A 34 0.32 13.50 -2.50
C GLU A 34 1.13 13.96 -1.29
N SER A 35 1.18 15.27 -1.09
CA SER A 35 1.85 15.88 0.06
C SER A 35 3.36 15.58 0.08
N GLY A 36 3.90 15.13 -1.05
CA GLY A 36 5.32 14.88 -1.13
C GLY A 36 5.68 13.45 -0.80
N GLN A 37 4.78 12.55 -1.11
CA GLN A 37 5.09 11.14 -1.24
C GLN A 37 4.36 10.64 -2.44
N GLN A 38 4.90 9.65 -3.15
CA GLN A 38 4.12 9.08 -4.21
C GLN A 38 3.04 8.30 -3.52
N VAL A 39 1.85 8.34 -4.06
CA VAL A 39 0.73 7.78 -3.37
C VAL A 39 -0.04 6.84 -4.26
N LEU A 40 -0.65 5.89 -3.61
CA LEU A 40 -1.21 4.72 -4.23
C LEU A 40 -2.70 4.69 -3.98
N TRP A 41 -3.45 4.43 -5.05
CA TRP A 41 -4.90 4.54 -5.01
C TRP A 41 -5.52 3.24 -5.51
N VAL A 42 -5.92 2.32 -4.62
CA VAL A 42 -6.75 1.17 -5.06
C VAL A 42 -7.91 0.77 -4.13
N PRO A 43 -8.54 1.64 -3.32
CA PRO A 43 -9.59 1.23 -2.42
C PRO A 43 -10.98 1.77 -2.77
N ASP A 44 -11.59 2.40 -1.78
CA ASP A 44 -12.95 2.93 -1.88
C ASP A 44 -13.14 4.01 -0.81
N GLU A 45 -13.46 3.55 0.38
CA GLU A 45 -13.56 4.38 1.57
C GLU A 45 -13.54 3.48 2.78
N ARG A 46 -14.38 2.47 2.73
CA ARG A 46 -14.36 1.43 3.76
C ARG A 46 -13.27 0.44 3.37
N LEU A 47 -13.11 0.31 2.06
CA LEU A 47 -12.11 -0.55 1.49
C LEU A 47 -10.74 0.06 1.68
N ALA A 48 -10.71 1.40 1.65
CA ALA A 48 -9.48 2.17 1.86
C ALA A 48 -8.65 1.64 3.02
N GLU A 49 -9.31 1.25 4.10
CA GLU A 49 -8.64 0.80 5.30
C GLU A 49 -8.15 -0.61 5.09
N GLN A 50 -9.01 -1.42 4.49
CA GLN A 50 -8.70 -2.79 4.18
C GLN A 50 -7.49 -2.86 3.26
N VAL A 51 -7.38 -1.88 2.37
CA VAL A 51 -6.42 -1.94 1.30
C VAL A 51 -5.01 -1.66 1.81
N ARG A 52 -4.77 -0.50 2.39
CA ARG A 52 -3.40 -0.18 2.78
C ARG A 52 -3.05 -0.85 4.09
N GLU A 53 -3.99 -0.83 5.03
CA GLU A 53 -3.72 -1.33 6.35
C GLU A 53 -3.57 -2.83 6.33
N LEU A 54 -4.52 -3.52 5.72
CA LEU A 54 -4.54 -4.94 5.86
C LEU A 54 -3.66 -5.57 4.83
N TYR A 55 -3.40 -4.90 3.74
CA TYR A 55 -2.44 -5.43 2.80
C TYR A 55 -1.09 -5.47 3.47
N ARG A 56 -0.82 -4.46 4.30
CA ARG A 56 0.45 -4.37 5.00
C ARG A 56 0.50 -5.22 6.28
N ARG A 57 -0.54 -6.03 6.57
CA ARG A 57 -0.53 -6.80 7.83
C ARG A 57 -1.24 -8.15 7.73
N TYR A 58 -2.21 -8.29 6.84
CA TYR A 58 -2.88 -9.58 6.60
C TYR A 58 -2.45 -10.22 5.26
N PRO A 59 -2.92 -9.73 4.08
CA PRO A 59 -2.34 -10.12 2.78
C PRO A 59 -0.81 -10.27 2.73
N GLU A 60 -0.06 -9.32 3.27
CA GLU A 60 1.40 -9.43 3.27
C GLU A 60 1.84 -10.07 4.56
N GLY A 61 1.05 -9.79 5.58
CA GLY A 61 1.19 -10.46 6.86
C GLY A 61 0.64 -11.87 6.81
N ASP A 62 0.65 -12.39 5.61
CA ASP A 62 0.21 -13.75 5.34
C ASP A 62 1.28 -14.68 5.87
N PRO A 63 1.01 -15.99 5.98
CA PRO A 63 2.06 -17.01 6.11
C PRO A 63 3.04 -16.95 4.92
N GLN A 64 3.54 -15.76 4.64
CA GLN A 64 4.38 -15.49 3.50
C GLN A 64 5.57 -14.64 3.92
N ALA A 65 5.33 -13.40 4.36
CA ALA A 65 6.41 -12.47 4.56
C ALA A 65 6.20 -11.56 5.76
N THR A 66 5.44 -10.51 5.56
CA THR A 66 5.23 -9.49 6.56
C THR A 66 4.34 -10.02 7.69
N LEU A 67 4.31 -9.30 8.82
CA LEU A 67 3.37 -9.55 9.92
C LEU A 67 3.77 -8.70 11.12
N GLU A 68 2.95 -7.69 11.40
CA GLU A 68 3.24 -6.72 12.46
C GLU A 68 4.64 -6.13 12.32
N ALA A 69 5.11 -6.08 11.09
CA ALA A 69 6.43 -5.55 10.80
C ALA A 69 6.36 -4.51 9.70
N ALA A 70 5.12 -4.16 9.34
CA ALA A 70 4.85 -3.16 8.30
C ALA A 70 5.77 -1.96 8.46
N MET A 1 -13.21 5.79 -8.48
CA MET A 1 -14.01 4.68 -7.96
C MET A 1 -13.13 3.69 -7.23
N SER A 2 -12.12 3.17 -7.92
CA SER A 2 -11.16 2.27 -7.32
C SER A 2 -9.79 2.93 -7.32
N ALA A 3 -9.81 4.25 -7.34
CA ALA A 3 -8.62 5.06 -7.30
C ALA A 3 -8.80 6.19 -6.32
N VAL A 4 -8.85 5.84 -5.07
CA VAL A 4 -9.06 6.79 -4.01
C VAL A 4 -7.77 6.97 -3.25
N GLN A 5 -7.38 8.21 -3.03
CA GLN A 5 -6.18 8.49 -2.29
C GLN A 5 -6.36 7.98 -0.86
N VAL A 6 -5.64 6.91 -0.56
CA VAL A 6 -5.63 6.35 0.77
C VAL A 6 -4.22 5.98 1.15
N LEU A 7 -3.50 5.50 0.17
CA LEU A 7 -2.21 4.92 0.38
C LEU A 7 -1.17 5.78 -0.31
N LYS A 8 0.05 5.76 0.19
CA LYS A 8 1.18 6.30 -0.53
C LYS A 8 2.42 5.56 -0.10
N PHE A 9 3.42 5.65 -0.92
CA PHE A 9 4.71 5.08 -0.63
C PHE A 9 5.70 6.21 -0.55
N PRO A 10 5.80 6.79 0.65
CA PRO A 10 6.68 7.90 1.00
C PRO A 10 7.88 8.06 0.08
N LEU A 11 7.73 8.94 -0.90
CA LEU A 11 8.72 9.12 -1.96
C LEU A 11 10.00 9.69 -1.39
N SER A 12 9.84 10.33 -0.27
CA SER A 12 10.91 11.04 0.38
C SER A 12 11.56 10.21 1.49
N VAL A 13 11.21 8.92 1.57
CA VAL A 13 11.74 8.08 2.63
C VAL A 13 12.13 6.72 2.06
N ASP A 14 12.48 5.82 2.94
CA ASP A 14 12.86 4.47 2.58
C ASP A 14 11.60 3.64 2.29
N LEU A 15 10.83 4.13 1.32
CA LEU A 15 9.56 3.53 0.93
C LEU A 15 9.70 2.11 0.45
N ALA A 16 10.90 1.66 0.10
CA ALA A 16 11.11 0.31 -0.42
C ALA A 16 10.50 -0.73 0.50
N GLY A 17 10.32 -0.36 1.76
CA GLY A 17 9.66 -1.24 2.69
C GLY A 17 8.17 -1.36 2.41
N PHE A 18 7.52 -0.24 2.09
CA PHE A 18 6.08 -0.25 1.86
C PHE A 18 5.72 -0.35 0.39
N VAL A 19 6.37 0.46 -0.44
CA VAL A 19 6.09 0.43 -1.87
C VAL A 19 6.42 -0.95 -2.37
N GLY A 20 7.44 -1.50 -1.76
CA GLY A 20 7.81 -2.86 -2.00
C GLY A 20 6.73 -3.79 -1.48
N LEU A 21 6.25 -3.49 -0.28
CA LEU A 21 5.29 -4.34 0.43
C LEU A 21 4.05 -4.64 -0.40
N LEU A 22 3.43 -3.63 -1.00
CA LEU A 22 2.19 -3.90 -1.72
C LEU A 22 2.46 -4.26 -3.16
N ARG A 23 3.58 -3.80 -3.64
CA ARG A 23 4.06 -4.17 -4.94
C ARG A 23 4.28 -5.67 -4.95
N ARG A 24 4.64 -6.15 -3.78
CA ARG A 24 4.91 -7.54 -3.53
C ARG A 24 3.62 -8.35 -3.56
N LEU A 25 2.51 -7.70 -3.24
CA LEU A 25 1.26 -8.42 -3.14
C LEU A 25 0.65 -8.66 -4.50
N ASN A 26 0.71 -7.65 -5.37
CA ASN A 26 0.25 -7.77 -6.75
C ASN A 26 0.20 -6.42 -7.47
N VAL A 27 0.69 -5.36 -6.80
CA VAL A 27 0.75 -4.00 -7.36
C VAL A 27 -0.39 -3.70 -8.36
N PRO A 28 -1.62 -3.70 -7.86
CA PRO A 28 -2.83 -3.49 -8.67
C PRO A 28 -3.33 -2.05 -8.64
N HIS A 29 -2.44 -1.13 -8.34
CA HIS A 29 -2.85 0.20 -7.89
C HIS A 29 -2.37 1.31 -8.80
N ARG A 30 -2.88 2.51 -8.50
CA ARG A 30 -2.47 3.72 -9.18
C ARG A 30 -1.39 4.44 -8.37
N VAL A 31 -0.30 4.79 -9.03
CA VAL A 31 0.74 5.61 -8.44
C VAL A 31 0.65 7.05 -8.94
N SER A 32 0.59 7.96 -8.00
CA SER A 32 0.59 9.39 -8.29
C SER A 32 1.62 10.08 -7.41
N GLU A 33 1.58 11.39 -7.30
CA GLU A 33 2.49 12.10 -6.41
C GLU A 33 1.77 13.18 -5.63
N GLU A 34 1.52 12.88 -4.35
CA GLU A 34 0.82 13.82 -3.47
C GLU A 34 1.75 14.27 -2.35
N SER A 35 1.95 15.59 -2.24
CA SER A 35 2.70 16.20 -1.13
C SER A 35 4.17 15.73 -1.09
N GLY A 36 4.64 15.17 -2.19
CA GLY A 36 6.03 14.79 -2.29
C GLY A 36 6.26 13.35 -1.92
N GLN A 37 5.19 12.60 -1.85
CA GLN A 37 5.28 11.17 -1.81
C GLN A 37 4.48 10.63 -2.96
N GLN A 38 4.95 9.54 -3.52
CA GLN A 38 4.18 8.89 -4.55
C GLN A 38 3.03 8.22 -3.86
N VAL A 39 1.87 8.36 -4.40
CA VAL A 39 0.68 8.05 -3.69
C VAL A 39 -0.15 7.04 -4.44
N LEU A 40 -0.60 6.07 -3.69
CA LEU A 40 -1.20 4.88 -4.22
C LEU A 40 -2.69 4.91 -3.96
N TRP A 41 -3.45 4.77 -5.03
CA TRP A 41 -4.88 4.88 -4.94
C TRP A 41 -5.49 3.61 -5.50
N VAL A 42 -5.91 2.69 -4.64
CA VAL A 42 -6.65 1.53 -5.14
C VAL A 42 -7.72 0.94 -4.18
N PRO A 43 -8.28 1.68 -3.18
CA PRO A 43 -9.35 1.13 -2.34
C PRO A 43 -10.76 1.53 -2.79
N ASP A 44 -11.57 1.86 -1.79
CA ASP A 44 -12.93 2.34 -1.98
C ASP A 44 -13.20 3.42 -0.94
N GLU A 45 -13.63 2.96 0.22
CA GLU A 45 -13.80 3.79 1.39
C GLU A 45 -13.56 2.92 2.60
N ARG A 46 -14.28 1.80 2.63
CA ARG A 46 -14.07 0.80 3.67
C ARG A 46 -12.84 -0.03 3.33
N LEU A 47 -12.62 -0.16 2.03
CA LEU A 47 -11.50 -0.93 1.51
C LEU A 47 -10.20 -0.20 1.80
N ALA A 48 -10.27 1.13 1.82
CA ALA A 48 -9.12 2.00 2.07
C ALA A 48 -8.23 1.49 3.22
N GLU A 49 -8.89 1.13 4.30
CA GLU A 49 -8.21 0.74 5.52
C GLU A 49 -7.62 -0.64 5.33
N GLN A 50 -8.39 -1.49 4.67
CA GLN A 50 -7.99 -2.85 4.39
C GLN A 50 -6.81 -2.85 3.43
N VAL A 51 -6.76 -1.85 2.56
CA VAL A 51 -5.83 -1.87 1.47
C VAL A 51 -4.43 -1.61 2.00
N ARG A 52 -4.21 -0.50 2.68
CA ARG A 52 -2.85 -0.24 3.14
C ARG A 52 -2.57 -1.05 4.38
N GLU A 53 -3.42 -0.84 5.38
CA GLU A 53 -3.13 -1.27 6.71
C GLU A 53 -3.17 -2.76 6.84
N LEU A 54 -3.94 -3.42 6.01
CA LEU A 54 -4.00 -4.85 6.10
C LEU A 54 -3.00 -5.47 5.15
N TYR A 55 -2.73 -4.83 4.02
CA TYR A 55 -1.69 -5.37 3.13
C TYR A 55 -0.43 -5.64 3.93
N ARG A 56 -0.13 -4.75 4.87
CA ARG A 56 1.06 -4.83 5.69
C ARG A 56 0.92 -5.78 6.90
N ARG A 57 -0.22 -6.48 7.04
CA ARG A 57 -0.42 -7.34 8.21
C ARG A 57 -1.21 -8.63 7.90
N TYR A 58 -2.15 -8.58 6.97
CA TYR A 58 -2.95 -9.76 6.63
C TYR A 58 -2.67 -10.29 5.21
N PRO A 59 -2.98 -9.55 4.12
CA PRO A 59 -2.52 -9.90 2.77
C PRO A 59 -1.04 -10.34 2.67
N GLU A 60 -0.11 -9.60 3.28
CA GLU A 60 1.29 -10.04 3.24
C GLU A 60 1.58 -10.74 4.53
N GLY A 61 0.80 -10.39 5.55
CA GLY A 61 0.77 -11.14 6.79
C GLY A 61 -0.03 -12.42 6.62
N ASP A 62 -0.01 -12.88 5.40
CA ASP A 62 -0.65 -14.11 4.98
C ASP A 62 0.31 -15.24 5.30
N PRO A 63 -0.08 -16.50 5.17
CA PRO A 63 0.87 -17.62 5.12
C PRO A 63 1.86 -17.46 3.96
N GLN A 64 2.57 -16.34 3.95
CA GLN A 64 3.47 -15.96 2.89
C GLN A 64 4.75 -15.38 3.47
N ALA A 65 4.67 -14.16 4.00
CA ALA A 65 5.87 -13.42 4.32
C ALA A 65 5.74 -12.60 5.60
N THR A 66 5.42 -11.33 5.43
CA THR A 66 5.34 -10.39 6.53
C THR A 66 4.33 -10.84 7.57
N LEU A 67 4.61 -10.58 8.83
CA LEU A 67 3.61 -10.67 9.90
C LEU A 67 3.94 -9.61 10.94
N GLU A 68 5.16 -9.72 11.43
CA GLU A 68 5.68 -8.79 12.43
C GLU A 68 6.91 -8.11 11.87
N ALA A 69 7.16 -8.42 10.61
CA ALA A 69 8.33 -7.92 9.91
C ALA A 69 7.94 -6.83 8.95
N ALA A 70 6.67 -6.45 8.98
CA ALA A 70 6.14 -5.39 8.12
C ALA A 70 7.07 -4.20 8.13
N MET A 1 -13.27 6.34 -9.48
CA MET A 1 -14.20 5.27 -9.12
C MET A 1 -13.49 4.08 -8.47
N SER A 2 -12.22 3.89 -8.82
CA SER A 2 -11.46 2.77 -8.31
C SER A 2 -10.08 3.21 -7.84
N ALA A 3 -9.99 4.49 -7.47
CA ALA A 3 -8.73 5.06 -7.05
C ALA A 3 -8.95 6.18 -6.06
N VAL A 4 -8.84 5.84 -4.80
CA VAL A 4 -8.98 6.81 -3.73
C VAL A 4 -7.66 6.93 -3.00
N GLN A 5 -7.19 8.15 -2.83
CA GLN A 5 -5.96 8.41 -2.12
C GLN A 5 -6.08 7.90 -0.70
N VAL A 6 -5.38 6.82 -0.42
CA VAL A 6 -5.41 6.21 0.89
C VAL A 6 -4.05 5.64 1.26
N LEU A 7 -3.32 5.24 0.26
CA LEU A 7 -2.07 4.59 0.48
C LEU A 7 -0.99 5.48 -0.11
N LYS A 8 0.21 5.39 0.40
CA LYS A 8 1.31 6.15 -0.12
C LYS A 8 2.62 5.43 0.16
N PHE A 9 3.58 5.59 -0.72
CA PHE A 9 4.90 5.04 -0.51
C PHE A 9 5.89 6.19 -0.53
N PRO A 10 6.06 6.79 0.66
CA PRO A 10 6.98 7.89 0.94
C PRO A 10 8.16 8.01 -0.02
N LEU A 11 8.02 8.88 -1.02
CA LEU A 11 9.04 9.05 -2.05
C LEU A 11 10.29 9.69 -1.47
N SER A 12 10.16 10.13 -0.25
CA SER A 12 11.20 10.83 0.46
C SER A 12 11.98 9.89 1.39
N VAL A 13 11.55 8.64 1.49
CA VAL A 13 12.12 7.75 2.48
C VAL A 13 12.46 6.41 1.86
N ASP A 14 12.85 5.50 2.71
CA ASP A 14 13.18 4.14 2.32
C ASP A 14 11.89 3.35 2.10
N LEU A 15 11.09 3.86 1.18
CA LEU A 15 9.80 3.30 0.83
C LEU A 15 9.89 1.88 0.33
N ALA A 16 11.08 1.42 -0.04
CA ALA A 16 11.27 0.07 -0.58
C ALA A 16 10.64 -0.97 0.33
N GLY A 17 10.49 -0.64 1.60
CA GLY A 17 9.83 -1.53 2.52
C GLY A 17 8.33 -1.59 2.27
N PHE A 18 7.72 -0.45 1.97
CA PHE A 18 6.27 -0.40 1.78
C PHE A 18 5.89 -0.50 0.31
N VAL A 19 6.52 0.32 -0.53
CA VAL A 19 6.20 0.33 -1.94
C VAL A 19 6.51 -1.03 -2.49
N GLY A 20 7.55 -1.60 -1.93
CA GLY A 20 7.91 -2.96 -2.21
C GLY A 20 6.87 -3.90 -1.69
N LEU A 21 6.40 -3.61 -0.48
CA LEU A 21 5.47 -4.48 0.23
C LEU A 21 4.23 -4.79 -0.61
N LEU A 22 3.57 -3.79 -1.16
CA LEU A 22 2.36 -4.06 -1.92
C LEU A 22 2.67 -4.41 -3.35
N ARG A 23 3.79 -3.92 -3.79
CA ARG A 23 4.34 -4.28 -5.10
C ARG A 23 4.56 -5.78 -5.14
N ARG A 24 4.81 -6.30 -3.96
CA ARG A 24 5.07 -7.70 -3.73
C ARG A 24 3.79 -8.50 -3.74
N LEU A 25 2.67 -7.81 -3.51
CA LEU A 25 1.40 -8.49 -3.37
C LEU A 25 0.77 -8.77 -4.73
N ASN A 26 0.72 -7.74 -5.57
CA ASN A 26 0.19 -7.86 -6.92
C ASN A 26 0.11 -6.51 -7.63
N VAL A 27 0.61 -5.45 -6.97
CA VAL A 27 0.67 -4.08 -7.53
C VAL A 27 -0.48 -3.75 -8.51
N PRO A 28 -1.70 -3.70 -7.99
CA PRO A 28 -2.92 -3.42 -8.77
C PRO A 28 -3.34 -1.95 -8.72
N HIS A 29 -2.41 -1.08 -8.39
CA HIS A 29 -2.79 0.24 -7.90
C HIS A 29 -2.30 1.39 -8.76
N ARG A 30 -2.85 2.56 -8.45
CA ARG A 30 -2.41 3.79 -9.07
C ARG A 30 -1.33 4.46 -8.24
N VAL A 31 -0.22 4.80 -8.87
CA VAL A 31 0.85 5.57 -8.26
C VAL A 31 0.80 7.01 -8.75
N SER A 32 0.75 7.94 -7.82
CA SER A 32 0.75 9.37 -8.14
C SER A 32 1.33 10.15 -6.96
N GLU A 33 2.20 11.11 -7.23
CA GLU A 33 2.90 11.81 -6.18
C GLU A 33 2.01 12.88 -5.57
N GLU A 34 1.38 12.49 -4.47
CA GLU A 34 0.37 13.28 -3.81
C GLU A 34 0.83 13.66 -2.41
N SER A 35 0.77 14.97 -2.11
CA SER A 35 1.06 15.49 -0.78
C SER A 35 2.56 15.39 -0.47
N GLY A 36 3.36 15.04 -1.49
CA GLY A 36 4.79 15.01 -1.32
C GLY A 36 5.31 13.63 -1.03
N GLN A 37 4.44 12.65 -1.17
CA GLN A 37 4.86 11.28 -1.18
C GLN A 37 4.28 10.66 -2.42
N GLN A 38 4.90 9.60 -2.90
CA GLN A 38 4.29 8.83 -3.94
C GLN A 38 3.10 8.18 -3.32
N VAL A 39 2.01 8.17 -4.03
CA VAL A 39 0.77 7.80 -3.43
C VAL A 39 0.01 6.79 -4.26
N LEU A 40 -0.60 5.90 -3.55
CA LEU A 40 -1.19 4.72 -4.10
C LEU A 40 -2.68 4.74 -3.84
N TRP A 41 -3.45 4.57 -4.88
CA TRP A 41 -4.89 4.68 -4.78
C TRP A 41 -5.53 3.42 -5.36
N VAL A 42 -6.03 2.52 -4.52
CA VAL A 42 -6.90 1.45 -5.03
C VAL A 42 -8.19 1.12 -4.26
N PRO A 43 -8.68 1.93 -3.30
CA PRO A 43 -9.88 1.57 -2.59
C PRO A 43 -11.11 2.31 -3.05
N ASP A 44 -12.07 2.34 -2.15
CA ASP A 44 -13.30 3.12 -2.30
C ASP A 44 -13.46 4.04 -1.10
N GLU A 45 -13.69 3.43 0.05
CA GLU A 45 -13.84 4.17 1.29
C GLU A 45 -13.52 3.30 2.49
N ARG A 46 -14.43 2.40 2.83
CA ARG A 46 -14.23 1.50 3.97
C ARG A 46 -13.01 0.62 3.75
N LEU A 47 -12.86 0.16 2.52
CA LEU A 47 -11.77 -0.71 2.17
C LEU A 47 -10.47 0.06 1.91
N ALA A 48 -10.54 1.38 1.80
CA ALA A 48 -9.35 2.21 1.74
C ALA A 48 -8.37 1.81 2.81
N GLU A 49 -8.92 1.69 4.01
CA GLU A 49 -8.14 1.33 5.17
C GLU A 49 -7.63 -0.08 5.02
N GLN A 50 -8.49 -0.96 4.54
CA GLN A 50 -8.17 -2.37 4.48
C GLN A 50 -7.14 -2.62 3.39
N VAL A 51 -7.09 -1.72 2.43
CA VAL A 51 -6.25 -1.91 1.27
C VAL A 51 -4.80 -1.68 1.65
N ARG A 52 -4.54 -0.57 2.34
CA ARG A 52 -3.18 -0.29 2.75
C ARG A 52 -2.82 -1.07 3.99
N GLU A 53 -3.76 -1.19 4.92
CA GLU A 53 -3.50 -1.88 6.16
C GLU A 53 -3.29 -3.34 5.90
N LEU A 54 -4.29 -4.01 5.37
CA LEU A 54 -4.21 -5.43 5.27
C LEU A 54 -3.14 -5.84 4.30
N TYR A 55 -2.91 -5.05 3.27
CA TYR A 55 -1.81 -5.36 2.39
C TYR A 55 -0.53 -5.49 3.19
N ARG A 56 -0.31 -4.55 4.11
CA ARG A 56 0.91 -4.54 4.90
C ARG A 56 0.86 -5.47 6.13
N ARG A 57 -0.27 -6.10 6.43
CA ARG A 57 -0.37 -6.85 7.68
C ARG A 57 -1.19 -8.14 7.59
N TYR A 58 -2.08 -8.22 6.61
CA TYR A 58 -2.84 -9.46 6.39
C TYR A 58 -2.44 -10.17 5.07
N PRO A 59 -2.90 -9.72 3.87
CA PRO A 59 -2.31 -10.15 2.58
C PRO A 59 -0.80 -10.41 2.62
N GLU A 60 -0.01 -9.50 3.18
CA GLU A 60 1.44 -9.73 3.27
C GLU A 60 1.76 -10.34 4.62
N GLY A 61 0.92 -9.99 5.58
CA GLY A 61 0.97 -10.62 6.90
C GLY A 61 0.38 -12.00 6.86
N ASP A 62 0.34 -12.53 5.68
CA ASP A 62 -0.13 -13.86 5.42
C ASP A 62 0.91 -14.83 5.96
N PRO A 63 0.53 -16.09 6.20
CA PRO A 63 1.49 -17.17 6.45
C PRO A 63 2.65 -17.17 5.44
N GLN A 64 2.51 -16.38 4.38
CA GLN A 64 3.58 -16.15 3.42
C GLN A 64 4.78 -15.45 4.07
N ALA A 65 4.60 -14.20 4.54
CA ALA A 65 5.78 -13.38 4.82
C ALA A 65 5.63 -12.37 5.97
N THR A 66 5.29 -11.15 5.61
CA THR A 66 5.46 -9.95 6.44
C THR A 66 4.89 -10.08 7.87
N LEU A 67 3.59 -10.10 7.99
CA LEU A 67 2.90 -10.04 9.29
C LEU A 67 3.44 -8.91 10.18
N GLU A 68 4.17 -9.29 11.22
CA GLU A 68 4.61 -8.31 12.21
C GLU A 68 5.95 -7.72 11.82
N ALA A 69 6.40 -8.08 10.64
CA ALA A 69 7.64 -7.56 10.10
C ALA A 69 7.35 -6.34 9.24
N ALA A 70 6.06 -6.00 9.12
CA ALA A 70 5.60 -4.89 8.27
C ALA A 70 6.53 -3.70 8.39
N MET A 1 -12.50 5.45 -9.82
CA MET A 1 -13.30 4.27 -9.47
C MET A 1 -12.43 3.14 -8.90
N SER A 2 -12.49 2.97 -7.59
CA SER A 2 -11.66 2.00 -6.88
C SER A 2 -10.19 2.39 -6.97
N ALA A 3 -9.99 3.67 -7.20
CA ALA A 3 -8.68 4.28 -7.19
C ALA A 3 -8.74 5.53 -6.34
N VAL A 4 -8.59 5.31 -5.05
CA VAL A 4 -8.76 6.37 -4.07
C VAL A 4 -7.45 6.58 -3.33
N GLN A 5 -7.05 7.83 -3.19
CA GLN A 5 -5.86 8.15 -2.46
C GLN A 5 -6.06 7.75 -1.02
N VAL A 6 -5.38 6.72 -0.62
CA VAL A 6 -5.39 6.28 0.76
C VAL A 6 -4.02 5.77 1.12
N LEU A 7 -3.29 5.40 0.11
CA LEU A 7 -2.02 4.77 0.31
C LEU A 7 -0.95 5.63 -0.33
N LYS A 8 0.26 5.57 0.18
CA LYS A 8 1.35 6.26 -0.42
C LYS A 8 2.63 5.49 -0.17
N PHE A 9 3.59 5.72 -1.03
CA PHE A 9 4.92 5.17 -0.85
C PHE A 9 5.86 6.36 -0.77
N PRO A 10 6.15 6.75 0.49
CA PRO A 10 7.02 7.86 0.86
C PRO A 10 8.11 8.16 -0.14
N LEU A 11 7.89 9.16 -0.99
CA LEU A 11 8.84 9.49 -2.05
C LEU A 11 10.12 10.04 -1.44
N SER A 12 10.04 10.32 -0.15
CA SER A 12 11.11 10.93 0.60
C SER A 12 11.93 9.91 1.39
N VAL A 13 11.50 8.64 1.37
CA VAL A 13 12.14 7.64 2.21
C VAL A 13 12.41 6.37 1.42
N ASP A 14 12.94 5.41 2.15
CA ASP A 14 13.21 4.09 1.69
C ASP A 14 11.91 3.30 1.56
N LEU A 15 11.01 3.80 0.72
CA LEU A 15 9.70 3.20 0.51
C LEU A 15 9.77 1.79 -0.06
N ALA A 16 10.95 1.29 -0.39
CA ALA A 16 11.08 -0.09 -0.85
C ALA A 16 10.48 -1.05 0.17
N GLY A 17 10.40 -0.58 1.41
CA GLY A 17 9.74 -1.34 2.43
C GLY A 17 8.23 -1.37 2.25
N PHE A 18 7.63 -0.21 1.95
CA PHE A 18 6.18 -0.15 1.83
C PHE A 18 5.72 -0.37 0.40
N VAL A 19 6.31 0.33 -0.55
CA VAL A 19 5.92 0.14 -1.92
C VAL A 19 6.18 -1.31 -2.27
N GLY A 20 7.26 -1.82 -1.69
CA GLY A 20 7.61 -3.21 -1.81
C GLY A 20 6.63 -4.08 -1.12
N LEU A 21 6.04 -3.57 -0.06
CA LEU A 21 5.12 -4.35 0.77
C LEU A 21 3.88 -4.71 -0.03
N LEU A 22 3.39 -3.75 -0.76
CA LEU A 22 2.18 -3.92 -1.57
C LEU A 22 2.51 -4.41 -2.95
N ARG A 23 3.71 -4.11 -3.37
CA ARG A 23 4.28 -4.70 -4.57
C ARG A 23 4.47 -6.19 -4.34
N ARG A 24 4.53 -6.53 -3.07
CA ARG A 24 4.59 -7.91 -2.61
C ARG A 24 3.25 -8.60 -2.81
N LEU A 25 2.18 -7.83 -2.78
CA LEU A 25 0.86 -8.38 -3.04
C LEU A 25 0.74 -8.70 -4.52
N ASN A 26 0.86 -7.67 -5.35
CA ASN A 26 0.84 -7.83 -6.80
C ASN A 26 0.80 -6.48 -7.53
N VAL A 27 1.22 -5.42 -6.82
CA VAL A 27 1.33 -4.05 -7.38
C VAL A 27 0.28 -3.75 -8.48
N PRO A 28 -1.00 -3.77 -8.09
CA PRO A 28 -2.13 -3.56 -9.00
C PRO A 28 -2.72 -2.14 -8.95
N HIS A 29 -1.89 -1.17 -8.60
CA HIS A 29 -2.40 0.11 -8.13
C HIS A 29 -2.10 1.27 -9.05
N ARG A 30 -2.67 2.41 -8.68
CA ARG A 30 -2.34 3.67 -9.30
C ARG A 30 -1.28 4.39 -8.47
N VAL A 31 -0.31 4.96 -9.17
CA VAL A 31 0.71 5.79 -8.57
C VAL A 31 0.54 7.24 -8.99
N SER A 32 0.58 8.12 -8.01
CA SER A 32 0.50 9.56 -8.23
C SER A 32 1.40 10.25 -7.21
N GLU A 33 1.25 11.55 -7.04
CA GLU A 33 1.97 12.25 -5.99
C GLU A 33 1.03 13.13 -5.19
N GLU A 34 0.94 12.85 -3.89
CA GLU A 34 0.06 13.62 -3.02
C GLU A 34 0.86 14.32 -1.93
N SER A 35 0.85 15.66 -2.00
CA SER A 35 1.47 16.52 -0.99
C SER A 35 3.00 16.46 -1.01
N GLY A 36 3.54 15.26 -0.89
CA GLY A 36 4.98 15.10 -0.82
C GLY A 36 5.37 13.66 -0.69
N GLN A 37 4.47 12.78 -1.08
CA GLN A 37 4.74 11.38 -1.16
C GLN A 37 4.16 10.89 -2.46
N GLN A 38 4.80 9.95 -3.10
CA GLN A 38 4.17 9.32 -4.22
C GLN A 38 3.10 8.47 -3.61
N VAL A 39 1.93 8.46 -4.20
CA VAL A 39 0.81 7.86 -3.53
C VAL A 39 0.10 6.86 -4.40
N LEU A 40 -0.49 5.91 -3.75
CA LEU A 40 -1.03 4.73 -4.35
C LEU A 40 -2.52 4.66 -4.09
N TRP A 41 -3.26 4.32 -5.12
CA TRP A 41 -4.71 4.35 -5.06
C TRP A 41 -5.28 3.02 -5.55
N VAL A 42 -5.64 2.11 -4.64
CA VAL A 42 -6.43 0.95 -5.06
C VAL A 42 -7.61 0.56 -4.14
N PRO A 43 -8.09 1.37 -3.17
CA PRO A 43 -9.23 0.97 -2.36
C PRO A 43 -10.57 1.45 -2.92
N ASP A 44 -11.44 1.84 -2.01
CA ASP A 44 -12.78 2.31 -2.35
C ASP A 44 -13.21 3.36 -1.34
N GLU A 45 -13.33 2.95 -0.09
CA GLU A 45 -13.70 3.83 1.00
C GLU A 45 -13.40 3.16 2.33
N ARG A 46 -14.27 2.24 2.74
CA ARG A 46 -14.01 1.41 3.90
C ARG A 46 -12.84 0.49 3.62
N LEU A 47 -12.71 0.18 2.33
CA LEU A 47 -11.67 -0.69 1.83
C LEU A 47 -10.31 0.02 1.95
N ALA A 48 -10.33 1.33 1.79
CA ALA A 48 -9.13 2.17 1.86
C ALA A 48 -8.23 1.80 3.03
N GLU A 49 -8.84 1.69 4.17
CA GLU A 49 -8.13 1.46 5.41
C GLU A 49 -7.55 0.06 5.42
N GLN A 50 -8.32 -0.86 4.91
CA GLN A 50 -7.93 -2.24 4.92
C GLN A 50 -6.90 -2.50 3.83
N VAL A 51 -6.81 -1.60 2.87
CA VAL A 51 -6.04 -1.88 1.68
C VAL A 51 -4.59 -1.65 2.00
N ARG A 52 -4.30 -0.50 2.57
CA ARG A 52 -2.93 -0.16 2.90
C ARG A 52 -2.53 -0.82 4.22
N GLU A 53 -3.35 -0.62 5.23
CA GLU A 53 -3.00 -0.99 6.59
C GLU A 53 -3.06 -2.48 6.79
N LEU A 54 -3.87 -3.19 6.01
CA LEU A 54 -3.94 -4.61 6.18
C LEU A 54 -3.05 -5.31 5.19
N TYR A 55 -2.77 -4.70 4.04
CA TYR A 55 -1.78 -5.29 3.16
C TYR A 55 -0.48 -5.51 3.94
N ARG A 56 -0.23 -4.62 4.90
CA ARG A 56 0.98 -4.71 5.70
C ARG A 56 0.88 -5.74 6.83
N ARG A 57 -0.26 -6.42 6.98
CA ARG A 57 -0.44 -7.30 8.14
C ARG A 57 -1.27 -8.55 7.87
N TYR A 58 -2.23 -8.47 6.96
CA TYR A 58 -3.08 -9.62 6.66
C TYR A 58 -2.83 -10.17 5.24
N PRO A 59 -3.22 -9.48 4.15
CA PRO A 59 -2.90 -9.89 2.78
C PRO A 59 -1.42 -10.30 2.55
N GLU A 60 -0.47 -9.54 3.06
CA GLU A 60 0.95 -9.88 2.88
C GLU A 60 1.46 -10.43 4.18
N GLY A 61 0.83 -9.95 5.25
CA GLY A 61 0.95 -10.61 6.53
C GLY A 61 0.08 -11.85 6.57
N ASP A 62 0.07 -12.51 5.44
CA ASP A 62 -0.64 -13.76 5.24
C ASP A 62 0.37 -14.87 5.41
N PRO A 63 -0.08 -16.14 5.48
CA PRO A 63 0.79 -17.29 5.26
C PRO A 63 1.57 -17.20 3.93
N GLN A 64 2.34 -16.13 3.78
CA GLN A 64 3.18 -15.89 2.62
C GLN A 64 4.52 -15.33 3.05
N ALA A 65 4.51 -14.14 3.65
CA ALA A 65 5.74 -13.42 3.88
C ALA A 65 5.73 -12.57 5.13
N THR A 66 5.21 -11.35 5.00
CA THR A 66 5.16 -10.40 6.07
C THR A 66 4.19 -10.86 7.14
N LEU A 67 4.40 -10.42 8.39
CA LEU A 67 3.38 -10.44 9.44
C LEU A 67 3.60 -9.23 10.33
N GLU A 68 4.69 -9.29 11.06
CA GLU A 68 5.06 -8.22 11.97
C GLU A 68 6.32 -7.53 11.46
N ALA A 69 6.70 -7.88 10.25
CA ALA A 69 7.88 -7.33 9.61
C ALA A 69 7.54 -6.06 8.85
N ALA A 70 6.26 -5.69 8.90
CA ALA A 70 5.73 -4.53 8.17
C ALA A 70 6.69 -3.35 8.25
N MET A 1 -13.62 7.93 -8.35
CA MET A 1 -13.91 6.66 -9.02
C MET A 1 -13.07 5.56 -8.36
N SER A 2 -12.55 4.63 -9.16
CA SER A 2 -11.73 3.55 -8.63
C SER A 2 -10.29 4.02 -8.39
N ALA A 3 -10.15 5.29 -8.02
CA ALA A 3 -8.86 5.90 -7.77
C ALA A 3 -8.93 6.77 -6.53
N VAL A 4 -8.78 6.15 -5.38
CA VAL A 4 -8.98 6.82 -4.12
C VAL A 4 -7.70 6.83 -3.30
N GLN A 5 -7.15 8.01 -3.14
CA GLN A 5 -5.92 8.22 -2.38
C GLN A 5 -6.09 7.76 -0.94
N VAL A 6 -5.42 6.68 -0.57
CA VAL A 6 -5.38 6.27 0.82
C VAL A 6 -4.01 5.77 1.19
N LEU A 7 -3.27 5.34 0.20
CA LEU A 7 -2.02 4.69 0.45
C LEU A 7 -0.94 5.57 -0.11
N LYS A 8 0.24 5.54 0.45
CA LYS A 8 1.35 6.21 -0.15
C LYS A 8 2.63 5.50 0.18
N PHE A 9 3.56 5.60 -0.74
CA PHE A 9 4.88 5.06 -0.57
C PHE A 9 5.85 6.21 -0.56
N PRO A 10 6.06 6.77 0.64
CA PRO A 10 6.97 7.88 0.92
C PRO A 10 8.13 8.00 -0.06
N LEU A 11 7.98 8.86 -1.07
CA LEU A 11 8.98 8.98 -2.14
C LEU A 11 10.25 9.61 -1.61
N SER A 12 10.14 10.11 -0.40
CA SER A 12 11.21 10.81 0.26
C SER A 12 11.99 9.90 1.20
N VAL A 13 11.57 8.64 1.33
CA VAL A 13 12.19 7.76 2.31
C VAL A 13 12.49 6.41 1.69
N ASP A 14 12.95 5.53 2.55
CA ASP A 14 13.24 4.15 2.20
C ASP A 14 11.92 3.37 2.03
N LEU A 15 11.09 3.87 1.13
CA LEU A 15 9.79 3.29 0.84
C LEU A 15 9.89 1.87 0.34
N ALA A 16 11.09 1.38 0.06
CA ALA A 16 11.27 0.02 -0.43
C ALA A 16 10.62 -0.99 0.51
N GLY A 17 10.45 -0.59 1.76
CA GLY A 17 9.75 -1.41 2.70
C GLY A 17 8.25 -1.47 2.43
N PHE A 18 7.64 -0.34 2.10
CA PHE A 18 6.20 -0.31 1.86
C PHE A 18 5.87 -0.45 0.38
N VAL A 19 6.51 0.36 -0.45
CA VAL A 19 6.26 0.31 -1.88
C VAL A 19 6.56 -1.09 -2.34
N GLY A 20 7.58 -1.66 -1.72
CA GLY A 20 7.97 -3.02 -1.97
C GLY A 20 6.95 -3.95 -1.42
N LEU A 21 6.44 -3.64 -0.23
CA LEU A 21 5.50 -4.51 0.46
C LEU A 21 4.32 -4.85 -0.43
N LEU A 22 3.79 -3.85 -1.10
CA LEU A 22 2.60 -4.01 -1.88
C LEU A 22 2.94 -4.34 -3.32
N ARG A 23 4.12 -3.91 -3.72
CA ARG A 23 4.70 -4.29 -5.00
C ARG A 23 4.88 -5.79 -5.03
N ARG A 24 5.10 -6.30 -3.84
CA ARG A 24 5.29 -7.70 -3.60
C ARG A 24 3.97 -8.43 -3.60
N LEU A 25 2.94 -7.67 -3.29
CA LEU A 25 1.65 -8.23 -2.96
C LEU A 25 0.86 -8.57 -4.21
N ASN A 26 0.92 -7.70 -5.23
CA ASN A 26 0.16 -7.92 -6.45
C ASN A 26 0.29 -6.75 -7.42
N VAL A 27 0.80 -5.61 -6.94
CA VAL A 27 0.76 -4.33 -7.68
C VAL A 27 -0.47 -4.19 -8.58
N PRO A 28 -1.65 -4.13 -7.95
CA PRO A 28 -2.93 -3.91 -8.62
C PRO A 28 -3.43 -2.48 -8.50
N HIS A 29 -2.52 -1.56 -8.24
CA HIS A 29 -2.88 -0.23 -7.74
C HIS A 29 -2.50 0.89 -8.69
N ARG A 30 -2.84 2.09 -8.29
CA ARG A 30 -2.43 3.29 -8.99
C ARG A 30 -1.39 4.07 -8.20
N VAL A 31 -0.32 4.47 -8.86
CA VAL A 31 0.72 5.30 -8.27
C VAL A 31 0.62 6.73 -8.79
N SER A 32 0.66 7.67 -7.88
CA SER A 32 0.67 9.09 -8.19
C SER A 32 1.54 9.81 -7.16
N GLU A 33 1.46 11.12 -7.09
CA GLU A 33 2.19 11.87 -6.07
C GLU A 33 1.26 12.86 -5.36
N GLU A 34 1.06 12.64 -4.06
CA GLU A 34 0.22 13.53 -3.27
C GLU A 34 0.98 14.19 -2.14
N SER A 35 1.12 15.52 -2.25
CA SER A 35 1.65 16.35 -1.18
C SER A 35 3.13 16.09 -0.88
N GLY A 36 3.79 15.31 -1.73
CA GLY A 36 5.20 15.08 -1.55
C GLY A 36 5.49 13.65 -1.22
N GLN A 37 4.47 12.79 -1.35
CA GLN A 37 4.66 11.38 -1.22
C GLN A 37 4.15 10.73 -2.49
N GLN A 38 4.80 9.68 -2.95
CA GLN A 38 4.21 8.89 -3.99
C GLN A 38 3.05 8.22 -3.34
N VAL A 39 1.92 8.22 -3.97
CA VAL A 39 0.73 7.74 -3.32
C VAL A 39 -0.01 6.76 -4.18
N LEU A 40 -0.63 5.85 -3.52
CA LEU A 40 -1.22 4.69 -4.11
C LEU A 40 -2.73 4.72 -3.89
N TRP A 41 -3.47 4.47 -4.95
CA TRP A 41 -4.90 4.57 -4.92
C TRP A 41 -5.48 3.26 -5.42
N VAL A 42 -5.85 2.37 -4.52
CA VAL A 42 -6.55 1.17 -4.94
C VAL A 42 -7.65 0.64 -3.98
N PRO A 43 -8.16 1.41 -2.98
CA PRO A 43 -9.31 0.97 -2.19
C PRO A 43 -10.66 1.46 -2.75
N ASP A 44 -11.50 1.95 -1.85
CA ASP A 44 -12.79 2.55 -2.23
C ASP A 44 -13.08 3.72 -1.30
N GLU A 45 -13.44 3.40 -0.07
CA GLU A 45 -13.60 4.39 0.99
C GLU A 45 -13.61 3.69 2.35
N ARG A 46 -14.38 2.62 2.45
CA ARG A 46 -14.35 1.78 3.65
C ARG A 46 -13.21 0.80 3.47
N LEU A 47 -12.96 0.49 2.21
CA LEU A 47 -11.96 -0.47 1.81
C LEU A 47 -10.57 0.15 1.99
N ALA A 48 -10.52 1.47 1.95
CA ALA A 48 -9.29 2.24 2.13
C ALA A 48 -8.42 1.72 3.26
N GLU A 49 -9.08 1.43 4.37
CA GLU A 49 -8.38 1.02 5.57
C GLU A 49 -7.95 -0.42 5.44
N GLN A 50 -8.80 -1.22 4.82
CA GLN A 50 -8.52 -2.60 4.56
C GLN A 50 -7.33 -2.70 3.60
N VAL A 51 -7.20 -1.74 2.71
CA VAL A 51 -6.30 -1.87 1.60
C VAL A 51 -4.87 -1.62 2.04
N ARG A 52 -4.59 -0.48 2.64
CA ARG A 52 -3.22 -0.21 3.03
C ARG A 52 -2.91 -0.85 4.35
N GLU A 53 -3.85 -0.77 5.29
CA GLU A 53 -3.60 -1.15 6.66
C GLU A 53 -3.58 -2.64 6.83
N LEU A 54 -4.26 -3.36 5.96
CA LEU A 54 -4.23 -4.79 6.09
C LEU A 54 -3.30 -5.39 5.07
N TYR A 55 -3.14 -4.77 3.92
CA TYR A 55 -2.21 -5.33 2.94
C TYR A 55 -0.83 -5.39 3.55
N ARG A 56 -0.56 -4.48 4.46
CA ARG A 56 0.74 -4.43 5.11
C ARG A 56 0.91 -5.48 6.22
N ARG A 57 -0.14 -6.25 6.56
CA ARG A 57 -0.04 -7.13 7.75
C ARG A 57 -0.93 -8.37 7.70
N TYR A 58 -1.96 -8.38 6.87
CA TYR A 58 -2.82 -9.56 6.73
C TYR A 58 -2.67 -10.20 5.33
N PRO A 59 -3.16 -9.57 4.24
CA PRO A 59 -2.85 -10.00 2.87
C PRO A 59 -1.37 -10.26 2.60
N GLU A 60 -0.47 -9.43 3.14
CA GLU A 60 0.96 -9.68 2.99
C GLU A 60 1.50 -10.18 4.31
N GLY A 61 0.62 -10.13 5.29
CA GLY A 61 0.81 -10.86 6.52
C GLY A 61 0.31 -12.27 6.34
N ASP A 62 0.29 -12.67 5.10
CA ASP A 62 -0.12 -13.99 4.71
C ASP A 62 1.00 -14.95 5.08
N PRO A 63 0.73 -16.26 5.17
CA PRO A 63 1.77 -17.29 5.27
C PRO A 63 2.96 -17.02 4.34
N GLN A 64 2.76 -16.16 3.35
CA GLN A 64 3.82 -15.73 2.45
C GLN A 64 4.98 -15.09 3.21
N ALA A 65 4.74 -13.95 3.85
CA ALA A 65 5.85 -13.13 4.28
C ALA A 65 5.63 -12.38 5.61
N THR A 66 5.11 -11.19 5.49
CA THR A 66 5.10 -10.18 6.55
C THR A 66 4.03 -10.49 7.61
N LEU A 67 4.11 -9.79 8.75
CA LEU A 67 3.02 -9.66 9.71
C LEU A 67 3.14 -8.34 10.41
N GLU A 68 4.05 -8.32 11.36
CA GLU A 68 4.30 -7.17 12.21
C GLU A 68 5.49 -6.39 11.66
N ALA A 69 5.82 -6.67 10.40
CA ALA A 69 6.94 -6.03 9.75
C ALA A 69 6.50 -4.84 8.93
N ALA A 70 5.19 -4.58 8.95
CA ALA A 70 4.61 -3.43 8.25
C ALA A 70 5.43 -2.17 8.53
N MET A 1 -13.20 5.64 -8.74
CA MET A 1 -12.69 4.52 -9.56
C MET A 1 -12.09 3.47 -8.62
N SER A 2 -11.37 2.50 -9.17
CA SER A 2 -10.66 1.52 -8.35
C SER A 2 -9.35 2.13 -7.83
N ALA A 3 -9.36 3.43 -7.64
CA ALA A 3 -8.19 4.16 -7.22
C ALA A 3 -8.58 5.29 -6.28
N VAL A 4 -8.62 4.96 -5.00
CA VAL A 4 -8.99 5.92 -3.97
C VAL A 4 -7.77 6.21 -3.11
N GLN A 5 -7.43 7.48 -2.96
CA GLN A 5 -6.29 7.84 -2.17
C GLN A 5 -6.43 7.41 -0.73
N VAL A 6 -5.53 6.53 -0.33
CA VAL A 6 -5.44 6.12 1.04
C VAL A 6 -4.04 5.65 1.34
N LEU A 7 -3.31 5.30 0.30
CA LEU A 7 -2.01 4.74 0.47
C LEU A 7 -1.01 5.64 -0.21
N LYS A 8 0.19 5.67 0.31
CA LYS A 8 1.26 6.38 -0.34
C LYS A 8 2.57 5.79 0.11
N PHE A 9 3.56 5.88 -0.75
CA PHE A 9 4.90 5.39 -0.45
C PHE A 9 5.86 6.56 -0.49
N PRO A 10 6.01 7.20 0.66
CA PRO A 10 6.92 8.31 0.93
C PRO A 10 8.14 8.39 0.04
N LEU A 11 8.06 9.22 -0.99
CA LEU A 11 9.12 9.32 -2.01
C LEU A 11 10.39 9.94 -1.40
N SER A 12 10.23 10.43 -0.19
CA SER A 12 11.26 11.15 0.51
C SER A 12 11.94 10.30 1.57
N VAL A 13 11.57 9.02 1.65
CA VAL A 13 12.09 8.17 2.69
C VAL A 13 12.52 6.84 2.11
N ASP A 14 12.85 5.92 2.99
CA ASP A 14 13.23 4.58 2.60
C ASP A 14 11.98 3.75 2.38
N LEU A 15 11.16 4.23 1.44
CA LEU A 15 9.89 3.63 1.13
C LEU A 15 10.02 2.20 0.63
N ALA A 16 11.23 1.75 0.29
CA ALA A 16 11.43 0.38 -0.19
C ALA A 16 10.81 -0.63 0.75
N GLY A 17 10.64 -0.22 2.00
CA GLY A 17 9.98 -1.04 2.96
C GLY A 17 8.48 -1.13 2.71
N PHE A 18 7.85 -0.01 2.38
CA PHE A 18 6.41 0.00 2.18
C PHE A 18 6.04 -0.14 0.70
N VAL A 19 6.67 0.63 -0.17
CA VAL A 19 6.39 0.55 -1.59
C VAL A 19 6.72 -0.85 -2.03
N GLY A 20 7.76 -1.37 -1.39
CA GLY A 20 8.14 -2.76 -1.56
C GLY A 20 7.11 -3.67 -0.98
N LEU A 21 6.56 -3.28 0.16
CA LEU A 21 5.63 -4.11 0.91
C LEU A 21 4.40 -4.50 0.05
N LEU A 22 3.79 -3.55 -0.65
CA LEU A 22 2.62 -3.89 -1.43
C LEU A 22 3.02 -4.31 -2.82
N ARG A 23 4.18 -3.87 -3.21
CA ARG A 23 4.81 -4.36 -4.44
C ARG A 23 5.11 -5.85 -4.26
N ARG A 24 5.21 -6.24 -3.01
CA ARG A 24 5.40 -7.62 -2.62
C ARG A 24 4.07 -8.35 -2.62
N LEU A 25 3.00 -7.58 -2.46
CA LEU A 25 1.67 -8.14 -2.38
C LEU A 25 1.23 -8.67 -3.75
N ASN A 26 1.38 -7.82 -4.77
CA ASN A 26 1.17 -8.18 -6.18
C ASN A 26 0.98 -6.93 -7.05
N VAL A 27 1.45 -5.79 -6.54
CA VAL A 27 1.44 -4.49 -7.24
C VAL A 27 0.24 -4.32 -8.18
N PRO A 28 -0.96 -4.24 -7.62
CA PRO A 28 -2.20 -4.09 -8.37
C PRO A 28 -2.77 -2.67 -8.34
N HIS A 29 -1.92 -1.68 -8.12
CA HIS A 29 -2.41 -0.38 -7.69
C HIS A 29 -2.03 0.77 -8.62
N ARG A 30 -2.60 1.93 -8.31
CA ARG A 30 -2.26 3.16 -8.99
C ARG A 30 -1.18 3.91 -8.21
N VAL A 31 -0.17 4.38 -8.91
CA VAL A 31 0.88 5.19 -8.33
C VAL A 31 0.88 6.60 -8.92
N SER A 32 0.86 7.57 -8.06
CA SER A 32 0.96 8.96 -8.45
C SER A 32 1.97 9.66 -7.53
N GLU A 33 2.00 10.98 -7.60
CA GLU A 33 2.78 11.78 -6.66
C GLU A 33 1.87 12.89 -6.15
N GLU A 34 1.30 12.63 -4.99
CA GLU A 34 0.20 13.42 -4.46
C GLU A 34 0.55 13.90 -3.06
N SER A 35 0.37 15.21 -2.83
CA SER A 35 0.70 15.86 -1.57
C SER A 35 2.21 15.96 -1.39
N GLY A 36 2.94 15.22 -2.22
CA GLY A 36 4.39 15.23 -2.17
C GLY A 36 4.93 13.87 -2.36
N GLN A 37 4.23 12.88 -1.83
CA GLN A 37 4.76 11.56 -1.76
C GLN A 37 4.19 10.81 -2.90
N GLN A 38 4.82 9.73 -3.24
CA GLN A 38 4.26 8.84 -4.20
C GLN A 38 3.04 8.22 -3.58
N VAL A 39 2.00 8.11 -4.35
CA VAL A 39 0.70 7.92 -3.82
C VAL A 39 -0.05 6.80 -4.52
N LEU A 40 -0.58 5.92 -3.71
CA LEU A 40 -1.09 4.64 -4.15
C LEU A 40 -2.57 4.54 -3.86
N TRP A 41 -3.32 4.25 -4.89
CA TRP A 41 -4.75 4.21 -4.78
C TRP A 41 -5.28 2.85 -5.24
N VAL A 42 -5.70 1.98 -4.33
CA VAL A 42 -6.49 0.80 -4.74
C VAL A 42 -7.67 0.38 -3.84
N PRO A 43 -8.14 1.15 -2.85
CA PRO A 43 -9.27 0.72 -2.04
C PRO A 43 -10.61 1.23 -2.52
N ASP A 44 -11.44 1.58 -1.55
CA ASP A 44 -12.79 2.08 -1.80
C ASP A 44 -13.13 3.22 -0.85
N GLU A 45 -13.42 2.86 0.40
CA GLU A 45 -13.72 3.84 1.44
C GLU A 45 -13.48 3.23 2.81
N ARG A 46 -14.39 2.37 3.25
CA ARG A 46 -14.13 1.54 4.42
C ARG A 46 -12.99 0.60 4.11
N LEU A 47 -12.90 0.23 2.84
CA LEU A 47 -11.86 -0.66 2.36
C LEU A 47 -10.52 0.06 2.35
N ALA A 48 -10.54 1.37 2.08
CA ALA A 48 -9.34 2.21 2.06
C ALA A 48 -8.43 1.92 3.24
N GLU A 49 -9.02 1.82 4.41
CA GLU A 49 -8.26 1.65 5.63
C GLU A 49 -7.64 0.27 5.67
N GLN A 50 -8.42 -0.72 5.27
CA GLN A 50 -7.97 -2.08 5.31
C GLN A 50 -7.00 -2.35 4.16
N VAL A 51 -7.00 -1.49 3.15
CA VAL A 51 -6.25 -1.80 1.95
C VAL A 51 -4.80 -1.48 2.19
N ARG A 52 -4.53 -0.30 2.69
CA ARG A 52 -3.15 0.07 2.93
C ARG A 52 -2.66 -0.49 4.26
N GLU A 53 -3.49 -0.35 5.28
CA GLU A 53 -3.08 -0.67 6.63
C GLU A 53 -3.09 -2.16 6.88
N LEU A 54 -3.85 -2.90 6.11
CA LEU A 54 -3.83 -4.35 6.27
C LEU A 54 -2.97 -5.01 5.22
N TYR A 55 -2.84 -4.42 4.04
CA TYR A 55 -1.88 -4.97 3.08
C TYR A 55 -0.52 -5.05 3.75
N ARG A 56 -0.27 -4.14 4.67
CA ARG A 56 0.99 -4.12 5.40
C ARG A 56 1.07 -5.18 6.50
N ARG A 57 0.03 -6.00 6.68
CA ARG A 57 0.02 -6.91 7.82
C ARG A 57 -0.75 -8.23 7.57
N TYR A 58 -1.86 -8.17 6.87
CA TYR A 58 -2.71 -9.35 6.69
C TYR A 58 -2.78 -9.86 5.24
N PRO A 59 -3.34 -9.12 4.27
CA PRO A 59 -3.27 -9.49 2.86
C PRO A 59 -1.86 -9.86 2.36
N GLU A 60 -0.83 -9.21 2.86
CA GLU A 60 0.54 -9.52 2.44
C GLU A 60 1.17 -10.33 3.52
N GLY A 61 0.80 -10.00 4.75
CA GLY A 61 1.10 -10.84 5.89
C GLY A 61 0.23 -12.08 5.92
N ASP A 62 -0.22 -12.46 4.75
CA ASP A 62 -1.01 -13.65 4.56
C ASP A 62 -0.06 -14.83 4.42
N PRO A 63 -0.52 -16.07 4.72
CA PRO A 63 0.24 -17.28 4.47
C PRO A 63 1.09 -17.24 3.19
N GLN A 64 0.66 -16.44 2.20
CA GLN A 64 1.42 -16.30 0.97
C GLN A 64 2.82 -15.75 1.19
N ALA A 65 2.98 -14.67 1.97
CA ALA A 65 4.29 -14.05 2.03
C ALA A 65 4.64 -13.44 3.39
N THR A 66 4.49 -12.13 3.49
CA THR A 66 4.87 -11.35 4.66
C THR A 66 4.08 -11.79 5.90
N LEU A 67 4.49 -11.27 7.06
CA LEU A 67 3.69 -11.32 8.27
C LEU A 67 4.44 -10.62 9.38
N GLU A 68 5.44 -11.28 9.91
CA GLU A 68 6.27 -10.72 10.96
C GLU A 68 7.55 -10.15 10.37
N ALA A 69 7.51 -9.94 9.07
CA ALA A 69 8.63 -9.38 8.34
C ALA A 69 8.23 -8.07 7.68
N ALA A 70 6.98 -7.67 7.89
CA ALA A 70 6.44 -6.45 7.28
C ALA A 70 7.38 -5.29 7.53
N MET A 1 -12.95 5.95 -7.34
CA MET A 1 -13.52 4.90 -6.51
C MET A 1 -12.42 3.90 -6.17
N SER A 2 -12.00 3.16 -7.19
CA SER A 2 -10.92 2.19 -7.06
C SER A 2 -9.58 2.88 -7.22
N ALA A 3 -9.65 4.19 -7.23
CA ALA A 3 -8.50 5.04 -7.41
C ALA A 3 -8.62 6.24 -6.49
N VAL A 4 -8.74 5.94 -5.22
CA VAL A 4 -8.88 6.97 -4.21
C VAL A 4 -7.65 6.96 -3.31
N GLN A 5 -7.17 8.15 -2.98
CA GLN A 5 -5.95 8.32 -2.21
C GLN A 5 -6.13 7.80 -0.79
N VAL A 6 -5.43 6.72 -0.49
CA VAL A 6 -5.38 6.22 0.88
C VAL A 6 -4.01 5.66 1.19
N LEU A 7 -3.31 5.24 0.18
CA LEU A 7 -2.04 4.60 0.37
C LEU A 7 -0.98 5.47 -0.26
N LYS A 8 0.25 5.37 0.20
CA LYS A 8 1.33 6.09 -0.40
C LYS A 8 2.62 5.35 -0.13
N PHE A 9 3.60 5.56 -0.97
CA PHE A 9 4.91 5.01 -0.80
C PHE A 9 5.87 6.16 -0.76
N PRO A 10 6.13 6.62 0.47
CA PRO A 10 7.02 7.72 0.80
C PRO A 10 8.13 7.97 -0.20
N LEU A 11 7.91 8.92 -1.12
CA LEU A 11 8.84 9.12 -2.23
C LEU A 11 10.16 9.67 -1.71
N SER A 12 10.10 10.13 -0.48
CA SER A 12 11.20 10.81 0.16
C SER A 12 11.99 9.87 1.07
N VAL A 13 11.55 8.61 1.17
CA VAL A 13 12.14 7.67 2.11
C VAL A 13 12.37 6.33 1.44
N ASP A 14 12.88 5.41 2.23
CA ASP A 14 13.11 4.05 1.82
C ASP A 14 11.78 3.29 1.74
N LEU A 15 10.93 3.74 0.84
CA LEU A 15 9.63 3.15 0.62
C LEU A 15 9.72 1.72 0.10
N ALA A 16 10.93 1.25 -0.20
CA ALA A 16 11.10 -0.13 -0.66
C ALA A 16 10.49 -1.11 0.33
N GLY A 17 10.36 -0.66 1.56
CA GLY A 17 9.69 -1.45 2.56
C GLY A 17 8.18 -1.49 2.35
N PHE A 18 7.58 -0.36 1.98
CA PHE A 18 6.13 -0.32 1.83
C PHE A 18 5.72 -0.54 0.38
N VAL A 19 6.33 0.17 -0.55
CA VAL A 19 6.00 -0.02 -1.93
C VAL A 19 6.27 -1.47 -2.26
N GLY A 20 7.32 -1.96 -1.63
CA GLY A 20 7.72 -3.35 -1.77
C GLY A 20 6.73 -4.25 -1.12
N LEU A 21 6.12 -3.77 -0.06
CA LEU A 21 5.17 -4.56 0.70
C LEU A 21 4.00 -4.96 -0.18
N LEU A 22 3.53 -4.01 -0.95
CA LEU A 22 2.34 -4.18 -1.76
C LEU A 22 2.72 -4.61 -3.15
N ARG A 23 3.93 -4.26 -3.50
CA ARG A 23 4.59 -4.79 -4.68
C ARG A 23 4.66 -6.30 -4.57
N ARG A 24 4.78 -6.73 -3.33
CA ARG A 24 4.84 -8.13 -2.99
C ARG A 24 3.47 -8.77 -3.14
N LEU A 25 2.44 -7.95 -3.06
CA LEU A 25 1.08 -8.44 -3.15
C LEU A 25 0.74 -8.75 -4.60
N ASN A 26 0.86 -7.74 -5.48
CA ASN A 26 0.66 -7.90 -6.92
C ASN A 26 0.57 -6.57 -7.66
N VAL A 27 1.10 -5.50 -7.03
CA VAL A 27 1.15 -4.15 -7.64
C VAL A 27 -0.05 -3.85 -8.56
N PRO A 28 -1.25 -3.81 -7.98
CA PRO A 28 -2.51 -3.61 -8.72
C PRO A 28 -3.11 -2.21 -8.61
N HIS A 29 -2.30 -1.17 -8.58
CA HIS A 29 -2.78 0.13 -8.11
C HIS A 29 -2.42 1.31 -8.98
N ARG A 30 -2.95 2.46 -8.57
CA ARG A 30 -2.59 3.73 -9.16
C ARG A 30 -1.47 4.40 -8.36
N VAL A 31 -0.52 4.99 -9.06
CA VAL A 31 0.57 5.73 -8.48
C VAL A 31 0.51 7.19 -8.90
N SER A 32 0.59 8.05 -7.91
CA SER A 32 0.62 9.49 -8.10
C SER A 32 1.66 10.07 -7.14
N GLU A 33 1.65 11.38 -6.92
CA GLU A 33 2.54 11.99 -5.95
C GLU A 33 1.83 13.08 -5.18
N GLU A 34 1.37 12.73 -3.98
CA GLU A 34 0.54 13.64 -3.19
C GLU A 34 1.27 14.04 -1.92
N SER A 35 1.35 15.35 -1.67
CA SER A 35 1.86 15.91 -0.43
C SER A 35 3.37 15.66 -0.24
N GLY A 36 4.02 15.13 -1.26
CA GLY A 36 5.45 14.94 -1.20
C GLY A 36 5.84 13.50 -1.00
N GLN A 37 4.89 12.61 -1.19
CA GLN A 37 5.18 11.21 -1.30
C GLN A 37 4.39 10.65 -2.44
N GLN A 38 4.94 9.63 -3.06
CA GLN A 38 4.24 8.97 -4.10
C GLN A 38 3.07 8.27 -3.49
N VAL A 39 1.98 8.26 -4.17
CA VAL A 39 0.75 7.86 -3.57
C VAL A 39 0.04 6.81 -4.40
N LEU A 40 -0.65 5.96 -3.71
CA LEU A 40 -1.19 4.76 -4.28
C LEU A 40 -2.69 4.73 -3.99
N TRP A 41 -3.45 4.53 -5.05
CA TRP A 41 -4.89 4.65 -4.99
C TRP A 41 -5.53 3.36 -5.49
N VAL A 42 -5.93 2.46 -4.58
CA VAL A 42 -6.76 1.32 -5.00
C VAL A 42 -7.89 0.85 -4.04
N PRO A 43 -8.40 1.64 -3.09
CA PRO A 43 -9.50 1.18 -2.25
C PRO A 43 -10.86 1.67 -2.72
N ASP A 44 -11.62 2.28 -1.80
CA ASP A 44 -12.91 2.90 -2.12
C ASP A 44 -13.19 3.97 -1.09
N GLU A 45 -13.47 3.53 0.13
CA GLU A 45 -13.67 4.40 1.27
C GLU A 45 -13.57 3.58 2.55
N ARG A 46 -14.43 2.57 2.64
CA ARG A 46 -14.35 1.62 3.75
C ARG A 46 -13.24 0.64 3.43
N LEU A 47 -13.04 0.47 2.13
CA LEU A 47 -12.05 -0.43 1.59
C LEU A 47 -10.66 0.14 1.84
N ALA A 48 -10.57 1.46 1.84
CA ALA A 48 -9.32 2.19 2.06
C ALA A 48 -8.49 1.63 3.21
N GLU A 49 -9.16 1.26 4.28
CA GLU A 49 -8.50 0.82 5.49
C GLU A 49 -8.10 -0.63 5.32
N GLN A 50 -8.98 -1.38 4.67
CA GLN A 50 -8.73 -2.76 4.35
C GLN A 50 -7.54 -2.86 3.40
N VAL A 51 -7.37 -1.86 2.55
CA VAL A 51 -6.45 -1.96 1.44
C VAL A 51 -5.03 -1.75 1.93
N ARG A 52 -4.71 -0.60 2.49
CA ARG A 52 -3.34 -0.36 2.89
C ARG A 52 -3.05 -1.00 4.22
N GLU A 53 -4.03 -0.96 5.11
CA GLU A 53 -3.81 -1.29 6.50
C GLU A 53 -3.90 -2.79 6.73
N LEU A 54 -4.54 -3.50 5.84
CA LEU A 54 -4.51 -4.94 5.97
C LEU A 54 -3.56 -5.56 5.00
N TYR A 55 -3.30 -4.92 3.88
CA TYR A 55 -2.35 -5.50 2.94
C TYR A 55 -0.98 -5.51 3.59
N ARG A 56 -0.76 -4.54 4.46
CA ARG A 56 0.50 -4.42 5.17
C ARG A 56 0.68 -5.45 6.30
N ARG A 57 -0.35 -6.24 6.63
CA ARG A 57 -0.25 -7.10 7.82
C ARG A 57 -1.10 -8.36 7.77
N TYR A 58 -2.14 -8.42 6.96
CA TYR A 58 -2.93 -9.63 6.84
C TYR A 58 -2.70 -10.31 5.47
N PRO A 59 -3.26 -9.79 4.34
CA PRO A 59 -2.91 -10.28 3.00
C PRO A 59 -1.42 -10.46 2.73
N GLU A 60 -0.58 -9.57 3.24
CA GLU A 60 0.85 -9.73 3.02
C GLU A 60 1.55 -9.96 4.35
N GLY A 61 0.75 -9.96 5.41
CA GLY A 61 1.16 -10.54 6.66
C GLY A 61 0.81 -12.01 6.63
N ASP A 62 0.67 -12.47 5.40
CA ASP A 62 0.26 -13.82 5.09
C ASP A 62 1.44 -14.74 5.32
N PRO A 63 1.21 -16.06 5.34
CA PRO A 63 2.28 -17.07 5.22
C PRO A 63 3.21 -16.86 4.00
N GLN A 64 3.66 -15.62 3.81
CA GLN A 64 4.58 -15.29 2.73
C GLN A 64 5.61 -14.27 3.20
N ALA A 65 5.15 -13.15 3.75
CA ALA A 65 6.06 -12.03 3.96
C ALA A 65 6.07 -11.53 5.40
N THR A 66 5.18 -10.61 5.72
CA THR A 66 5.27 -9.87 6.95
C THR A 66 4.30 -10.41 8.00
N LEU A 67 4.28 -9.74 9.16
CA LEU A 67 3.32 -10.01 10.23
C LEU A 67 3.77 -9.27 11.48
N GLU A 68 3.13 -8.13 11.76
CA GLU A 68 3.55 -7.23 12.84
C GLU A 68 4.99 -6.78 12.62
N ALA A 69 5.37 -6.75 11.36
CA ALA A 69 6.71 -6.36 10.96
C ALA A 69 6.64 -5.41 9.78
N ALA A 70 5.42 -5.00 9.46
CA ALA A 70 5.13 -4.11 8.33
C ALA A 70 6.14 -2.96 8.28
N MET A 1 -11.90 5.71 -10.06
CA MET A 1 -12.62 4.69 -9.30
C MET A 1 -11.71 3.50 -9.06
N SER A 2 -12.05 2.70 -8.04
CA SER A 2 -11.22 1.57 -7.60
C SER A 2 -9.76 2.00 -7.41
N ALA A 3 -9.59 3.28 -7.10
CA ALA A 3 -8.28 3.88 -6.93
C ALA A 3 -8.40 5.16 -6.11
N VAL A 4 -8.54 4.99 -4.81
CA VAL A 4 -8.74 6.10 -3.91
C VAL A 4 -7.50 6.33 -3.07
N GLN A 5 -7.14 7.59 -2.91
CA GLN A 5 -5.96 7.97 -2.14
C GLN A 5 -6.12 7.51 -0.71
N VAL A 6 -5.34 6.51 -0.34
CA VAL A 6 -5.31 6.02 1.02
C VAL A 6 -3.92 5.54 1.35
N LEU A 7 -3.18 5.21 0.33
CA LEU A 7 -1.89 4.62 0.51
C LEU A 7 -0.86 5.55 -0.07
N LYS A 8 0.37 5.49 0.42
CA LYS A 8 1.45 6.25 -0.16
C LYS A 8 2.77 5.60 0.15
N PHE A 9 3.70 5.78 -0.76
CA PHE A 9 5.04 5.26 -0.61
C PHE A 9 6.00 6.43 -0.65
N PRO A 10 6.28 6.97 0.55
CA PRO A 10 7.18 8.09 0.78
C PRO A 10 8.28 8.27 -0.25
N LEU A 11 8.05 9.14 -1.23
CA LEU A 11 9.00 9.35 -2.32
C LEU A 11 10.26 10.01 -1.80
N SER A 12 10.18 10.45 -0.56
CA SER A 12 11.25 11.15 0.10
C SER A 12 12.09 10.24 1.00
N VAL A 13 11.78 8.94 1.04
CA VAL A 13 12.49 8.04 1.95
C VAL A 13 12.77 6.73 1.26
N ASP A 14 13.29 5.80 2.03
CA ASP A 14 13.53 4.44 1.57
C ASP A 14 12.21 3.69 1.53
N LEU A 15 11.33 4.18 0.69
CA LEU A 15 10.02 3.62 0.47
C LEU A 15 10.07 2.18 0.02
N ALA A 16 11.24 1.71 -0.38
CA ALA A 16 11.40 0.33 -0.84
C ALA A 16 10.82 -0.66 0.18
N GLY A 17 10.73 -0.20 1.43
CA GLY A 17 10.10 -0.99 2.45
C GLY A 17 8.59 -1.06 2.29
N PHE A 18 7.95 0.06 1.94
CA PHE A 18 6.50 0.07 1.81
C PHE A 18 6.07 -0.13 0.36
N VAL A 19 6.66 0.62 -0.56
CA VAL A 19 6.31 0.50 -1.94
C VAL A 19 6.65 -0.90 -2.37
N GLY A 20 7.69 -1.40 -1.74
CA GLY A 20 8.10 -2.76 -1.89
C GLY A 20 7.10 -3.68 -1.25
N LEU A 21 6.61 -3.28 -0.09
CA LEU A 21 5.71 -4.12 0.70
C LEU A 21 4.51 -4.59 -0.12
N LEU A 22 3.82 -3.68 -0.80
CA LEU A 22 2.67 -4.09 -1.57
C LEU A 22 3.05 -4.52 -2.97
N ARG A 23 4.17 -4.02 -3.42
CA ARG A 23 4.81 -4.48 -4.64
C ARG A 23 5.11 -5.97 -4.51
N ARG A 24 5.39 -6.34 -3.26
CA ARG A 24 5.68 -7.70 -2.87
C ARG A 24 4.40 -8.50 -2.80
N LEU A 25 3.30 -7.78 -2.65
CA LEU A 25 2.03 -8.41 -2.40
C LEU A 25 1.41 -8.90 -3.70
N ASN A 26 1.37 -7.99 -4.69
CA ASN A 26 0.75 -8.26 -5.98
C ASN A 26 0.67 -7.01 -6.86
N VAL A 27 1.14 -5.87 -6.32
CA VAL A 27 1.16 -4.56 -7.03
C VAL A 27 -0.01 -4.39 -8.03
N PRO A 28 -1.22 -4.31 -7.48
CA PRO A 28 -2.46 -4.15 -8.24
C PRO A 28 -3.07 -2.74 -8.14
N HIS A 29 -2.23 -1.73 -8.11
CA HIS A 29 -2.68 -0.42 -7.64
C HIS A 29 -2.31 0.72 -8.57
N ARG A 30 -2.70 1.91 -8.17
CA ARG A 30 -2.34 3.14 -8.85
C ARG A 30 -1.29 3.91 -8.06
N VAL A 31 -0.29 4.40 -8.77
CA VAL A 31 0.74 5.25 -8.20
C VAL A 31 0.59 6.68 -8.72
N SER A 32 0.57 7.62 -7.80
CA SER A 32 0.49 9.03 -8.13
C SER A 32 1.33 9.81 -7.13
N GLU A 33 1.17 11.12 -7.06
CA GLU A 33 1.87 11.92 -6.05
C GLU A 33 0.88 12.81 -5.30
N GLU A 34 0.86 12.68 -3.99
CA GLU A 34 -0.01 13.51 -3.16
C GLU A 34 0.79 14.20 -2.06
N SER A 35 0.88 15.52 -2.18
CA SER A 35 1.35 16.40 -1.10
C SER A 35 2.83 16.21 -0.76
N GLY A 36 3.52 15.37 -1.51
CA GLY A 36 4.94 15.20 -1.30
C GLY A 36 5.29 13.75 -1.07
N GLN A 37 4.33 12.89 -1.29
CA GLN A 37 4.55 11.47 -1.24
C GLN A 37 4.06 10.88 -2.53
N GLN A 38 4.73 9.86 -3.02
CA GLN A 38 4.13 9.05 -4.03
C GLN A 38 3.01 8.34 -3.34
N VAL A 39 1.87 8.27 -3.94
CA VAL A 39 0.74 7.73 -3.23
C VAL A 39 0.02 6.72 -4.07
N LEU A 40 -0.52 5.76 -3.39
CA LEU A 40 -1.06 4.58 -3.98
C LEU A 40 -2.55 4.55 -3.73
N TRP A 41 -3.28 4.26 -4.78
CA TRP A 41 -4.72 4.31 -4.70
C TRP A 41 -5.30 3.01 -5.20
N VAL A 42 -5.75 2.15 -4.32
CA VAL A 42 -6.50 0.99 -4.80
C VAL A 42 -7.67 0.48 -3.90
N PRO A 43 -8.29 1.30 -3.01
CA PRO A 43 -9.54 0.94 -2.37
C PRO A 43 -10.76 1.70 -2.92
N ASP A 44 -11.71 1.96 -2.02
CA ASP A 44 -12.90 2.77 -2.34
C ASP A 44 -13.15 3.79 -1.22
N GLU A 45 -13.63 3.34 -0.07
CA GLU A 45 -13.71 4.21 1.12
C GLU A 45 -13.58 3.40 2.42
N ARG A 46 -14.37 2.34 2.57
CA ARG A 46 -14.23 1.46 3.74
C ARG A 46 -13.06 0.53 3.49
N LEU A 47 -12.87 0.23 2.23
CA LEU A 47 -11.82 -0.65 1.77
C LEU A 47 -10.47 0.04 1.95
N ALA A 48 -10.49 1.37 1.90
CA ALA A 48 -9.30 2.21 2.04
C ALA A 48 -8.40 1.73 3.17
N GLU A 49 -9.02 1.48 4.31
CA GLU A 49 -8.27 1.09 5.50
C GLU A 49 -7.75 -0.32 5.34
N GLN A 50 -8.58 -1.17 4.77
CA GLN A 50 -8.23 -2.56 4.61
C GLN A 50 -7.14 -2.70 3.57
N VAL A 51 -7.02 -1.73 2.69
CA VAL A 51 -6.20 -1.93 1.52
C VAL A 51 -4.76 -1.57 1.88
N ARG A 52 -4.56 -0.40 2.41
CA ARG A 52 -3.22 0.01 2.74
C ARG A 52 -2.80 -0.57 4.09
N GLU A 53 -3.71 -0.55 5.05
CA GLU A 53 -3.38 -0.93 6.41
C GLU A 53 -3.36 -2.42 6.60
N LEU A 54 -4.11 -3.15 5.80
CA LEU A 54 -4.07 -4.60 5.94
C LEU A 54 -3.10 -5.20 4.96
N TYR A 55 -2.85 -4.55 3.85
CA TYR A 55 -1.83 -5.06 2.94
C TYR A 55 -0.50 -5.10 3.66
N ARG A 56 -0.32 -4.16 4.59
CA ARG A 56 0.92 -4.08 5.36
C ARG A 56 1.02 -5.18 6.45
N ARG A 57 -0.03 -5.98 6.68
CA ARG A 57 -0.02 -6.86 7.85
C ARG A 57 -0.85 -8.12 7.68
N TYR A 58 -1.99 -8.01 7.01
CA TYR A 58 -2.87 -9.15 6.83
C TYR A 58 -2.65 -9.80 5.46
N PRO A 59 -3.24 -9.30 4.33
CA PRO A 59 -2.94 -9.78 2.97
C PRO A 59 -1.49 -10.24 2.72
N GLU A 60 -0.52 -9.44 3.13
CA GLU A 60 0.87 -9.82 2.91
C GLU A 60 1.26 -10.99 3.79
N GLY A 61 0.93 -10.88 5.05
CA GLY A 61 1.20 -11.95 5.99
C GLY A 61 0.27 -13.12 5.81
N ASP A 62 -0.66 -12.96 4.90
CA ASP A 62 -1.65 -13.99 4.60
C ASP A 62 -1.07 -14.91 3.56
N PRO A 63 -1.11 -16.24 3.80
CA PRO A 63 -0.25 -17.25 3.21
C PRO A 63 0.79 -16.71 2.24
N GLN A 64 1.64 -15.84 2.77
CA GLN A 64 2.71 -15.21 2.04
C GLN A 64 3.85 -14.87 2.99
N ALA A 65 3.67 -13.84 3.83
CA ALA A 65 4.80 -13.39 4.65
C ALA A 65 4.44 -12.33 5.71
N THR A 66 4.42 -11.07 5.29
CA THR A 66 4.48 -9.92 6.17
C THR A 66 3.32 -9.81 7.19
N LEU A 67 3.61 -10.12 8.45
CA LEU A 67 2.68 -9.87 9.53
C LEU A 67 3.18 -8.69 10.36
N GLU A 68 4.26 -8.95 11.05
CA GLU A 68 4.85 -7.98 11.95
C GLU A 68 6.21 -7.54 11.43
N ALA A 69 6.31 -7.54 10.11
CA ALA A 69 7.51 -7.11 9.43
C ALA A 69 7.28 -5.77 8.75
N ALA A 70 6.03 -5.29 8.85
CA ALA A 70 5.60 -4.06 8.20
C ALA A 70 6.62 -2.94 8.40
N MET A 1 -14.39 6.42 -6.28
CA MET A 1 -14.49 4.98 -6.43
C MET A 1 -13.42 4.44 -7.36
N SER A 2 -12.85 3.29 -7.00
CA SER A 2 -11.80 2.66 -7.79
C SER A 2 -10.53 3.51 -7.79
N ALA A 3 -9.59 3.11 -6.95
CA ALA A 3 -8.32 3.81 -6.80
C ALA A 3 -8.52 5.19 -6.17
N VAL A 4 -8.50 5.20 -4.86
CA VAL A 4 -8.68 6.42 -4.10
C VAL A 4 -7.47 6.63 -3.19
N GLN A 5 -7.16 7.88 -2.92
CA GLN A 5 -6.01 8.21 -2.10
C GLN A 5 -6.25 7.73 -0.68
N VAL A 6 -5.52 6.69 -0.32
CA VAL A 6 -5.55 6.16 1.03
C VAL A 6 -4.18 5.67 1.41
N LEU A 7 -3.41 5.34 0.40
CA LEU A 7 -2.12 4.76 0.61
C LEU A 7 -1.08 5.71 0.04
N LYS A 8 0.13 5.64 0.56
CA LYS A 8 1.23 6.37 0.02
C LYS A 8 2.52 5.69 0.44
N PHE A 9 3.50 5.74 -0.42
CA PHE A 9 4.80 5.18 -0.17
C PHE A 9 5.85 6.27 -0.26
N PRO A 10 6.16 6.84 0.89
CA PRO A 10 7.16 7.89 1.10
C PRO A 10 8.26 7.97 0.05
N LEU A 11 8.10 8.90 -0.89
CA LEU A 11 9.05 9.04 -2.01
C LEU A 11 10.40 9.53 -1.52
N SER A 12 10.42 9.89 -0.25
CA SER A 12 11.56 10.52 0.37
C SER A 12 12.35 9.55 1.23
N VAL A 13 11.83 8.35 1.42
CA VAL A 13 12.40 7.44 2.40
C VAL A 13 12.71 6.11 1.75
N ASP A 14 13.11 5.18 2.58
CA ASP A 14 13.36 3.81 2.15
C ASP A 14 12.04 3.08 1.93
N LEU A 15 11.26 3.65 1.01
CA LEU A 15 9.94 3.18 0.70
C LEU A 15 9.93 1.74 0.20
N ALA A 16 11.05 1.24 -0.33
CA ALA A 16 11.18 -0.16 -0.78
C ALA A 16 10.62 -1.15 0.23
N GLY A 17 10.41 -0.68 1.45
CA GLY A 17 9.84 -1.51 2.47
C GLY A 17 8.33 -1.59 2.35
N PHE A 18 7.71 -0.45 2.03
CA PHE A 18 6.26 -0.41 1.87
C PHE A 18 5.89 -0.55 0.40
N VAL A 19 6.58 0.18 -0.45
CA VAL A 19 6.37 0.13 -1.87
C VAL A 19 6.60 -1.28 -2.32
N GLY A 20 7.58 -1.89 -1.70
CA GLY A 20 7.87 -3.27 -1.90
C GLY A 20 6.76 -4.10 -1.35
N LEU A 21 6.27 -3.70 -0.18
CA LEU A 21 5.30 -4.49 0.56
C LEU A 21 4.06 -4.80 -0.27
N LEU A 22 3.49 -3.79 -0.93
CA LEU A 22 2.26 -4.05 -1.68
C LEU A 22 2.57 -4.47 -3.10
N ARG A 23 3.73 -4.07 -3.56
CA ARG A 23 4.23 -4.51 -4.84
C ARG A 23 4.47 -6.02 -4.77
N ARG A 24 4.72 -6.46 -3.55
CA ARG A 24 4.90 -7.86 -3.24
C ARG A 24 3.56 -8.56 -3.23
N LEU A 25 2.53 -7.78 -2.96
CA LEU A 25 1.20 -8.32 -2.72
C LEU A 25 0.54 -8.76 -4.01
N ASN A 26 0.65 -7.93 -5.04
CA ASN A 26 -0.07 -8.12 -6.29
C ASN A 26 0.09 -6.92 -7.20
N VAL A 27 0.60 -5.82 -6.62
CA VAL A 27 0.75 -4.53 -7.32
C VAL A 27 -0.36 -4.29 -8.39
N PRO A 28 -1.61 -4.23 -7.92
CA PRO A 28 -2.79 -3.99 -8.74
C PRO A 28 -3.34 -2.57 -8.59
N HIS A 29 -2.45 -1.60 -8.49
CA HIS A 29 -2.83 -0.32 -7.93
C HIS A 29 -2.29 0.88 -8.72
N ARG A 30 -2.65 2.07 -8.25
CA ARG A 30 -2.24 3.33 -8.88
C ARG A 30 -1.19 4.04 -8.04
N VAL A 31 -0.10 4.44 -8.70
CA VAL A 31 0.96 5.20 -8.06
C VAL A 31 1.03 6.61 -8.62
N SER A 32 0.99 7.59 -7.74
CA SER A 32 1.11 8.98 -8.11
C SER A 32 2.08 9.66 -7.16
N GLU A 33 2.16 10.98 -7.24
CA GLU A 33 2.91 11.76 -6.26
C GLU A 33 1.99 12.84 -5.71
N GLU A 34 1.42 12.56 -4.56
CA GLU A 34 0.41 13.40 -3.98
C GLU A 34 0.86 13.94 -2.63
N SER A 35 0.63 15.24 -2.40
CA SER A 35 1.03 15.94 -1.18
C SER A 35 2.56 16.11 -1.11
N GLY A 36 3.26 15.00 -1.23
CA GLY A 36 4.71 15.01 -1.19
C GLY A 36 5.27 13.67 -0.79
N GLN A 37 4.51 12.62 -1.05
CA GLN A 37 5.01 11.28 -1.08
C GLN A 37 4.42 10.66 -2.30
N GLN A 38 4.96 9.55 -2.74
CA GLN A 38 4.30 8.79 -3.77
C GLN A 38 3.06 8.24 -3.16
N VAL A 39 1.98 8.29 -3.87
CA VAL A 39 0.72 8.00 -3.29
C VAL A 39 -0.03 6.97 -4.09
N LEU A 40 -0.54 6.02 -3.36
CA LEU A 40 -1.06 4.81 -3.89
C LEU A 40 -2.57 4.75 -3.68
N TRP A 41 -3.27 4.55 -4.77
CA TRP A 41 -4.72 4.59 -4.74
C TRP A 41 -5.24 3.29 -5.30
N VAL A 42 -5.77 2.40 -4.46
CA VAL A 42 -6.52 1.27 -5.02
C VAL A 42 -7.69 0.70 -4.16
N PRO A 43 -8.30 1.44 -3.21
CA PRO A 43 -9.52 0.99 -2.58
C PRO A 43 -10.76 1.76 -3.03
N ASP A 44 -11.65 2.02 -2.07
CA ASP A 44 -12.85 2.81 -2.31
C ASP A 44 -13.03 3.81 -1.16
N GLU A 45 -13.61 3.35 -0.07
CA GLU A 45 -13.74 4.16 1.14
C GLU A 45 -13.64 3.27 2.38
N ARG A 46 -14.65 2.43 2.59
CA ARG A 46 -14.58 1.47 3.70
C ARG A 46 -13.44 0.49 3.44
N LEU A 47 -13.20 0.25 2.16
CA LEU A 47 -12.19 -0.68 1.71
C LEU A 47 -10.80 -0.06 1.88
N ALA A 48 -10.73 1.26 1.71
CA ALA A 48 -9.49 2.03 1.83
C ALA A 48 -8.66 1.62 3.05
N GLU A 49 -9.33 1.35 4.15
CA GLU A 49 -8.64 1.00 5.38
C GLU A 49 -8.13 -0.43 5.27
N GLN A 50 -8.98 -1.29 4.78
CA GLN A 50 -8.65 -2.67 4.54
C GLN A 50 -7.48 -2.79 3.56
N VAL A 51 -7.38 -1.81 2.66
CA VAL A 51 -6.50 -1.97 1.52
C VAL A 51 -5.08 -1.66 1.93
N ARG A 52 -4.81 -0.47 2.40
CA ARG A 52 -3.46 -0.11 2.73
C ARG A 52 -3.08 -0.60 4.11
N GLU A 53 -4.05 -0.59 5.01
CA GLU A 53 -3.77 -0.90 6.40
C GLU A 53 -3.68 -2.37 6.66
N LEU A 54 -4.37 -3.17 5.88
CA LEU A 54 -4.28 -4.60 6.10
C LEU A 54 -3.37 -5.23 5.11
N TYR A 55 -3.20 -4.64 3.96
CA TYR A 55 -2.26 -5.19 3.01
C TYR A 55 -0.88 -5.10 3.61
N ARG A 56 -0.63 -4.06 4.40
CA ARG A 56 0.68 -3.91 5.01
C ARG A 56 0.94 -4.89 6.18
N ARG A 57 -0.03 -5.72 6.55
CA ARG A 57 0.16 -6.54 7.75
C ARG A 57 -0.59 -7.86 7.70
N TYR A 58 -1.78 -7.86 7.14
CA TYR A 58 -2.57 -9.07 7.10
C TYR A 58 -2.39 -9.78 5.75
N PRO A 59 -3.12 -9.43 4.65
CA PRO A 59 -2.89 -10.00 3.30
C PRO A 59 -1.42 -10.24 2.89
N GLU A 60 -0.52 -9.32 3.19
CA GLU A 60 0.88 -9.48 2.78
C GLU A 60 1.67 -10.10 3.92
N GLY A 61 1.13 -9.96 5.12
CA GLY A 61 1.66 -10.68 6.25
C GLY A 61 1.08 -12.07 6.29
N ASP A 62 0.39 -12.38 5.21
CA ASP A 62 -0.41 -13.59 5.10
C ASP A 62 0.27 -14.55 4.17
N PRO A 63 0.60 -15.76 4.67
CA PRO A 63 1.60 -16.67 4.14
C PRO A 63 2.24 -16.19 2.85
N GLN A 64 2.96 -15.08 2.99
CA GLN A 64 3.52 -14.35 1.87
C GLN A 64 4.87 -13.80 2.24
N ALA A 65 4.87 -12.82 3.15
CA ALA A 65 6.12 -12.16 3.49
C ALA A 65 6.08 -11.50 4.86
N THR A 66 5.35 -10.41 4.95
CA THR A 66 5.43 -9.54 6.12
C THR A 66 4.55 -10.07 7.26
N LEU A 67 4.25 -9.20 8.23
CA LEU A 67 3.31 -9.48 9.30
C LEU A 67 3.36 -8.37 10.34
N GLU A 68 4.16 -8.58 11.39
CA GLU A 68 4.37 -7.55 12.39
C GLU A 68 5.71 -6.90 12.20
N ALA A 69 6.41 -7.42 11.21
CA ALA A 69 7.68 -6.85 10.78
C ALA A 69 7.41 -5.72 9.80
N ALA A 70 6.12 -5.52 9.51
CA ALA A 70 5.65 -4.52 8.55
C ALA A 70 6.44 -3.24 8.66
N MET A 1 -13.08 6.70 -8.22
CA MET A 1 -14.05 5.71 -7.79
C MET A 1 -13.35 4.56 -7.08
N SER A 2 -12.53 3.83 -7.83
CA SER A 2 -11.77 2.72 -7.28
C SER A 2 -10.29 3.10 -7.24
N ALA A 3 -10.05 4.39 -7.26
CA ALA A 3 -8.71 4.95 -7.23
C ALA A 3 -8.71 6.22 -6.43
N VAL A 4 -8.79 6.04 -5.14
CA VAL A 4 -8.86 7.15 -4.21
C VAL A 4 -7.63 7.16 -3.30
N GLN A 5 -7.14 8.34 -3.04
CA GLN A 5 -5.94 8.55 -2.25
C GLN A 5 -6.16 8.05 -0.82
N VAL A 6 -5.48 6.98 -0.46
CA VAL A 6 -5.49 6.52 0.92
C VAL A 6 -4.15 5.96 1.34
N LEU A 7 -3.43 5.45 0.37
CA LEU A 7 -2.18 4.78 0.65
C LEU A 7 -1.08 5.59 0.02
N LYS A 8 0.10 5.57 0.59
CA LYS A 8 1.23 6.22 0.01
C LYS A 8 2.51 5.47 0.33
N PHE A 9 3.46 5.55 -0.58
CA PHE A 9 4.78 4.97 -0.38
C PHE A 9 5.80 6.11 -0.35
N PRO A 10 6.04 6.62 0.86
CA PRO A 10 6.95 7.72 1.16
C PRO A 10 8.12 7.90 0.19
N LEU A 11 7.97 8.83 -0.75
CA LEU A 11 9.02 9.07 -1.76
C LEU A 11 10.25 9.69 -1.10
N SER A 12 10.10 9.98 0.18
CA SER A 12 11.09 10.65 0.97
C SER A 12 11.87 9.69 1.85
N VAL A 13 11.55 8.40 1.80
CA VAL A 13 12.17 7.45 2.70
C VAL A 13 12.57 6.20 1.93
N ASP A 14 13.05 5.23 2.68
CA ASP A 14 13.43 3.96 2.12
C ASP A 14 12.18 3.10 1.94
N LEU A 15 11.30 3.61 1.10
CA LEU A 15 10.00 3.04 0.85
C LEU A 15 10.04 1.65 0.25
N ALA A 16 11.23 1.13 -0.05
CA ALA A 16 11.34 -0.24 -0.56
C ALA A 16 10.68 -1.21 0.41
N GLY A 17 10.56 -0.78 1.65
CA GLY A 17 9.88 -1.56 2.64
C GLY A 17 8.38 -1.57 2.43
N PHE A 18 7.78 -0.42 2.16
CA PHE A 18 6.33 -0.35 2.02
C PHE A 18 5.91 -0.48 0.56
N VAL A 19 6.57 0.25 -0.33
CA VAL A 19 6.24 0.18 -1.73
C VAL A 19 6.48 -1.25 -2.16
N GLY A 20 7.49 -1.84 -1.52
CA GLY A 20 7.82 -3.24 -1.71
C GLY A 20 6.78 -4.12 -1.10
N LEU A 21 6.28 -3.71 0.05
CA LEU A 21 5.27 -4.49 0.77
C LEU A 21 4.06 -4.77 -0.11
N LEU A 22 3.62 -3.75 -0.82
CA LEU A 22 2.42 -3.87 -1.63
C LEU A 22 2.77 -4.32 -3.04
N ARG A 23 4.01 -4.03 -3.40
CA ARG A 23 4.62 -4.55 -4.61
C ARG A 23 4.68 -6.07 -4.51
N ARG A 24 4.77 -6.51 -3.27
CA ARG A 24 4.83 -7.90 -2.91
C ARG A 24 3.49 -8.57 -3.10
N LEU A 25 2.45 -7.79 -2.86
CA LEU A 25 1.09 -8.29 -2.94
C LEU A 25 0.74 -8.65 -4.37
N ASN A 26 0.97 -7.69 -5.28
CA ASN A 26 0.78 -7.85 -6.74
C ASN A 26 0.58 -6.51 -7.43
N VAL A 27 0.98 -5.43 -6.73
CA VAL A 27 0.93 -4.05 -7.24
C VAL A 27 -0.23 -3.80 -8.24
N PRO A 28 -1.46 -3.91 -7.73
CA PRO A 28 -2.70 -3.76 -8.53
C PRO A 28 -3.29 -2.35 -8.44
N HIS A 29 -2.45 -1.35 -8.29
CA HIS A 29 -2.94 -0.05 -7.85
C HIS A 29 -2.42 1.10 -8.68
N ARG A 30 -2.93 2.29 -8.37
CA ARG A 30 -2.46 3.50 -9.00
C ARG A 30 -1.36 4.14 -8.16
N VAL A 31 -0.23 4.41 -8.79
CA VAL A 31 0.85 5.18 -8.18
C VAL A 31 0.87 6.59 -8.75
N SER A 32 0.81 7.57 -7.89
CA SER A 32 0.85 8.96 -8.31
C SER A 32 1.54 9.78 -7.23
N GLU A 33 2.39 10.71 -7.62
CA GLU A 33 3.09 11.50 -6.63
C GLU A 33 2.16 12.60 -6.15
N GLU A 34 1.54 12.31 -5.02
CA GLU A 34 0.44 13.11 -4.51
C GLU A 34 0.91 13.91 -3.30
N SER A 35 0.91 15.24 -3.46
CA SER A 35 1.29 16.20 -2.43
C SER A 35 2.81 16.20 -2.20
N GLY A 36 3.34 15.09 -1.74
CA GLY A 36 4.74 15.00 -1.40
C GLY A 36 5.11 13.64 -0.90
N GLN A 37 4.39 12.66 -1.39
CA GLN A 37 4.74 11.26 -1.25
C GLN A 37 4.22 10.59 -2.49
N GLN A 38 4.85 9.50 -2.89
CA GLN A 38 4.27 8.71 -3.91
C GLN A 38 3.08 8.06 -3.30
N VAL A 39 2.00 8.04 -4.01
CA VAL A 39 0.76 7.70 -3.39
C VAL A 39 -0.02 6.71 -4.22
N LEU A 40 -0.67 5.84 -3.52
CA LEU A 40 -1.28 4.66 -4.05
C LEU A 40 -2.78 4.75 -3.85
N TRP A 41 -3.51 4.59 -4.95
CA TRP A 41 -4.93 4.77 -4.94
C TRP A 41 -5.62 3.51 -5.46
N VAL A 42 -6.09 2.62 -4.57
CA VAL A 42 -7.01 1.56 -5.04
C VAL A 42 -8.18 1.18 -4.11
N PRO A 43 -8.65 2.00 -3.18
CA PRO A 43 -9.80 1.64 -2.38
C PRO A 43 -11.05 2.43 -2.76
N ASP A 44 -11.96 2.52 -1.80
CA ASP A 44 -13.19 3.28 -1.97
C ASP A 44 -13.32 4.24 -0.79
N GLU A 45 -13.58 3.66 0.37
CA GLU A 45 -13.69 4.41 1.61
C GLU A 45 -13.48 3.45 2.77
N ARG A 46 -14.44 2.55 2.96
CA ARG A 46 -14.27 1.46 3.92
C ARG A 46 -13.13 0.55 3.48
N LEU A 47 -13.00 0.37 2.17
CA LEU A 47 -11.97 -0.50 1.62
C LEU A 47 -10.60 0.13 1.86
N ALA A 48 -10.53 1.46 1.80
CA ALA A 48 -9.29 2.19 2.05
C ALA A 48 -8.54 1.67 3.27
N GLU A 49 -9.28 1.31 4.31
CA GLU A 49 -8.71 0.84 5.55
C GLU A 49 -8.19 -0.57 5.34
N GLN A 50 -9.01 -1.36 4.68
CA GLN A 50 -8.65 -2.71 4.31
C GLN A 50 -7.42 -2.72 3.41
N VAL A 51 -7.29 -1.68 2.60
CA VAL A 51 -6.35 -1.70 1.51
C VAL A 51 -4.94 -1.54 2.04
N ARG A 52 -4.66 -0.51 2.80
CA ARG A 52 -3.32 -0.41 3.33
C ARG A 52 -3.20 -1.29 4.55
N GLU A 53 -4.11 -1.07 5.49
CA GLU A 53 -4.00 -1.62 6.82
C GLU A 53 -4.06 -3.13 6.85
N LEU A 54 -4.58 -3.75 5.83
CA LEU A 54 -4.46 -5.19 5.76
C LEU A 54 -3.41 -5.63 4.78
N TYR A 55 -3.18 -4.89 3.73
CA TYR A 55 -2.17 -5.33 2.78
C TYR A 55 -0.83 -5.30 3.46
N ARG A 56 -0.69 -4.39 4.41
CA ARG A 56 0.57 -4.24 5.12
C ARG A 56 0.76 -5.28 6.23
N ARG A 57 -0.24 -6.12 6.53
CA ARG A 57 -0.11 -7.00 7.69
C ARG A 57 -0.89 -8.32 7.59
N TYR A 58 -1.89 -8.41 6.72
CA TYR A 58 -2.67 -9.64 6.62
C TYR A 58 -2.53 -10.30 5.23
N PRO A 59 -3.15 -9.76 4.15
CA PRO A 59 -2.86 -10.20 2.77
C PRO A 59 -1.38 -10.36 2.42
N GLU A 60 -0.52 -9.45 2.87
CA GLU A 60 0.91 -9.56 2.59
C GLU A 60 1.63 -9.92 3.86
N GLY A 61 0.96 -9.68 4.96
CA GLY A 61 1.31 -10.33 6.21
C GLY A 61 0.82 -11.76 6.21
N ASP A 62 0.76 -12.29 5.01
CA ASP A 62 0.37 -13.65 4.75
C ASP A 62 1.55 -14.55 5.10
N PRO A 63 1.31 -15.83 5.38
CA PRO A 63 2.37 -16.83 5.49
C PRO A 63 3.47 -16.65 4.43
N GLN A 64 3.11 -15.99 3.33
CA GLN A 64 4.05 -15.66 2.26
C GLN A 64 5.25 -14.88 2.78
N ALA A 65 5.01 -13.67 3.29
CA ALA A 65 6.12 -12.77 3.51
C ALA A 65 6.00 -11.94 4.77
N THR A 66 5.42 -10.76 4.61
CA THR A 66 5.28 -9.79 5.66
C THR A 66 4.37 -10.34 6.77
N LEU A 67 4.29 -9.62 7.89
CA LEU A 67 3.38 -9.90 8.99
C LEU A 67 3.75 -9.03 10.17
N GLU A 68 4.76 -9.46 10.89
CA GLU A 68 5.34 -8.66 11.97
C GLU A 68 6.67 -8.12 11.52
N ALA A 69 7.04 -8.55 10.34
CA ALA A 69 8.26 -8.10 9.68
C ALA A 69 7.96 -6.96 8.74
N ALA A 70 6.72 -6.49 8.80
CA ALA A 70 6.22 -5.39 7.97
C ALA A 70 7.29 -4.32 7.79
N MET A 1 -12.63 6.01 -8.82
CA MET A 1 -13.30 4.71 -8.95
C MET A 1 -12.32 3.57 -8.74
N SER A 2 -12.51 2.82 -7.65
CA SER A 2 -11.63 1.72 -7.24
C SER A 2 -10.17 2.18 -7.19
N ALA A 3 -9.99 3.47 -6.98
CA ALA A 3 -8.67 4.08 -6.97
C ALA A 3 -8.70 5.38 -6.19
N VAL A 4 -8.79 5.23 -4.88
CA VAL A 4 -8.88 6.37 -4.00
C VAL A 4 -7.53 6.61 -3.33
N GLN A 5 -7.09 7.86 -3.34
CA GLN A 5 -5.86 8.21 -2.66
C GLN A 5 -6.02 7.91 -1.18
N VAL A 6 -5.32 6.90 -0.73
CA VAL A 6 -5.36 6.51 0.66
C VAL A 6 -4.04 5.95 1.09
N LEU A 7 -3.32 5.44 0.13
CA LEU A 7 -2.07 4.79 0.41
C LEU A 7 -1.02 5.64 -0.25
N LYS A 8 0.17 5.61 0.28
CA LYS A 8 1.24 6.32 -0.33
C LYS A 8 2.55 5.70 0.07
N PHE A 9 3.51 5.83 -0.78
CA PHE A 9 4.83 5.32 -0.53
C PHE A 9 5.82 6.48 -0.56
N PRO A 10 5.94 7.12 0.62
CA PRO A 10 6.85 8.23 0.89
C PRO A 10 8.05 8.36 -0.03
N LEU A 11 7.95 9.23 -1.03
CA LEU A 11 8.97 9.36 -2.08
C LEU A 11 10.26 9.95 -1.49
N SER A 12 10.16 10.38 -0.25
CA SER A 12 11.23 11.05 0.44
C SER A 12 11.97 10.11 1.41
N VAL A 13 11.50 8.87 1.56
CA VAL A 13 12.03 8.01 2.60
C VAL A 13 12.42 6.66 2.04
N ASP A 14 12.74 5.76 2.95
CA ASP A 14 13.05 4.38 2.63
C ASP A 14 11.76 3.62 2.35
N LEU A 15 11.05 4.09 1.34
CA LEU A 15 9.78 3.51 0.96
C LEU A 15 9.92 2.08 0.48
N ALA A 16 11.13 1.65 0.12
CA ALA A 16 11.33 0.29 -0.37
C ALA A 16 10.76 -0.74 0.60
N GLY A 17 10.62 -0.34 1.86
CA GLY A 17 9.95 -1.17 2.83
C GLY A 17 8.45 -1.22 2.60
N PHE A 18 7.83 -0.09 2.27
CA PHE A 18 6.38 -0.05 2.10
C PHE A 18 5.96 -0.22 0.66
N VAL A 19 6.58 0.52 -0.26
CA VAL A 19 6.26 0.33 -1.67
C VAL A 19 6.55 -1.10 -1.98
N GLY A 20 7.62 -1.58 -1.36
CA GLY A 20 8.02 -2.95 -1.51
C GLY A 20 7.03 -3.84 -0.84
N LEU A 21 6.41 -3.35 0.20
CA LEU A 21 5.47 -4.16 0.97
C LEU A 21 4.29 -4.59 0.09
N LEU A 22 3.66 -3.65 -0.60
CA LEU A 22 2.56 -4.00 -1.49
C LEU A 22 3.05 -4.38 -2.88
N ARG A 23 4.24 -3.90 -3.20
CA ARG A 23 5.01 -4.36 -4.37
C ARG A 23 5.05 -5.87 -4.34
N ARG A 24 5.15 -6.35 -3.12
CA ARG A 24 5.26 -7.76 -2.82
C ARG A 24 3.92 -8.47 -2.96
N LEU A 25 2.84 -7.72 -2.72
CA LEU A 25 1.51 -8.29 -2.76
C LEU A 25 1.18 -8.80 -4.15
N ASN A 26 1.25 -7.88 -5.11
CA ASN A 26 0.75 -8.11 -6.46
C ASN A 26 0.66 -6.79 -7.22
N VAL A 27 1.06 -5.68 -6.56
CA VAL A 27 1.06 -4.33 -7.16
C VAL A 27 -0.08 -4.10 -8.18
N PRO A 28 -1.32 -4.16 -7.67
CA PRO A 28 -2.54 -3.98 -8.48
C PRO A 28 -3.10 -2.57 -8.41
N HIS A 29 -2.23 -1.59 -8.19
CA HIS A 29 -2.69 -0.27 -7.77
C HIS A 29 -2.28 0.84 -8.73
N ARG A 30 -2.77 2.03 -8.42
CA ARG A 30 -2.34 3.24 -9.11
C ARG A 30 -1.28 3.97 -8.30
N VAL A 31 -0.18 4.33 -8.95
CA VAL A 31 0.83 5.18 -8.36
C VAL A 31 0.75 6.59 -8.93
N SER A 32 0.71 7.54 -8.04
CA SER A 32 0.71 8.95 -8.40
C SER A 32 1.63 9.69 -7.43
N GLU A 33 1.56 11.00 -7.43
CA GLU A 33 2.26 11.77 -6.44
C GLU A 33 1.32 12.81 -5.83
N GLU A 34 1.03 12.65 -4.54
CA GLU A 34 0.13 13.54 -3.83
C GLU A 34 0.85 14.30 -2.73
N SER A 35 0.96 15.62 -2.91
CA SER A 35 1.43 16.55 -1.88
C SER A 35 2.90 16.33 -1.50
N GLY A 36 3.59 15.48 -2.23
CA GLY A 36 4.98 15.23 -1.97
C GLY A 36 5.17 13.84 -1.42
N GLN A 37 4.30 12.96 -1.84
CA GLN A 37 4.44 11.55 -1.57
C GLN A 37 4.05 10.83 -2.83
N GLN A 38 4.74 9.77 -3.18
CA GLN A 38 4.22 8.91 -4.18
C GLN A 38 3.03 8.25 -3.53
N VAL A 39 1.93 8.17 -4.21
CA VAL A 39 0.74 7.72 -3.55
C VAL A 39 0.03 6.66 -4.35
N LEU A 40 -0.63 5.81 -3.64
CA LEU A 40 -1.17 4.58 -4.16
C LEU A 40 -2.67 4.56 -3.93
N TRP A 41 -3.40 4.17 -4.96
CA TRP A 41 -4.84 4.25 -4.93
C TRP A 41 -5.43 2.91 -5.34
N VAL A 42 -5.89 2.10 -4.39
CA VAL A 42 -6.73 0.95 -4.77
C VAL A 42 -7.97 0.64 -3.90
N PRO A 43 -8.47 1.52 -3.00
CA PRO A 43 -9.68 1.24 -2.26
C PRO A 43 -10.92 1.97 -2.80
N ASP A 44 -11.83 2.23 -1.87
CA ASP A 44 -13.06 2.98 -2.13
C ASP A 44 -13.29 3.97 -1.00
N GLU A 45 -13.61 3.46 0.19
CA GLU A 45 -13.74 4.32 1.37
C GLU A 45 -13.45 3.53 2.65
N ARG A 46 -14.25 2.52 2.95
CA ARG A 46 -13.98 1.67 4.10
C ARG A 46 -12.78 0.78 3.76
N LEU A 47 -12.69 0.44 2.47
CA LEU A 47 -11.63 -0.40 1.95
C LEU A 47 -10.29 0.29 2.10
N ALA A 48 -10.30 1.61 2.04
CA ALA A 48 -9.10 2.44 2.15
C ALA A 48 -8.20 1.98 3.30
N GLU A 49 -8.85 1.73 4.43
CA GLU A 49 -8.18 1.37 5.66
C GLU A 49 -7.68 -0.06 5.55
N GLN A 50 -8.52 -0.88 4.95
CA GLN A 50 -8.21 -2.28 4.74
C GLN A 50 -7.05 -2.42 3.76
N VAL A 51 -6.86 -1.42 2.92
CA VAL A 51 -5.99 -1.58 1.78
C VAL A 51 -4.56 -1.37 2.22
N ARG A 52 -4.28 -0.27 2.88
CA ARG A 52 -2.91 -0.04 3.31
C ARG A 52 -2.62 -0.83 4.57
N GLU A 53 -3.54 -0.69 5.51
CA GLU A 53 -3.30 -1.09 6.87
C GLU A 53 -3.45 -2.57 7.07
N LEU A 54 -4.16 -3.24 6.18
CA LEU A 54 -4.24 -4.68 6.29
C LEU A 54 -3.32 -5.33 5.29
N TYR A 55 -3.09 -4.71 4.13
CA TYR A 55 -2.15 -5.27 3.17
C TYR A 55 -0.80 -5.44 3.83
N ARG A 56 -0.53 -4.57 4.78
CA ARG A 56 0.73 -4.56 5.49
C ARG A 56 0.85 -5.69 6.51
N ARG A 57 -0.22 -6.49 6.71
CA ARG A 57 -0.21 -7.46 7.81
C ARG A 57 -1.06 -8.70 7.57
N TYR A 58 -2.06 -8.64 6.70
CA TYR A 58 -2.89 -9.81 6.43
C TYR A 58 -2.78 -10.30 4.98
N PRO A 59 -3.21 -9.52 3.97
CA PRO A 59 -2.94 -9.83 2.55
C PRO A 59 -1.48 -10.14 2.22
N GLU A 60 -0.54 -9.40 2.79
CA GLU A 60 0.89 -9.66 2.55
C GLU A 60 1.43 -10.36 3.77
N GLY A 61 0.80 -10.08 4.89
CA GLY A 61 0.98 -10.87 6.06
C GLY A 61 0.19 -12.16 5.97
N ASP A 62 0.08 -12.63 4.75
CA ASP A 62 -0.56 -13.89 4.44
C ASP A 62 0.49 -14.98 4.60
N PRO A 63 0.09 -16.26 4.74
CA PRO A 63 1.02 -17.39 4.68
C PRO A 63 2.05 -17.27 3.56
N GLN A 64 1.78 -16.40 2.59
CA GLN A 64 2.72 -16.09 1.52
C GLN A 64 4.06 -15.63 2.08
N ALA A 65 4.06 -14.52 2.82
CA ALA A 65 5.31 -13.88 3.17
C ALA A 65 5.32 -13.15 4.51
N THR A 66 4.85 -11.92 4.47
CA THR A 66 5.05 -10.96 5.54
C THR A 66 4.24 -11.28 6.80
N LEU A 67 4.69 -10.71 7.92
CA LEU A 67 3.92 -10.56 9.16
C LEU A 67 4.68 -9.63 10.08
N GLU A 68 5.71 -10.21 10.66
CA GLU A 68 6.55 -9.56 11.64
C GLU A 68 7.69 -8.85 10.92
N ALA A 69 7.76 -9.09 9.64
CA ALA A 69 8.77 -8.50 8.79
C ALA A 69 8.27 -7.23 8.14
N ALA A 70 7.00 -6.90 8.38
CA ALA A 70 6.38 -5.71 7.78
C ALA A 70 7.24 -4.48 8.04
N MET A 1 -14.73 6.86 -7.42
CA MET A 1 -15.35 5.53 -7.29
C MET A 1 -14.29 4.43 -7.25
N SER A 2 -13.20 4.66 -7.97
CA SER A 2 -12.14 3.67 -8.06
C SER A 2 -10.80 4.35 -8.01
N ALA A 3 -9.81 3.64 -7.50
CA ALA A 3 -8.48 4.19 -7.28
C ALA A 3 -8.58 5.43 -6.42
N VAL A 4 -8.70 5.22 -5.13
CA VAL A 4 -8.95 6.29 -4.19
C VAL A 4 -7.68 6.58 -3.40
N GLN A 5 -7.35 7.85 -3.27
CA GLN A 5 -6.18 8.24 -2.52
C GLN A 5 -6.36 7.84 -1.07
N VAL A 6 -5.59 6.84 -0.69
CA VAL A 6 -5.67 6.29 0.63
C VAL A 6 -4.29 5.89 1.11
N LEU A 7 -3.51 5.43 0.17
CA LEU A 7 -2.25 4.82 0.45
C LEU A 7 -1.17 5.68 -0.19
N LYS A 8 0.03 5.64 0.34
CA LYS A 8 1.15 6.33 -0.26
C LYS A 8 2.44 5.69 0.20
N PHE A 9 3.44 5.82 -0.62
CA PHE A 9 4.75 5.26 -0.33
C PHE A 9 5.77 6.37 -0.39
N PRO A 10 6.02 6.96 0.78
CA PRO A 10 6.97 8.05 1.01
C PRO A 10 8.11 8.13 0.01
N LEU A 11 7.96 8.98 -1.00
CA LEU A 11 8.96 9.09 -2.06
C LEU A 11 10.24 9.73 -1.55
N SER A 12 10.14 10.23 -0.35
CA SER A 12 11.23 10.93 0.30
C SER A 12 12.01 10.03 1.25
N VAL A 13 11.58 8.77 1.41
CA VAL A 13 12.21 7.90 2.40
C VAL A 13 12.58 6.57 1.79
N ASP A 14 13.04 5.69 2.65
CA ASP A 14 13.34 4.31 2.33
C ASP A 14 12.03 3.53 2.15
N LEU A 15 11.21 4.00 1.22
CA LEU A 15 9.90 3.42 0.95
C LEU A 15 9.97 1.97 0.55
N ALA A 16 11.14 1.47 0.18
CA ALA A 16 11.29 0.07 -0.23
C ALA A 16 10.69 -0.88 0.80
N GLY A 17 10.55 -0.39 2.03
CA GLY A 17 9.87 -1.15 3.05
C GLY A 17 8.37 -1.20 2.80
N PHE A 18 7.76 -0.08 2.44
CA PHE A 18 6.31 -0.05 2.26
C PHE A 18 5.92 -0.26 0.81
N VAL A 19 6.55 0.45 -0.12
CA VAL A 19 6.23 0.23 -1.51
C VAL A 19 6.49 -1.22 -1.80
N GLY A 20 7.55 -1.72 -1.16
CA GLY A 20 7.91 -3.12 -1.27
C GLY A 20 6.90 -3.97 -0.60
N LEU A 21 6.24 -3.43 0.39
CA LEU A 21 5.24 -4.18 1.13
C LEU A 21 4.05 -4.54 0.24
N LEU A 22 3.52 -3.57 -0.52
CA LEU A 22 2.44 -3.89 -1.45
C LEU A 22 2.97 -4.32 -2.81
N ARG A 23 4.19 -3.91 -3.08
CA ARG A 23 4.97 -4.41 -4.22
C ARG A 23 4.95 -5.92 -4.16
N ARG A 24 5.03 -6.36 -2.93
CA ARG A 24 5.04 -7.74 -2.55
C ARG A 24 3.67 -8.37 -2.73
N LEU A 25 2.64 -7.58 -2.50
CA LEU A 25 1.28 -8.06 -2.48
C LEU A 25 0.83 -8.53 -3.85
N ASN A 26 1.13 -7.72 -4.88
CA ASN A 26 0.60 -7.92 -6.22
C ASN A 26 0.82 -6.68 -7.07
N VAL A 27 1.20 -5.58 -6.41
CA VAL A 27 1.25 -4.23 -7.01
C VAL A 27 0.12 -4.03 -8.06
N PRO A 28 -1.12 -4.10 -7.58
CA PRO A 28 -2.33 -3.98 -8.41
C PRO A 28 -3.02 -2.62 -8.29
N HIS A 29 -2.25 -1.57 -8.18
CA HIS A 29 -2.79 -0.29 -7.76
C HIS A 29 -2.35 0.84 -8.65
N ARG A 30 -2.80 2.04 -8.31
CA ARG A 30 -2.34 3.25 -8.97
C ARG A 30 -1.25 3.90 -8.14
N VAL A 31 -0.17 4.30 -8.81
CA VAL A 31 0.89 5.08 -8.19
C VAL A 31 0.95 6.48 -8.80
N SER A 32 0.91 7.48 -7.94
CA SER A 32 1.03 8.86 -8.36
C SER A 32 2.02 9.56 -7.43
N GLU A 33 2.06 10.88 -7.49
CA GLU A 33 2.85 11.67 -6.57
C GLU A 33 2.03 12.86 -6.09
N GLU A 34 1.43 12.70 -4.92
CA GLU A 34 0.52 13.69 -4.40
C GLU A 34 1.20 14.62 -3.40
N SER A 35 1.48 15.84 -3.86
CA SER A 35 2.01 16.91 -3.02
C SER A 35 3.47 16.67 -2.61
N GLY A 36 3.80 15.46 -2.19
CA GLY A 36 5.12 15.17 -1.68
C GLY A 36 5.32 13.72 -1.27
N GLN A 37 4.32 12.88 -1.54
CA GLN A 37 4.47 11.46 -1.35
C GLN A 37 3.99 10.78 -2.60
N GLN A 38 4.64 9.70 -2.98
CA GLN A 38 4.10 8.87 -4.02
C GLN A 38 2.88 8.24 -3.45
N VAL A 39 1.82 8.20 -4.20
CA VAL A 39 0.56 7.86 -3.62
C VAL A 39 -0.15 6.79 -4.39
N LEU A 40 -0.64 5.86 -3.62
CA LEU A 40 -1.21 4.65 -4.11
C LEU A 40 -2.70 4.69 -3.89
N TRP A 41 -3.44 4.39 -4.94
CA TRP A 41 -4.87 4.47 -4.88
C TRP A 41 -5.46 3.16 -5.37
N VAL A 42 -5.96 2.30 -4.47
CA VAL A 42 -6.68 1.14 -4.97
C VAL A 42 -7.77 0.54 -4.02
N PRO A 43 -8.42 1.30 -3.10
CA PRO A 43 -9.52 0.78 -2.29
C PRO A 43 -10.90 1.22 -2.78
N ASP A 44 -11.78 1.46 -1.81
CA ASP A 44 -13.09 2.03 -2.05
C ASP A 44 -13.29 3.24 -1.14
N GLU A 45 -13.73 2.98 0.07
CA GLU A 45 -13.89 4.01 1.09
C GLU A 45 -13.66 3.43 2.47
N ARG A 46 -14.51 2.49 2.87
CA ARG A 46 -14.28 1.76 4.13
C ARG A 46 -13.08 0.86 3.95
N LEU A 47 -12.88 0.45 2.70
CA LEU A 47 -11.85 -0.49 2.33
C LEU A 47 -10.50 0.20 2.39
N ALA A 48 -10.50 1.49 2.08
CA ALA A 48 -9.30 2.32 2.08
C ALA A 48 -8.40 2.02 3.27
N GLU A 49 -9.00 2.02 4.43
CA GLU A 49 -8.26 1.87 5.67
C GLU A 49 -7.66 0.49 5.71
N GLN A 50 -8.49 -0.48 5.41
CA GLN A 50 -8.10 -1.86 5.53
C GLN A 50 -7.16 -2.23 4.39
N VAL A 51 -7.05 -1.36 3.41
CA VAL A 51 -6.32 -1.68 2.21
C VAL A 51 -4.86 -1.50 2.52
N ARG A 52 -4.50 -0.37 3.10
CA ARG A 52 -3.10 -0.18 3.46
C ARG A 52 -2.81 -0.98 4.72
N GLU A 53 -3.72 -0.88 5.67
CA GLU A 53 -3.50 -1.40 7.01
C GLU A 53 -3.52 -2.92 7.07
N LEU A 54 -4.30 -3.56 6.22
CA LEU A 54 -4.30 -5.01 6.23
C LEU A 54 -3.31 -5.56 5.24
N TYR A 55 -3.07 -4.88 4.13
CA TYR A 55 -2.08 -5.37 3.20
C TYR A 55 -0.74 -5.53 3.92
N ARG A 56 -0.51 -4.68 4.90
CA ARG A 56 0.72 -4.74 5.67
C ARG A 56 0.69 -5.79 6.78
N ARG A 57 -0.42 -6.48 6.98
CA ARG A 57 -0.53 -7.43 8.10
C ARG A 57 -1.15 -8.78 7.69
N TYR A 58 -2.20 -8.74 6.88
CA TYR A 58 -2.93 -9.96 6.53
C TYR A 58 -2.73 -10.39 5.07
N PRO A 59 -3.28 -9.69 4.07
CA PRO A 59 -3.03 -9.99 2.65
C PRO A 59 -1.57 -10.26 2.26
N GLU A 60 -0.62 -9.53 2.83
CA GLU A 60 0.79 -9.77 2.51
C GLU A 60 1.46 -10.45 3.70
N GLY A 61 0.91 -10.19 4.88
CA GLY A 61 1.21 -10.97 6.07
C GLY A 61 0.65 -12.38 5.96
N ASP A 62 0.19 -12.68 4.77
CA ASP A 62 -0.38 -13.97 4.42
C ASP A 62 0.76 -14.96 4.22
N PRO A 63 0.49 -16.26 4.00
CA PRO A 63 1.49 -17.18 3.43
C PRO A 63 2.33 -16.56 2.31
N GLN A 64 1.86 -15.43 1.78
CA GLN A 64 2.59 -14.61 0.82
C GLN A 64 4.03 -14.39 1.27
N ALA A 65 4.20 -13.64 2.34
CA ALA A 65 5.54 -13.21 2.75
C ALA A 65 5.57 -12.54 4.10
N THR A 66 5.08 -11.31 4.12
CA THR A 66 5.12 -10.42 5.25
C THR A 66 4.37 -11.02 6.46
N LEU A 67 4.52 -10.38 7.62
CA LEU A 67 3.75 -10.68 8.82
C LEU A 67 4.28 -9.86 9.98
N GLU A 68 5.21 -10.45 10.71
CA GLU A 68 5.85 -9.77 11.81
C GLU A 68 7.12 -9.07 11.33
N ALA A 69 7.33 -9.19 10.03
CA ALA A 69 8.47 -8.60 9.38
C ALA A 69 8.07 -7.37 8.58
N ALA A 70 6.78 -7.01 8.68
CA ALA A 70 6.25 -5.84 7.98
C ALA A 70 7.18 -4.66 8.16
N MET A 1 -13.17 6.59 -9.15
CA MET A 1 -13.16 5.49 -10.12
C MET A 1 -12.97 4.15 -9.41
N SER A 2 -11.73 3.87 -9.03
CA SER A 2 -11.39 2.66 -8.29
C SER A 2 -9.99 2.84 -7.74
N ALA A 3 -9.64 4.09 -7.50
CA ALA A 3 -8.30 4.48 -7.13
C ALA A 3 -8.34 5.77 -6.34
N VAL A 4 -8.68 5.63 -5.09
CA VAL A 4 -8.77 6.77 -4.19
C VAL A 4 -7.51 6.84 -3.33
N GLN A 5 -7.04 8.06 -3.12
CA GLN A 5 -5.83 8.32 -2.35
C GLN A 5 -5.99 7.77 -0.94
N VAL A 6 -5.21 6.75 -0.63
CA VAL A 6 -5.21 6.18 0.70
C VAL A 6 -3.83 5.69 1.06
N LEU A 7 -3.11 5.29 0.05
CA LEU A 7 -1.85 4.66 0.26
C LEU A 7 -0.80 5.57 -0.34
N LYS A 8 0.42 5.45 0.10
CA LYS A 8 1.49 6.22 -0.47
C LYS A 8 2.79 5.51 -0.21
N PHE A 9 3.75 5.81 -1.04
CA PHE A 9 5.08 5.28 -0.88
C PHE A 9 6.03 6.45 -0.79
N PRO A 10 6.27 6.87 0.45
CA PRO A 10 7.21 7.92 0.84
C PRO A 10 8.34 8.15 -0.15
N LEU A 11 8.18 9.12 -1.04
CA LEU A 11 9.15 9.36 -2.11
C LEU A 11 10.43 9.93 -1.55
N SER A 12 10.38 10.27 -0.30
CA SER A 12 11.47 10.91 0.40
C SER A 12 12.29 9.88 1.20
N VAL A 13 11.79 8.65 1.31
CA VAL A 13 12.42 7.65 2.16
C VAL A 13 12.68 6.39 1.37
N ASP A 14 13.11 5.38 2.08
CA ASP A 14 13.31 4.07 1.52
C ASP A 14 11.98 3.33 1.48
N LEU A 15 11.07 3.84 0.66
CA LEU A 15 9.74 3.28 0.48
C LEU A 15 9.75 1.87 -0.05
N ALA A 16 10.92 1.32 -0.32
CA ALA A 16 11.04 -0.06 -0.74
C ALA A 16 10.39 -0.98 0.27
N GLY A 17 10.17 -0.46 1.48
CA GLY A 17 9.46 -1.19 2.48
C GLY A 17 7.98 -1.31 2.16
N PHE A 18 7.32 -0.20 1.86
CA PHE A 18 5.89 -0.26 1.59
C PHE A 18 5.60 -0.38 0.12
N VAL A 19 6.31 0.35 -0.72
CA VAL A 19 6.07 0.24 -2.14
C VAL A 19 6.37 -1.17 -2.55
N GLY A 20 7.36 -1.73 -1.88
CA GLY A 20 7.73 -3.11 -2.09
C GLY A 20 6.67 -4.00 -1.53
N LEU A 21 6.06 -3.54 -0.47
CA LEU A 21 5.07 -4.32 0.25
C LEU A 21 3.92 -4.68 -0.68
N LEU A 22 3.27 -3.71 -1.28
CA LEU A 22 2.10 -4.03 -2.08
C LEU A 22 2.49 -4.45 -3.48
N ARG A 23 3.64 -3.99 -3.88
CA ARG A 23 4.28 -4.49 -5.07
C ARG A 23 4.43 -5.99 -4.96
N ARG A 24 4.58 -6.44 -3.71
CA ARG A 24 4.73 -7.85 -3.43
C ARG A 24 3.41 -8.56 -3.54
N LEU A 25 2.32 -7.82 -3.29
CA LEU A 25 1.01 -8.43 -3.23
C LEU A 25 0.45 -8.65 -4.63
N ASN A 26 0.72 -7.71 -5.54
CA ASN A 26 0.23 -7.78 -6.91
C ASN A 26 0.51 -6.49 -7.69
N VAL A 27 0.97 -5.43 -6.99
CA VAL A 27 1.18 -4.09 -7.59
C VAL A 27 0.15 -3.79 -8.70
N PRO A 28 -1.13 -3.76 -8.31
CA PRO A 28 -2.28 -3.51 -9.20
C PRO A 28 -2.91 -2.13 -9.02
N HIS A 29 -2.10 -1.13 -8.72
CA HIS A 29 -2.63 0.12 -8.19
C HIS A 29 -2.30 1.32 -9.05
N ARG A 30 -2.73 2.47 -8.57
CA ARG A 30 -2.41 3.75 -9.16
C ARG A 30 -1.33 4.46 -8.36
N VAL A 31 -0.40 5.08 -9.07
CA VAL A 31 0.66 5.89 -8.47
C VAL A 31 0.53 7.34 -8.91
N SER A 32 0.54 8.23 -7.94
CA SER A 32 0.46 9.66 -8.16
C SER A 32 1.35 10.34 -7.13
N GLU A 33 1.19 11.64 -6.91
CA GLU A 33 1.94 12.32 -5.86
C GLU A 33 1.04 13.24 -5.03
N GLU A 34 0.97 12.95 -3.74
CA GLU A 34 0.15 13.73 -2.81
C GLU A 34 0.95 14.23 -1.62
N SER A 35 0.99 15.55 -1.46
CA SER A 35 1.48 16.21 -0.25
C SER A 35 2.96 15.95 0.04
N GLY A 36 3.68 15.43 -0.94
CA GLY A 36 5.10 15.22 -0.77
C GLY A 36 5.45 13.77 -0.73
N GLN A 37 4.49 12.94 -1.07
CA GLN A 37 4.70 11.51 -1.18
C GLN A 37 4.15 11.07 -2.51
N GLN A 38 4.80 10.12 -3.17
CA GLN A 38 4.14 9.50 -4.28
C GLN A 38 3.11 8.61 -3.66
N VAL A 39 1.91 8.64 -4.14
CA VAL A 39 0.83 8.03 -3.44
C VAL A 39 0.10 7.04 -4.30
N LEU A 40 -0.42 6.05 -3.66
CA LEU A 40 -0.96 4.89 -4.28
C LEU A 40 -2.45 4.79 -3.97
N TRP A 41 -3.22 4.56 -5.02
CA TRP A 41 -4.65 4.64 -4.92
C TRP A 41 -5.25 3.36 -5.48
N VAL A 42 -5.68 2.43 -4.65
CA VAL A 42 -6.45 1.32 -5.20
C VAL A 42 -7.56 0.73 -4.28
N PRO A 43 -8.22 1.51 -3.39
CA PRO A 43 -9.36 1.03 -2.64
C PRO A 43 -10.68 1.78 -2.93
N ASP A 44 -11.46 1.99 -1.87
CA ASP A 44 -12.65 2.83 -1.91
C ASP A 44 -12.77 3.61 -0.61
N GLU A 45 -13.36 2.97 0.38
CA GLU A 45 -13.56 3.57 1.69
C GLU A 45 -13.25 2.56 2.77
N ARG A 46 -14.15 1.61 2.96
CA ARG A 46 -13.88 0.48 3.84
C ARG A 46 -12.71 -0.32 3.30
N LEU A 47 -12.58 -0.33 1.98
CA LEU A 47 -11.50 -1.03 1.34
C LEU A 47 -10.18 -0.29 1.57
N ALA A 48 -10.23 1.03 1.55
CA ALA A 48 -9.06 1.88 1.78
C ALA A 48 -8.22 1.41 2.99
N GLU A 49 -8.90 0.99 4.03
CA GLU A 49 -8.22 0.62 5.28
C GLU A 49 -7.70 -0.79 5.12
N GLN A 50 -8.51 -1.58 4.44
CA GLN A 50 -8.18 -2.94 4.12
C GLN A 50 -6.93 -2.97 3.24
N VAL A 51 -6.83 -2.00 2.35
CA VAL A 51 -5.84 -2.03 1.30
C VAL A 51 -4.46 -1.74 1.87
N ARG A 52 -4.24 -0.59 2.45
CA ARG A 52 -2.89 -0.27 2.88
C ARG A 52 -2.61 -0.93 4.23
N GLU A 53 -3.60 -0.91 5.10
CA GLU A 53 -3.36 -1.26 6.48
C GLU A 53 -3.38 -2.75 6.66
N LEU A 54 -4.17 -3.47 5.89
CA LEU A 54 -4.15 -4.91 6.04
C LEU A 54 -3.16 -5.52 5.10
N TYR A 55 -2.88 -4.92 3.97
CA TYR A 55 -1.84 -5.49 3.12
C TYR A 55 -0.55 -5.55 3.91
N ARG A 56 -0.39 -4.57 4.79
CA ARG A 56 0.78 -4.49 5.64
C ARG A 56 0.70 -5.41 6.87
N ARG A 57 -0.38 -6.22 7.02
CA ARG A 57 -0.50 -7.07 8.22
C ARG A 57 -1.31 -8.36 8.04
N TYR A 58 -2.29 -8.37 7.14
CA TYR A 58 -3.13 -9.57 6.90
C TYR A 58 -2.92 -10.19 5.50
N PRO A 59 -3.42 -9.60 4.38
CA PRO A 59 -3.18 -10.11 3.01
C PRO A 59 -1.72 -10.45 2.69
N GLU A 60 -0.77 -9.72 3.26
CA GLU A 60 0.64 -9.97 3.00
C GLU A 60 1.30 -10.35 4.29
N GLY A 61 0.80 -9.76 5.37
CA GLY A 61 0.98 -10.33 6.69
C GLY A 61 0.13 -11.58 6.82
N ASP A 62 0.12 -12.34 5.75
CA ASP A 62 -0.57 -13.60 5.65
C ASP A 62 0.42 -14.68 6.02
N PRO A 63 -0.05 -15.89 6.38
CA PRO A 63 0.81 -17.09 6.46
C PRO A 63 1.66 -17.29 5.20
N GLN A 64 2.51 -16.31 4.93
CA GLN A 64 3.34 -16.27 3.75
C GLN A 64 4.61 -15.50 4.06
N ALA A 65 4.48 -14.21 4.39
CA ALA A 65 5.67 -13.37 4.49
C ALA A 65 5.57 -12.28 5.58
N THR A 66 4.75 -11.28 5.29
CA THR A 66 4.83 -9.97 5.94
C THR A 66 4.29 -9.94 7.40
N LEU A 67 3.88 -11.10 7.95
CA LEU A 67 3.26 -11.17 9.30
C LEU A 67 3.90 -10.18 10.27
N GLU A 68 5.20 -10.37 10.46
CA GLU A 68 5.97 -9.49 11.31
C GLU A 68 7.11 -8.88 10.52
N ALA A 69 7.09 -9.17 9.24
CA ALA A 69 8.14 -8.77 8.33
C ALA A 69 7.73 -7.55 7.53
N ALA A 70 6.54 -7.03 7.84
CA ALA A 70 5.98 -5.85 7.18
C ALA A 70 7.04 -4.78 6.96
N MET A 1 -13.21 5.47 -8.65
CA MET A 1 -13.78 4.17 -8.31
C MET A 1 -12.93 3.46 -7.27
N SER A 2 -12.27 2.37 -7.67
CA SER A 2 -11.39 1.64 -6.77
C SER A 2 -9.97 2.16 -6.87
N ALA A 3 -9.84 3.47 -6.77
CA ALA A 3 -8.55 4.14 -6.80
C ALA A 3 -8.62 5.44 -6.03
N VAL A 4 -9.07 5.33 -4.80
CA VAL A 4 -9.19 6.47 -3.91
C VAL A 4 -7.93 6.58 -3.05
N GLN A 5 -7.51 7.80 -2.77
CA GLN A 5 -6.37 8.03 -1.94
C GLN A 5 -6.55 7.45 -0.56
N VAL A 6 -5.71 6.49 -0.26
CA VAL A 6 -5.59 5.98 1.08
C VAL A 6 -4.16 5.58 1.36
N LEU A 7 -3.43 5.27 0.31
CA LEU A 7 -2.12 4.72 0.47
C LEU A 7 -1.08 5.64 -0.15
N LYS A 8 0.13 5.58 0.37
CA LYS A 8 1.25 6.25 -0.22
C LYS A 8 2.51 5.55 0.21
N PHE A 9 3.49 5.54 -0.65
CA PHE A 9 4.77 4.92 -0.36
C PHE A 9 5.83 5.99 -0.41
N PRO A 10 6.04 6.61 0.77
CA PRO A 10 6.95 7.71 1.03
C PRO A 10 8.07 7.89 0.03
N LEU A 11 7.85 8.81 -0.89
CA LEU A 11 8.75 9.07 -2.00
C LEU A 11 10.08 9.62 -1.47
N SER A 12 10.00 10.15 -0.27
CA SER A 12 11.11 10.83 0.36
C SER A 12 11.80 9.97 1.41
N VAL A 13 11.48 8.68 1.47
CA VAL A 13 12.08 7.80 2.47
C VAL A 13 12.45 6.48 1.85
N ASP A 14 12.84 5.54 2.68
CA ASP A 14 13.17 4.20 2.25
C ASP A 14 11.87 3.40 2.04
N LEU A 15 11.08 3.93 1.14
CA LEU A 15 9.79 3.38 0.76
C LEU A 15 9.85 1.94 0.30
N ALA A 16 11.05 1.43 0.00
CA ALA A 16 11.21 0.06 -0.47
C ALA A 16 10.52 -0.92 0.46
N GLY A 17 10.34 -0.51 1.70
CA GLY A 17 9.60 -1.32 2.65
C GLY A 17 8.12 -1.34 2.35
N PHE A 18 7.55 -0.19 2.00
CA PHE A 18 6.12 -0.11 1.76
C PHE A 18 5.76 -0.24 0.29
N VAL A 19 6.45 0.51 -0.57
CA VAL A 19 6.18 0.43 -1.99
C VAL A 19 6.50 -0.96 -2.43
N GLY A 20 7.52 -1.51 -1.80
CA GLY A 20 7.86 -2.89 -1.99
C GLY A 20 6.77 -3.75 -1.43
N LEU A 21 6.22 -3.32 -0.31
CA LEU A 21 5.27 -4.13 0.46
C LEU A 21 4.08 -4.56 -0.40
N LEU A 22 3.45 -3.61 -1.09
CA LEU A 22 2.27 -3.96 -1.85
C LEU A 22 2.64 -4.37 -3.25
N ARG A 23 3.79 -3.92 -3.67
CA ARG A 23 4.38 -4.38 -4.92
C ARG A 23 4.60 -5.88 -4.82
N ARG A 24 4.86 -6.30 -3.59
CA ARG A 24 5.08 -7.69 -3.27
C ARG A 24 3.77 -8.43 -3.34
N LEU A 25 2.70 -7.70 -3.11
CA LEU A 25 1.39 -8.27 -2.94
C LEU A 25 0.80 -8.68 -4.29
N ASN A 26 0.99 -7.82 -5.30
CA ASN A 26 0.51 -8.05 -6.66
C ASN A 26 0.52 -6.74 -7.48
N VAL A 27 1.01 -5.66 -6.84
CA VAL A 27 1.14 -4.32 -7.48
C VAL A 27 0.05 -4.03 -8.52
N PRO A 28 -1.20 -3.92 -8.06
CA PRO A 28 -2.38 -3.66 -8.89
C PRO A 28 -2.95 -2.25 -8.73
N HIS A 29 -2.10 -1.27 -8.47
CA HIS A 29 -2.58 0.00 -7.94
C HIS A 29 -2.27 1.20 -8.80
N ARG A 30 -2.81 2.34 -8.39
CA ARG A 30 -2.48 3.62 -8.99
C ARG A 30 -1.37 4.28 -8.19
N VAL A 31 -0.37 4.78 -8.91
CA VAL A 31 0.73 5.49 -8.30
C VAL A 31 0.74 6.92 -8.79
N SER A 32 0.92 7.82 -7.87
CA SER A 32 1.03 9.23 -8.17
C SER A 32 2.10 9.86 -7.30
N GLU A 33 2.22 11.18 -7.38
CA GLU A 33 3.06 11.94 -6.47
C GLU A 33 2.21 12.99 -5.80
N GLU A 34 1.75 12.69 -4.62
CA GLU A 34 0.83 13.53 -3.92
C GLU A 34 1.41 13.96 -2.56
N SER A 35 1.46 15.27 -2.36
CA SER A 35 1.99 15.89 -1.13
C SER A 35 3.45 15.50 -0.86
N GLY A 36 4.17 15.05 -1.88
CA GLY A 36 5.59 14.81 -1.76
C GLY A 36 5.94 13.38 -1.43
N GLN A 37 4.93 12.55 -1.41
CA GLN A 37 5.16 11.13 -1.37
C GLN A 37 4.46 10.53 -2.56
N GLN A 38 4.96 9.41 -3.00
CA GLN A 38 4.31 8.69 -4.05
C GLN A 38 3.06 8.10 -3.48
N VAL A 39 1.97 8.27 -4.18
CA VAL A 39 0.69 8.05 -3.59
C VAL A 39 -0.13 7.04 -4.36
N LEU A 40 -0.60 6.07 -3.62
CA LEU A 40 -1.15 4.83 -4.15
C LEU A 40 -2.64 4.76 -3.85
N TRP A 41 -3.41 4.53 -4.90
CA TRP A 41 -4.85 4.57 -4.81
C TRP A 41 -5.43 3.23 -5.30
N VAL A 42 -5.81 2.32 -4.40
CA VAL A 42 -6.61 1.15 -4.83
C VAL A 42 -7.76 0.68 -3.94
N PRO A 43 -8.33 1.46 -3.01
CA PRO A 43 -9.50 1.05 -2.30
C PRO A 43 -10.73 1.79 -2.77
N ASP A 44 -11.75 1.84 -1.92
CA ASP A 44 -12.97 2.56 -2.26
C ASP A 44 -13.31 3.59 -1.20
N GLU A 45 -13.75 3.12 -0.03
CA GLU A 45 -13.97 4.01 1.09
C GLU A 45 -13.76 3.29 2.41
N ARG A 46 -14.60 2.30 2.69
CA ARG A 46 -14.50 1.55 3.93
C ARG A 46 -13.26 0.67 3.89
N LEU A 47 -13.02 0.10 2.72
CA LEU A 47 -11.87 -0.77 2.52
C LEU A 47 -10.60 0.00 2.26
N ALA A 48 -10.68 1.31 2.02
CA ALA A 48 -9.49 2.14 2.00
C ALA A 48 -8.57 1.77 3.16
N GLU A 49 -9.19 1.58 4.30
CA GLU A 49 -8.49 1.21 5.50
C GLU A 49 -7.95 -0.21 5.35
N GLN A 50 -8.82 -1.09 4.89
CA GLN A 50 -8.50 -2.50 4.77
C GLN A 50 -7.37 -2.69 3.75
N VAL A 51 -7.36 -1.85 2.74
CA VAL A 51 -6.47 -2.02 1.63
C VAL A 51 -5.04 -1.69 2.05
N ARG A 52 -4.80 -0.51 2.60
CA ARG A 52 -3.43 -0.18 2.97
C ARG A 52 -3.06 -0.85 4.27
N GLU A 53 -4.00 -0.88 5.22
CA GLU A 53 -3.69 -1.33 6.56
C GLU A 53 -3.54 -2.81 6.62
N LEU A 54 -4.30 -3.55 5.83
CA LEU A 54 -4.18 -4.99 5.90
C LEU A 54 -3.17 -5.49 4.90
N TYR A 55 -2.98 -4.79 3.81
CA TYR A 55 -1.92 -5.21 2.90
C TYR A 55 -0.61 -5.20 3.65
N ARG A 56 -0.45 -4.23 4.54
CA ARG A 56 0.78 -4.08 5.29
C ARG A 56 0.87 -5.03 6.50
N ARG A 57 -0.15 -5.85 6.76
CA ARG A 57 -0.11 -6.70 7.96
C ARG A 57 -0.75 -8.07 7.75
N TYR A 58 -1.84 -8.12 7.00
CA TYR A 58 -2.49 -9.40 6.72
C TYR A 58 -2.12 -9.91 5.32
N PRO A 59 -2.80 -9.54 4.20
CA PRO A 59 -2.47 -10.00 2.85
C PRO A 59 -0.99 -10.27 2.55
N GLU A 60 -0.09 -9.36 2.92
CA GLU A 60 1.32 -9.51 2.59
C GLU A 60 2.04 -10.45 3.56
N GLY A 61 1.47 -10.65 4.74
CA GLY A 61 2.02 -11.63 5.65
C GLY A 61 1.19 -12.87 5.62
N ASP A 62 0.11 -12.75 4.90
CA ASP A 62 -0.90 -13.80 4.84
C ASP A 62 -0.29 -15.02 4.21
N PRO A 63 -0.16 -16.09 5.00
CA PRO A 63 0.84 -17.13 4.86
C PRO A 63 1.85 -16.89 3.73
N GLN A 64 2.56 -15.77 3.83
CA GLN A 64 3.66 -15.47 2.94
C GLN A 64 4.78 -14.73 3.66
N ALA A 65 4.55 -13.48 4.07
CA ALA A 65 5.69 -12.68 4.51
C ALA A 65 5.39 -11.65 5.60
N THR A 66 4.92 -10.47 5.19
CA THR A 66 4.79 -9.33 6.08
C THR A 66 3.56 -9.47 7.01
N LEU A 67 3.73 -10.30 8.04
CA LEU A 67 2.66 -10.60 8.96
C LEU A 67 2.77 -9.73 10.20
N GLU A 68 1.90 -8.72 10.28
CA GLU A 68 1.87 -7.80 11.42
C GLU A 68 3.25 -7.18 11.64
N ALA A 69 3.99 -6.99 10.55
CA ALA A 69 5.36 -6.52 10.61
C ALA A 69 5.54 -5.24 9.83
N ALA A 70 4.41 -4.66 9.43
CA ALA A 70 4.35 -3.45 8.59
C ALA A 70 5.56 -2.53 8.75
N MET A 1 -13.29 6.59 -7.73
CA MET A 1 -14.25 5.51 -7.50
C MET A 1 -13.57 4.29 -6.89
N SER A 2 -12.60 3.72 -7.61
CA SER A 2 -11.81 2.60 -7.10
C SER A 2 -10.33 2.95 -7.15
N ALA A 3 -10.08 4.25 -7.13
CA ALA A 3 -8.75 4.79 -7.17
C ALA A 3 -8.70 6.03 -6.32
N VAL A 4 -8.89 5.83 -5.05
CA VAL A 4 -8.90 6.92 -4.09
C VAL A 4 -7.60 6.91 -3.28
N GLN A 5 -7.06 8.10 -3.07
CA GLN A 5 -5.84 8.25 -2.31
C GLN A 5 -6.05 7.76 -0.89
N VAL A 6 -5.41 6.65 -0.56
CA VAL A 6 -5.40 6.18 0.82
C VAL A 6 -4.03 5.68 1.19
N LEU A 7 -3.29 5.25 0.20
CA LEU A 7 -2.06 4.59 0.44
C LEU A 7 -0.97 5.45 -0.11
N LYS A 8 0.19 5.42 0.48
CA LYS A 8 1.31 6.09 -0.10
C LYS A 8 2.59 5.38 0.28
N PHE A 9 3.54 5.46 -0.61
CA PHE A 9 4.83 4.86 -0.41
C PHE A 9 5.87 5.96 -0.49
N PRO A 10 6.09 6.57 0.68
CA PRO A 10 6.98 7.71 0.90
C PRO A 10 8.12 7.86 -0.09
N LEU A 11 7.94 8.73 -1.08
CA LEU A 11 8.95 8.94 -2.12
C LEU A 11 10.18 9.62 -1.52
N SER A 12 10.00 10.04 -0.30
CA SER A 12 11.00 10.78 0.44
C SER A 12 11.85 9.87 1.33
N VAL A 13 11.50 8.59 1.42
CA VAL A 13 12.18 7.70 2.35
C VAL A 13 12.57 6.42 1.65
N ASP A 14 13.05 5.48 2.44
CA ASP A 14 13.37 4.17 1.95
C ASP A 14 12.09 3.36 1.82
N LEU A 15 11.23 3.86 0.95
CA LEU A 15 9.91 3.31 0.67
C LEU A 15 9.96 1.88 0.19
N ALA A 16 11.14 1.36 -0.11
CA ALA A 16 11.27 -0.03 -0.56
C ALA A 16 10.60 -0.97 0.44
N GLY A 17 10.45 -0.50 1.66
CA GLY A 17 9.76 -1.25 2.66
C GLY A 17 8.25 -1.29 2.42
N PHE A 18 7.65 -0.15 2.10
CA PHE A 18 6.21 -0.11 1.92
C PHE A 18 5.81 -0.26 0.46
N VAL A 19 6.49 0.44 -0.43
CA VAL A 19 6.18 0.32 -1.84
C VAL A 19 6.50 -1.07 -2.26
N GLY A 20 7.52 -1.61 -1.61
CA GLY A 20 7.87 -2.99 -1.77
C GLY A 20 6.83 -3.86 -1.14
N LEU A 21 6.23 -3.37 -0.07
CA LEU A 21 5.32 -4.19 0.72
C LEU A 21 4.11 -4.63 -0.10
N LEU A 22 3.49 -3.71 -0.82
CA LEU A 22 2.30 -4.07 -1.56
C LEU A 22 2.64 -4.51 -2.96
N ARG A 23 3.77 -4.03 -3.42
CA ARG A 23 4.32 -4.48 -4.68
C ARG A 23 4.60 -5.97 -4.58
N ARG A 24 4.86 -6.39 -3.36
CA ARG A 24 5.06 -7.78 -3.02
C ARG A 24 3.76 -8.54 -3.06
N LEU A 25 2.66 -7.84 -2.84
CA LEU A 25 1.37 -8.46 -2.75
C LEU A 25 0.85 -8.87 -4.12
N ASN A 26 0.95 -7.95 -5.08
CA ASN A 26 0.37 -8.13 -6.41
C ASN A 26 0.38 -6.81 -7.20
N VAL A 27 0.83 -5.72 -6.56
CA VAL A 27 0.89 -4.37 -7.16
C VAL A 27 -0.25 -4.12 -8.19
N PRO A 28 -1.50 -4.15 -7.70
CA PRO A 28 -2.70 -3.95 -8.50
C PRO A 28 -3.28 -2.55 -8.38
N HIS A 29 -2.42 -1.55 -8.31
CA HIS A 29 -2.84 -0.23 -7.85
C HIS A 29 -2.31 0.90 -8.70
N ARG A 30 -2.79 2.10 -8.40
CA ARG A 30 -2.33 3.31 -9.06
C ARG A 30 -1.28 4.04 -8.23
N VAL A 31 -0.16 4.35 -8.85
CA VAL A 31 0.90 5.15 -8.23
C VAL A 31 0.88 6.58 -8.77
N SER A 32 0.90 7.54 -7.87
CA SER A 32 1.02 8.94 -8.23
C SER A 32 1.85 9.67 -7.16
N GLU A 33 1.81 10.99 -7.15
CA GLU A 33 2.54 11.76 -6.15
C GLU A 33 1.61 12.75 -5.44
N GLU A 34 1.34 12.49 -4.16
CA GLU A 34 0.48 13.35 -3.35
C GLU A 34 1.23 13.89 -2.14
N SER A 35 1.23 15.21 -2.02
CA SER A 35 1.66 15.90 -0.81
C SER A 35 3.16 15.69 -0.50
N GLY A 36 3.87 15.07 -1.43
CA GLY A 36 5.29 14.87 -1.25
C GLY A 36 5.61 13.43 -0.95
N GLN A 37 4.65 12.57 -1.20
CA GLN A 37 4.84 11.15 -1.12
C GLN A 37 4.24 10.54 -2.36
N GLN A 38 4.86 9.48 -2.86
CA GLN A 38 4.23 8.74 -3.91
C GLN A 38 3.06 8.07 -3.29
N VAL A 39 1.94 8.11 -3.93
CA VAL A 39 0.75 7.61 -3.30
C VAL A 39 0.02 6.64 -4.19
N LEU A 40 -0.63 5.75 -3.54
CA LEU A 40 -1.20 4.58 -4.12
C LEU A 40 -2.70 4.59 -3.92
N TRP A 41 -3.42 4.40 -5.00
CA TRP A 41 -4.86 4.52 -4.97
C TRP A 41 -5.47 3.25 -5.51
N VAL A 42 -5.92 2.35 -4.64
CA VAL A 42 -6.73 1.27 -5.15
C VAL A 42 -7.88 0.77 -4.22
N PRO A 43 -8.47 1.59 -3.32
CA PRO A 43 -9.65 1.20 -2.59
C PRO A 43 -10.88 2.03 -2.95
N ASP A 44 -11.81 2.11 -2.00
CA ASP A 44 -13.03 2.90 -2.16
C ASP A 44 -13.20 3.86 -1.00
N GLU A 45 -13.64 3.32 0.14
CA GLU A 45 -13.85 4.11 1.34
C GLU A 45 -13.51 3.30 2.57
N ARG A 46 -14.41 2.39 2.96
CA ARG A 46 -14.11 1.48 4.06
C ARG A 46 -13.00 0.53 3.62
N LEU A 47 -12.93 0.34 2.32
CA LEU A 47 -11.98 -0.55 1.70
C LEU A 47 -10.59 0.09 1.74
N ALA A 48 -10.55 1.41 1.65
CA ALA A 48 -9.32 2.18 1.78
C ALA A 48 -8.46 1.70 2.95
N GLU A 49 -9.11 1.38 4.04
CA GLU A 49 -8.43 1.00 5.26
C GLU A 49 -8.07 -0.47 5.17
N GLN A 50 -8.93 -1.21 4.55
CA GLN A 50 -8.71 -2.61 4.27
C GLN A 50 -7.49 -2.77 3.36
N VAL A 51 -7.30 -1.84 2.46
CA VAL A 51 -6.35 -2.00 1.38
C VAL A 51 -4.93 -1.71 1.86
N ARG A 52 -4.68 -0.53 2.39
CA ARG A 52 -3.33 -0.19 2.80
C ARG A 52 -3.00 -0.85 4.12
N GLU A 53 -3.97 -0.88 5.01
CA GLU A 53 -3.71 -1.33 6.35
C GLU A 53 -3.58 -2.83 6.39
N LEU A 54 -4.50 -3.56 5.79
CA LEU A 54 -4.40 -4.99 5.89
C LEU A 54 -3.36 -5.54 4.95
N TYR A 55 -3.08 -4.85 3.86
CA TYR A 55 -2.00 -5.30 3.01
C TYR A 55 -0.69 -5.23 3.78
N ARG A 56 -0.59 -4.26 4.67
CA ARG A 56 0.62 -4.04 5.43
C ARG A 56 0.75 -5.01 6.62
N ARG A 57 -0.22 -5.92 6.83
CA ARG A 57 -0.17 -6.78 8.02
C ARG A 57 -0.90 -8.12 7.86
N TYR A 58 -1.96 -8.17 7.05
CA TYR A 58 -2.75 -9.39 6.91
C TYR A 58 -2.61 -10.04 5.51
N PRO A 59 -3.30 -9.57 4.43
CA PRO A 59 -3.07 -10.06 3.05
C PRO A 59 -1.61 -10.28 2.64
N GLU A 60 -0.68 -9.44 3.09
CA GLU A 60 0.71 -9.61 2.69
C GLU A 60 1.49 -10.08 3.88
N GLY A 61 1.13 -9.52 5.02
CA GLY A 61 1.46 -10.13 6.29
C GLY A 61 0.67 -11.40 6.49
N ASP A 62 0.57 -12.14 5.42
CA ASP A 62 -0.07 -13.43 5.35
C ASP A 62 1.03 -14.47 5.37
N PRO A 63 0.69 -15.76 5.52
CA PRO A 63 1.61 -16.85 5.18
C PRO A 63 2.14 -16.73 3.74
N GLN A 64 2.92 -15.67 3.51
CA GLN A 64 3.47 -15.38 2.20
C GLN A 64 4.79 -14.65 2.33
N ALA A 65 4.76 -13.46 2.95
CA ALA A 65 5.94 -12.61 2.97
C ALA A 65 5.98 -11.63 4.14
N THR A 66 5.20 -10.56 4.03
CA THR A 66 5.27 -9.42 4.92
C THR A 66 5.00 -9.76 6.40
N LEU A 67 4.43 -10.94 6.66
CA LEU A 67 4.13 -11.35 8.03
C LEU A 67 5.36 -11.26 8.94
N GLU A 68 5.19 -10.54 10.05
CA GLU A 68 6.25 -10.30 11.05
C GLU A 68 7.58 -9.87 10.44
N ALA A 69 7.50 -9.22 9.30
CA ALA A 69 8.65 -8.63 8.66
C ALA A 69 8.27 -7.32 8.01
N ALA A 70 7.00 -6.97 8.19
CA ALA A 70 6.39 -5.83 7.50
C ALA A 70 7.28 -4.60 7.57
N MET A 1 -12.79 5.33 -9.01
CA MET A 1 -13.66 4.18 -8.73
C MET A 1 -12.89 3.15 -7.93
N SER A 2 -11.84 2.60 -8.54
CA SER A 2 -10.96 1.67 -7.87
C SER A 2 -9.63 2.33 -7.60
N ALA A 3 -9.66 3.65 -7.55
CA ALA A 3 -8.48 4.46 -7.35
C ALA A 3 -8.77 5.53 -6.33
N VAL A 4 -8.54 5.19 -5.09
CA VAL A 4 -8.79 6.09 -3.98
C VAL A 4 -7.50 6.36 -3.22
N GLN A 5 -7.17 7.63 -3.09
CA GLN A 5 -5.98 8.02 -2.37
C GLN A 5 -6.10 7.62 -0.91
N VAL A 6 -5.33 6.64 -0.52
CA VAL A 6 -5.27 6.22 0.86
C VAL A 6 -3.89 5.72 1.20
N LEU A 7 -3.21 5.28 0.18
CA LEU A 7 -1.94 4.65 0.37
C LEU A 7 -0.92 5.52 -0.31
N LYS A 8 0.28 5.53 0.22
CA LYS A 8 1.36 6.23 -0.41
C LYS A 8 2.64 5.53 -0.07
N PHE A 9 3.60 5.62 -0.96
CA PHE A 9 4.91 5.07 -0.74
C PHE A 9 5.87 6.22 -0.63
N PRO A 10 6.03 6.71 0.61
CA PRO A 10 6.86 7.85 0.96
C PRO A 10 8.05 8.06 0.04
N LEU A 11 7.88 8.93 -0.94
CA LEU A 11 8.97 9.23 -1.89
C LEU A 11 10.07 9.97 -1.16
N SER A 12 9.74 10.34 0.06
CA SER A 12 10.59 11.11 0.94
C SER A 12 11.36 10.20 1.91
N VAL A 13 11.16 8.88 1.82
CA VAL A 13 11.82 7.97 2.76
C VAL A 13 12.25 6.71 2.04
N ASP A 14 12.71 5.78 2.83
CA ASP A 14 13.12 4.47 2.39
C ASP A 14 11.88 3.60 2.13
N LEU A 15 11.03 4.09 1.23
CA LEU A 15 9.77 3.48 0.88
C LEU A 15 9.90 2.05 0.38
N ALA A 16 11.11 1.57 0.13
CA ALA A 16 11.30 0.21 -0.36
C ALA A 16 10.65 -0.79 0.58
N GLY A 17 10.47 -0.38 1.83
CA GLY A 17 9.76 -1.22 2.77
C GLY A 17 8.27 -1.26 2.48
N PHE A 18 7.69 -0.13 2.10
CA PHE A 18 6.25 -0.09 1.85
C PHE A 18 5.91 -0.27 0.39
N VAL A 19 6.55 0.51 -0.48
CA VAL A 19 6.29 0.40 -1.89
C VAL A 19 6.61 -1.00 -2.33
N GLY A 20 7.61 -1.56 -1.68
CA GLY A 20 7.99 -2.93 -1.88
C GLY A 20 6.94 -3.84 -1.31
N LEU A 21 6.40 -3.47 -0.17
CA LEU A 21 5.42 -4.29 0.55
C LEU A 21 4.24 -4.65 -0.36
N LEU A 22 3.61 -3.66 -0.96
CA LEU A 22 2.44 -3.96 -1.76
C LEU A 22 2.81 -4.35 -3.18
N ARG A 23 3.97 -3.89 -3.59
CA ARG A 23 4.59 -4.35 -4.82
C ARG A 23 4.71 -5.87 -4.77
N ARG A 24 4.91 -6.34 -3.56
CA ARG A 24 5.05 -7.74 -3.26
C ARG A 24 3.70 -8.41 -3.15
N LEU A 25 2.70 -7.61 -2.77
CA LEU A 25 1.35 -8.10 -2.55
C LEU A 25 0.72 -8.53 -3.88
N ASN A 26 1.04 -7.79 -4.95
CA ASN A 26 0.46 -8.00 -6.28
C ASN A 26 0.70 -6.78 -7.17
N VAL A 27 1.17 -5.69 -6.55
CA VAL A 27 1.29 -4.38 -7.22
C VAL A 27 0.18 -4.15 -8.28
N PRO A 28 -1.07 -4.10 -7.80
CA PRO A 28 -2.26 -3.93 -8.63
C PRO A 28 -2.83 -2.51 -8.57
N HIS A 29 -1.97 -1.54 -8.31
CA HIS A 29 -2.43 -0.24 -7.84
C HIS A 29 -2.05 0.91 -8.75
N ARG A 30 -2.60 2.07 -8.44
CA ARG A 30 -2.25 3.30 -9.10
C ARG A 30 -1.17 4.05 -8.33
N VAL A 31 -0.11 4.44 -9.02
CA VAL A 31 0.95 5.28 -8.45
C VAL A 31 0.84 6.70 -8.99
N SER A 32 0.82 7.65 -8.07
CA SER A 32 0.83 9.06 -8.41
C SER A 32 1.74 9.81 -7.44
N GLU A 33 1.64 11.13 -7.42
CA GLU A 33 2.34 11.93 -6.42
C GLU A 33 1.39 12.98 -5.86
N GLU A 34 0.90 12.75 -4.65
CA GLU A 34 -0.03 13.70 -4.04
C GLU A 34 0.60 14.32 -2.80
N SER A 35 0.49 15.64 -2.69
CA SER A 35 0.97 16.40 -1.53
C SER A 35 2.49 16.45 -1.43
N GLY A 36 3.16 15.38 -1.82
CA GLY A 36 4.59 15.34 -1.73
C GLY A 36 5.10 13.95 -1.47
N GLN A 37 4.24 12.96 -1.56
CA GLN A 37 4.66 11.58 -1.54
C GLN A 37 4.04 10.85 -2.70
N GLN A 38 4.71 9.81 -3.15
CA GLN A 38 4.17 8.96 -4.18
C GLN A 38 3.02 8.25 -3.59
N VAL A 39 1.93 8.18 -4.30
CA VAL A 39 0.72 7.76 -3.70
C VAL A 39 0.01 6.70 -4.51
N LEU A 40 -0.51 5.76 -3.76
CA LEU A 40 -1.05 4.54 -4.26
C LEU A 40 -2.53 4.50 -3.98
N TRP A 41 -3.30 4.20 -5.01
CA TRP A 41 -4.73 4.23 -4.90
C TRP A 41 -5.31 2.90 -5.36
N VAL A 42 -5.74 2.03 -4.43
CA VAL A 42 -6.56 0.87 -4.87
C VAL A 42 -7.80 0.50 -4.01
N PRO A 43 -8.29 1.30 -3.05
CA PRO A 43 -9.46 0.92 -2.29
C PRO A 43 -10.76 1.58 -2.78
N ASP A 44 -11.65 1.81 -1.83
CA ASP A 44 -12.89 2.55 -2.07
C ASP A 44 -13.03 3.68 -1.07
N GLU A 45 -13.45 3.35 0.15
CA GLU A 45 -13.54 4.35 1.22
C GLU A 45 -13.18 3.74 2.56
N ARG A 46 -14.05 2.88 3.06
CA ARG A 46 -13.85 2.28 4.37
C ARG A 46 -12.71 1.29 4.31
N LEU A 47 -12.60 0.61 3.18
CA LEU A 47 -11.56 -0.36 2.96
C LEU A 47 -10.25 0.29 2.53
N ALA A 48 -10.29 1.58 2.18
CA ALA A 48 -9.07 2.34 1.94
C ALA A 48 -8.04 2.08 3.03
N GLU A 49 -8.52 2.21 4.25
CA GLU A 49 -7.67 2.05 5.41
C GLU A 49 -7.18 0.62 5.47
N GLN A 50 -8.07 -0.30 5.19
CA GLN A 50 -7.78 -1.70 5.36
C GLN A 50 -6.95 -2.21 4.18
N VAL A 51 -6.85 -1.42 3.14
CA VAL A 51 -6.21 -1.89 1.93
C VAL A 51 -4.73 -1.73 2.11
N ARG A 52 -4.34 -0.58 2.64
CA ARG A 52 -2.94 -0.34 2.91
C ARG A 52 -2.52 -0.99 4.23
N GLU A 53 -3.36 -0.83 5.26
CA GLU A 53 -3.00 -1.26 6.59
C GLU A 53 -3.16 -2.76 6.77
N LEU A 54 -3.96 -3.40 5.92
CA LEU A 54 -4.03 -4.86 5.98
C LEU A 54 -3.05 -5.48 5.04
N TYR A 55 -2.73 -4.83 3.92
CA TYR A 55 -1.66 -5.36 3.07
C TYR A 55 -0.43 -5.63 3.93
N ARG A 56 -0.20 -4.74 4.89
CA ARG A 56 0.96 -4.85 5.77
C ARG A 56 0.76 -5.86 6.91
N ARG A 57 -0.36 -6.57 6.96
CA ARG A 57 -0.61 -7.48 8.08
C ARG A 57 -1.30 -8.78 7.67
N TYR A 58 -2.29 -8.68 6.78
CA TYR A 58 -3.10 -9.84 6.41
C TYR A 58 -2.90 -10.28 4.96
N PRO A 59 -3.35 -9.53 3.94
CA PRO A 59 -3.06 -9.83 2.54
C PRO A 59 -1.61 -10.26 2.26
N GLU A 60 -0.62 -9.66 2.92
CA GLU A 60 0.76 -10.11 2.74
C GLU A 60 1.23 -10.88 3.96
N GLY A 61 0.64 -10.56 5.10
CA GLY A 61 0.77 -11.40 6.29
C GLY A 61 0.02 -12.70 6.13
N ASP A 62 -0.31 -12.97 4.88
CA ASP A 62 -1.00 -14.17 4.44
C ASP A 62 0.02 -15.30 4.49
N PRO A 63 -0.35 -16.55 4.15
CA PRO A 63 0.63 -17.59 3.83
C PRO A 63 1.58 -17.14 2.70
N GLN A 64 2.29 -16.06 2.99
CA GLN A 64 3.21 -15.43 2.05
C GLN A 64 4.44 -14.93 2.78
N ALA A 65 4.30 -13.87 3.59
CA ALA A 65 5.49 -13.20 4.11
C ALA A 65 5.26 -12.27 5.30
N THR A 66 4.67 -11.12 5.02
CA THR A 66 4.75 -9.91 5.86
C THR A 66 4.01 -10.00 7.21
N LEU A 67 3.52 -11.17 7.59
CA LEU A 67 2.78 -11.32 8.84
C LEU A 67 3.58 -10.78 10.03
N GLU A 68 3.11 -9.64 10.56
CA GLU A 68 3.77 -8.89 11.64
C GLU A 68 5.27 -8.72 11.37
N ALA A 69 5.61 -8.56 10.10
CA ALA A 69 6.98 -8.32 9.67
C ALA A 69 7.02 -7.17 8.70
N ALA A 70 5.87 -6.50 8.59
CA ALA A 70 5.69 -5.35 7.69
C ALA A 70 6.91 -4.44 7.68
N MET A 1 -12.65 5.26 -9.33
CA MET A 1 -13.59 4.15 -9.16
C MET A 1 -13.14 3.22 -8.03
N SER A 2 -12.11 2.43 -8.27
CA SER A 2 -11.55 1.55 -7.27
C SER A 2 -10.09 1.92 -7.05
N ALA A 3 -9.81 3.20 -7.22
CA ALA A 3 -8.49 3.76 -7.02
C ALA A 3 -8.59 5.11 -6.36
N VAL A 4 -8.64 5.10 -5.04
CA VAL A 4 -8.83 6.31 -4.27
C VAL A 4 -7.67 6.51 -3.29
N GLN A 5 -7.21 7.75 -3.17
CA GLN A 5 -6.05 8.06 -2.36
C GLN A 5 -6.24 7.65 -0.92
N VAL A 6 -5.48 6.66 -0.52
CA VAL A 6 -5.44 6.26 0.87
C VAL A 6 -4.06 5.76 1.23
N LEU A 7 -3.30 5.41 0.23
CA LEU A 7 -2.03 4.82 0.47
C LEU A 7 -0.99 5.73 -0.13
N LYS A 8 0.19 5.75 0.44
CA LYS A 8 1.28 6.43 -0.18
C LYS A 8 2.58 5.77 0.18
N PHE A 9 3.50 5.81 -0.76
CA PHE A 9 4.84 5.30 -0.55
C PHE A 9 5.80 6.46 -0.62
N PRO A 10 6.01 7.08 0.54
CA PRO A 10 6.94 8.18 0.75
C PRO A 10 8.16 8.20 -0.17
N LEU A 11 8.08 8.96 -1.25
CA LEU A 11 9.17 9.03 -2.24
C LEU A 11 10.38 9.73 -1.66
N SER A 12 10.15 10.33 -0.52
CA SER A 12 11.12 11.14 0.15
C SER A 12 11.84 10.31 1.20
N VAL A 13 11.52 9.02 1.25
CA VAL A 13 12.12 8.17 2.27
C VAL A 13 12.51 6.82 1.66
N ASP A 14 12.96 5.94 2.53
CA ASP A 14 13.36 4.59 2.15
C ASP A 14 12.11 3.71 2.04
N LEU A 15 11.20 4.14 1.18
CA LEU A 15 9.93 3.48 0.98
C LEU A 15 10.07 2.05 0.48
N ALA A 16 11.28 1.58 0.25
CA ALA A 16 11.48 0.20 -0.20
C ALA A 16 10.82 -0.77 0.77
N GLY A 17 10.64 -0.33 2.00
CA GLY A 17 9.93 -1.12 2.96
C GLY A 17 8.43 -1.18 2.67
N PHE A 18 7.83 -0.05 2.30
CA PHE A 18 6.39 -0.01 2.05
C PHE A 18 6.05 -0.19 0.58
N VAL A 19 6.70 0.56 -0.29
CA VAL A 19 6.43 0.46 -1.71
C VAL A 19 6.77 -0.95 -2.14
N GLY A 20 7.79 -1.49 -1.49
CA GLY A 20 8.17 -2.86 -1.68
C GLY A 20 7.10 -3.76 -1.13
N LEU A 21 6.55 -3.36 0.00
CA LEU A 21 5.58 -4.16 0.73
C LEU A 21 4.39 -4.54 -0.15
N LEU A 22 3.76 -3.59 -0.83
CA LEU A 22 2.58 -3.92 -1.59
C LEU A 22 2.93 -4.35 -2.98
N ARG A 23 4.09 -3.92 -3.40
CA ARG A 23 4.68 -4.38 -4.63
C ARG A 23 4.92 -5.88 -4.53
N ARG A 24 5.14 -6.29 -3.29
CA ARG A 24 5.34 -7.68 -2.95
C ARG A 24 4.02 -8.41 -2.95
N LEU A 25 2.97 -7.66 -2.66
CA LEU A 25 1.65 -8.23 -2.50
C LEU A 25 1.15 -8.77 -3.83
N ASN A 26 1.20 -7.91 -4.84
CA ASN A 26 0.84 -8.25 -6.22
C ASN A 26 0.65 -6.98 -7.06
N VAL A 27 1.13 -5.85 -6.51
CA VAL A 27 1.13 -4.53 -7.17
C VAL A 27 -0.07 -4.33 -8.14
N PRO A 28 -1.28 -4.26 -7.57
CA PRO A 28 -2.54 -4.11 -8.32
C PRO A 28 -3.10 -2.69 -8.32
N HIS A 29 -2.26 -1.70 -8.09
CA HIS A 29 -2.75 -0.39 -7.67
C HIS A 29 -2.38 0.74 -8.62
N ARG A 30 -2.81 1.93 -8.25
CA ARG A 30 -2.45 3.16 -8.94
C ARG A 30 -1.40 3.93 -8.16
N VAL A 31 -0.36 4.37 -8.86
CA VAL A 31 0.68 5.21 -8.29
C VAL A 31 0.59 6.62 -8.84
N SER A 32 0.61 7.58 -7.94
CA SER A 32 0.63 8.99 -8.29
C SER A 32 1.55 9.72 -7.33
N GLU A 33 1.48 11.05 -7.31
CA GLU A 33 2.25 11.85 -6.36
C GLU A 33 1.33 12.89 -5.73
N GLU A 34 1.11 12.75 -4.42
CA GLU A 34 0.21 13.62 -3.68
C GLU A 34 0.93 14.35 -2.54
N SER A 35 1.06 15.66 -2.70
CA SER A 35 1.50 16.56 -1.63
C SER A 35 2.95 16.30 -1.19
N GLY A 36 3.67 15.48 -1.92
CA GLY A 36 5.06 15.25 -1.59
C GLY A 36 5.29 13.82 -1.18
N GLN A 37 4.41 12.95 -1.61
CA GLN A 37 4.58 11.53 -1.42
C GLN A 37 4.09 10.84 -2.68
N GLN A 38 4.76 9.79 -3.10
CA GLN A 38 4.18 8.96 -4.11
C GLN A 38 3.02 8.30 -3.44
N VAL A 39 1.90 8.24 -4.10
CA VAL A 39 0.72 7.78 -3.42
C VAL A 39 0.01 6.72 -4.23
N LEU A 40 -0.64 5.85 -3.52
CA LEU A 40 -1.16 4.65 -4.06
C LEU A 40 -2.65 4.59 -3.79
N TRP A 41 -3.39 4.29 -4.82
CA TRP A 41 -4.82 4.36 -4.75
C TRP A 41 -5.37 3.02 -5.23
N VAL A 42 -5.76 2.15 -4.32
CA VAL A 42 -6.50 0.98 -4.78
C VAL A 42 -7.55 0.43 -3.77
N PRO A 43 -8.23 1.25 -2.94
CA PRO A 43 -9.31 0.78 -2.13
C PRO A 43 -10.68 1.21 -2.65
N ASP A 44 -11.55 1.52 -1.69
CA ASP A 44 -12.87 2.03 -1.99
C ASP A 44 -13.12 3.30 -1.20
N GLU A 45 -12.90 3.18 0.10
CA GLU A 45 -13.28 4.21 1.07
C GLU A 45 -13.11 3.65 2.48
N ARG A 46 -13.95 2.69 2.81
CA ARG A 46 -13.82 1.96 4.05
C ARG A 46 -12.81 0.86 3.83
N LEU A 47 -12.78 0.42 2.58
CA LEU A 47 -11.82 -0.56 2.12
C LEU A 47 -10.42 0.04 2.19
N ALA A 48 -10.35 1.36 2.01
CA ALA A 48 -9.12 2.12 2.13
C ALA A 48 -8.29 1.74 3.34
N GLU A 49 -8.95 1.45 4.44
CA GLU A 49 -8.25 1.13 5.68
C GLU A 49 -7.75 -0.30 5.59
N GLN A 50 -8.60 -1.14 5.05
CA GLN A 50 -8.28 -2.54 4.81
C GLN A 50 -7.16 -2.65 3.78
N VAL A 51 -7.09 -1.69 2.87
CA VAL A 51 -6.27 -1.85 1.69
C VAL A 51 -4.83 -1.57 2.03
N ARG A 52 -4.54 -0.40 2.52
CA ARG A 52 -3.15 -0.08 2.80
C ARG A 52 -2.74 -0.61 4.16
N GLU A 53 -3.63 -0.51 5.12
CA GLU A 53 -3.29 -0.79 6.50
C GLU A 53 -3.34 -2.27 6.80
N LEU A 54 -4.06 -3.03 6.01
CA LEU A 54 -4.02 -4.47 6.20
C LEU A 54 -3.16 -5.13 5.15
N TYR A 55 -3.05 -4.58 3.95
CA TYR A 55 -2.19 -5.20 2.95
C TYR A 55 -0.78 -5.23 3.49
N ARG A 56 -0.45 -4.26 4.32
CA ARG A 56 0.87 -4.23 4.95
C ARG A 56 1.09 -5.34 5.99
N ARG A 57 0.06 -6.12 6.37
CA ARG A 57 0.21 -6.97 7.55
C ARG A 57 -0.68 -8.21 7.55
N TYR A 58 -1.88 -8.12 6.97
CA TYR A 58 -2.81 -9.24 6.96
C TYR A 58 -2.81 -9.95 5.60
N PRO A 59 -3.31 -9.33 4.51
CA PRO A 59 -3.09 -9.83 3.13
C PRO A 59 -1.63 -10.21 2.82
N GLU A 60 -0.67 -9.41 3.27
CA GLU A 60 0.74 -9.74 3.06
C GLU A 60 1.18 -10.69 4.16
N GLY A 61 0.48 -10.60 5.27
CA GLY A 61 0.63 -11.55 6.35
C GLY A 61 -0.11 -12.84 6.05
N ASP A 62 -0.56 -12.95 4.83
CA ASP A 62 -1.43 -14.04 4.41
C ASP A 62 -0.68 -14.90 3.41
N PRO A 63 -0.63 -16.21 3.67
CA PRO A 63 0.26 -17.20 3.07
C PRO A 63 1.17 -16.67 1.95
N GLN A 64 1.97 -15.67 2.30
CA GLN A 64 3.00 -15.16 1.42
C GLN A 64 4.25 -14.87 2.22
N ALA A 65 4.16 -13.91 3.13
CA ALA A 65 5.38 -13.38 3.72
C ALA A 65 5.19 -12.80 5.11
N THR A 66 4.71 -11.58 5.12
CA THR A 66 4.60 -10.75 6.30
C THR A 66 3.65 -11.36 7.34
N LEU A 67 3.55 -10.73 8.49
CA LEU A 67 2.49 -10.95 9.44
C LEU A 67 2.68 -10.01 10.63
N GLU A 68 1.82 -8.99 10.69
CA GLU A 68 1.89 -7.92 11.69
C GLU A 68 3.32 -7.36 11.81
N ALA A 69 4.08 -7.46 10.72
CA ALA A 69 5.45 -6.99 10.69
C ALA A 69 5.57 -5.72 9.88
N ALA A 70 4.40 -5.21 9.47
CA ALA A 70 4.29 -4.01 8.63
C ALA A 70 5.31 -2.95 9.03
N MET A 1 -12.86 6.09 -8.85
CA MET A 1 -13.69 4.99 -8.39
C MET A 1 -12.85 3.93 -7.70
N SER A 2 -12.19 3.09 -8.49
CA SER A 2 -11.36 2.02 -7.97
C SER A 2 -9.92 2.48 -7.79
N ALA A 3 -9.77 3.72 -7.35
CA ALA A 3 -8.46 4.32 -7.18
C ALA A 3 -8.56 5.61 -6.39
N VAL A 4 -8.67 5.49 -5.08
CA VAL A 4 -8.83 6.64 -4.22
C VAL A 4 -7.64 6.75 -3.29
N GLN A 5 -7.16 7.97 -3.09
CA GLN A 5 -5.96 8.19 -2.30
C GLN A 5 -6.17 7.71 -0.88
N VAL A 6 -5.48 6.64 -0.55
CA VAL A 6 -5.47 6.14 0.80
C VAL A 6 -4.09 5.64 1.15
N LEU A 7 -3.35 5.28 0.13
CA LEU A 7 -2.10 4.64 0.33
C LEU A 7 -1.01 5.53 -0.20
N LYS A 8 0.18 5.44 0.36
CA LYS A 8 1.32 6.14 -0.19
C LYS A 8 2.60 5.41 0.13
N PHE A 9 3.56 5.56 -0.76
CA PHE A 9 4.88 4.99 -0.57
C PHE A 9 5.88 6.12 -0.56
N PRO A 10 6.10 6.68 0.63
CA PRO A 10 7.04 7.75 0.93
C PRO A 10 8.22 7.85 -0.02
N LEU A 11 8.10 8.73 -1.01
CA LEU A 11 9.12 8.86 -2.05
C LEU A 11 10.39 9.47 -1.48
N SER A 12 10.27 9.96 -0.26
CA SER A 12 11.35 10.61 0.43
C SER A 12 12.07 9.67 1.38
N VAL A 13 11.61 8.42 1.50
CA VAL A 13 12.15 7.53 2.50
C VAL A 13 12.45 6.17 1.90
N ASP A 14 12.85 5.26 2.75
CA ASP A 14 13.15 3.89 2.38
C ASP A 14 11.86 3.11 2.17
N LEU A 15 11.04 3.61 1.25
CA LEU A 15 9.74 3.06 0.95
C LEU A 15 9.81 1.61 0.48
N ALA A 16 11.00 1.11 0.19
CA ALA A 16 11.16 -0.28 -0.27
C ALA A 16 10.43 -1.25 0.64
N GLY A 17 10.27 -0.87 1.89
CA GLY A 17 9.52 -1.70 2.80
C GLY A 17 8.04 -1.70 2.48
N PHE A 18 7.48 -0.55 2.13
CA PHE A 18 6.05 -0.44 1.90
C PHE A 18 5.72 -0.55 0.41
N VAL A 19 6.42 0.19 -0.42
CA VAL A 19 6.14 0.18 -1.85
C VAL A 19 6.38 -1.22 -2.35
N GLY A 20 7.37 -1.84 -1.74
CA GLY A 20 7.68 -3.24 -1.99
C GLY A 20 6.62 -4.12 -1.43
N LEU A 21 6.05 -3.73 -0.30
CA LEU A 21 5.06 -4.54 0.39
C LEU A 21 3.85 -4.85 -0.50
N LEU A 22 3.30 -3.85 -1.19
CA LEU A 22 2.13 -4.11 -2.04
C LEU A 22 2.54 -4.43 -3.45
N ARG A 23 3.71 -3.96 -3.79
CA ARG A 23 4.37 -4.38 -5.00
C ARG A 23 4.47 -5.88 -5.01
N ARG A 24 4.62 -6.42 -3.82
CA ARG A 24 4.72 -7.83 -3.59
C ARG A 24 3.39 -8.52 -3.77
N LEU A 25 2.30 -7.82 -3.44
CA LEU A 25 0.99 -8.46 -3.53
C LEU A 25 0.65 -8.76 -4.98
N ASN A 26 0.73 -7.73 -5.84
CA ASN A 26 0.46 -7.87 -7.28
C ASN A 26 0.23 -6.52 -7.95
N VAL A 27 0.73 -5.45 -7.31
CA VAL A 27 0.65 -4.07 -7.85
C VAL A 27 -0.57 -3.81 -8.74
N PRO A 28 -1.77 -3.90 -8.16
CA PRO A 28 -3.03 -3.70 -8.87
C PRO A 28 -3.52 -2.27 -8.76
N HIS A 29 -2.59 -1.35 -8.55
CA HIS A 29 -2.93 -0.03 -8.05
C HIS A 29 -2.41 1.09 -8.91
N ARG A 30 -2.79 2.30 -8.53
CA ARG A 30 -2.34 3.52 -9.19
C ARG A 30 -1.31 4.25 -8.33
N VAL A 31 -0.24 4.69 -8.98
CA VAL A 31 0.80 5.50 -8.34
C VAL A 31 0.71 6.95 -8.79
N SER A 32 0.73 7.84 -7.82
CA SER A 32 0.73 9.27 -8.06
C SER A 32 1.63 9.93 -7.02
N GLU A 33 1.53 11.25 -6.86
CA GLU A 33 2.29 11.96 -5.86
C GLU A 33 1.41 12.95 -5.12
N GLU A 34 1.12 12.65 -3.86
CA GLU A 34 0.26 13.49 -3.04
C GLU A 34 1.05 14.14 -1.91
N SER A 35 1.00 15.48 -1.88
CA SER A 35 1.65 16.28 -0.84
C SER A 35 3.18 16.25 -0.96
N GLY A 36 3.73 15.07 -1.11
CA GLY A 36 5.17 14.91 -1.15
C GLY A 36 5.59 13.49 -0.87
N GLN A 37 4.67 12.55 -0.99
CA GLN A 37 5.01 11.16 -1.06
C GLN A 37 4.40 10.61 -2.31
N GLN A 38 4.98 9.56 -2.85
CA GLN A 38 4.33 8.85 -3.89
C GLN A 38 3.16 8.20 -3.25
N VAL A 39 2.05 8.15 -3.92
CA VAL A 39 0.84 7.68 -3.30
C VAL A 39 0.10 6.73 -4.19
N LEU A 40 -0.59 5.84 -3.56
CA LEU A 40 -1.15 4.68 -4.18
C LEU A 40 -2.66 4.68 -3.95
N TRP A 41 -3.39 4.50 -5.02
CA TRP A 41 -4.83 4.60 -4.96
C TRP A 41 -5.43 3.34 -5.54
N VAL A 42 -5.90 2.42 -4.71
CA VAL A 42 -6.68 1.33 -5.26
C VAL A 42 -7.79 0.73 -4.34
N PRO A 43 -8.36 1.47 -3.35
CA PRO A 43 -9.50 0.95 -2.60
C PRO A 43 -10.82 1.64 -2.94
N ASP A 44 -11.67 1.80 -1.92
CA ASP A 44 -12.93 2.54 -2.07
C ASP A 44 -13.10 3.53 -0.92
N GLU A 45 -13.57 3.04 0.22
CA GLU A 45 -13.76 3.88 1.40
C GLU A 45 -13.39 3.10 2.66
N ARG A 46 -14.23 2.16 3.06
CA ARG A 46 -13.88 1.26 4.15
C ARG A 46 -12.74 0.39 3.69
N LEU A 47 -12.75 0.12 2.39
CA LEU A 47 -11.75 -0.71 1.77
C LEU A 47 -10.41 0.01 1.77
N ALA A 48 -10.45 1.33 1.66
CA ALA A 48 -9.25 2.16 1.72
C ALA A 48 -8.31 1.72 2.84
N GLU A 49 -8.89 1.56 4.00
CA GLU A 49 -8.14 1.21 5.19
C GLU A 49 -7.70 -0.24 5.10
N GLN A 50 -8.58 -1.05 4.55
CA GLN A 50 -8.33 -2.46 4.37
C GLN A 50 -7.18 -2.66 3.38
N VAL A 51 -7.05 -1.76 2.43
CA VAL A 51 -6.21 -2.01 1.29
C VAL A 51 -4.76 -1.76 1.65
N ARG A 52 -4.48 -0.59 2.20
CA ARG A 52 -3.12 -0.23 2.48
C ARG A 52 -2.67 -0.83 3.80
N GLU A 53 -3.54 -0.72 4.79
CA GLU A 53 -3.21 -1.17 6.11
C GLU A 53 -3.16 -2.66 6.16
N LEU A 54 -4.24 -3.31 5.76
CA LEU A 54 -4.29 -4.74 5.95
C LEU A 54 -3.39 -5.44 4.96
N TYR A 55 -3.13 -4.86 3.81
CA TYR A 55 -2.15 -5.46 2.93
C TYR A 55 -0.80 -5.50 3.63
N ARG A 56 -0.53 -4.48 4.43
CA ARG A 56 0.76 -4.37 5.11
C ARG A 56 0.85 -5.25 6.38
N ARG A 57 -0.20 -5.99 6.73
CA ARG A 57 -0.18 -6.74 8.00
C ARG A 57 -1.02 -8.01 7.98
N TYR A 58 -2.05 -8.05 7.16
CA TYR A 58 -2.88 -9.25 7.07
C TYR A 58 -2.71 -9.98 5.72
N PRO A 59 -3.35 -9.57 4.59
CA PRO A 59 -3.05 -10.10 3.24
C PRO A 59 -1.57 -10.39 2.94
N GLU A 60 -0.64 -9.53 3.34
CA GLU A 60 0.77 -9.76 3.04
C GLU A 60 1.50 -10.05 4.33
N GLY A 61 0.91 -9.58 5.42
CA GLY A 61 1.24 -10.08 6.74
C GLY A 61 0.52 -11.39 6.98
N ASP A 62 0.49 -12.16 5.93
CA ASP A 62 -0.08 -13.49 5.87
C ASP A 62 1.10 -14.46 5.87
N PRO A 63 0.90 -15.78 5.88
CA PRO A 63 1.96 -16.74 5.54
C PRO A 63 2.52 -16.48 4.13
N GLN A 64 3.09 -15.29 3.98
CA GLN A 64 3.47 -14.73 2.71
C GLN A 64 4.84 -14.09 2.80
N ALA A 65 4.92 -13.03 3.58
CA ALA A 65 6.14 -12.25 3.67
C ALA A 65 6.22 -11.46 4.96
N THR A 66 5.61 -10.30 4.93
CA THR A 66 5.49 -9.45 6.09
C THR A 66 4.52 -10.11 7.07
N LEU A 67 4.55 -9.71 8.34
CA LEU A 67 3.50 -10.05 9.29
C LEU A 67 3.13 -8.84 10.11
N GLU A 68 3.70 -8.80 11.28
CA GLU A 68 3.51 -7.71 12.21
C GLU A 68 4.72 -6.78 12.14
N ALA A 69 5.52 -7.03 11.13
CA ALA A 69 6.77 -6.31 10.93
C ALA A 69 6.60 -5.20 9.90
N ALA A 70 5.34 -4.89 9.60
CA ALA A 70 4.97 -3.83 8.67
C ALA A 70 5.94 -2.65 8.75
#